data_3KZS
#
_entry.id   3KZS
#
_cell.length_a   261.335
_cell.length_b   261.335
_cell.length_c   183.870
_cell.angle_alpha   90.000
_cell.angle_beta   90.000
_cell.angle_gamma   120.000
#
_symmetry.space_group_name_H-M   'H 3 2'
#
loop_
_entity.id
_entity.type
_entity.pdbx_description
1 polymer 'glycosyl hydrolase family 5'
2 non-polymer 'SULFATE ION'
3 non-polymer (4R)-2-METHYLPENTANE-2,4-DIOL
4 non-polymer (4S)-2-METHYL-2,4-PENTANEDIOL
5 water water
#
_entity_poly.entity_id   1
_entity_poly.type   'polypeptide(L)'
_entity_poly.pdbx_seq_one_letter_code
;GAQKKTQKTYIPWSNGKLVVSEEGRYLKHENGTPFFWLGETGWLLPERLNRDEAEYYLEQCKRRGYNVIQVQTLNNVPS
(MSE)NIYGQYS(MSE)TDGYNFKNINQKGVYGYWDH(MSE)DYIIRTAAKKGLYIG(MSE)VCIWGSPVSHGE(MSE)N
VDQAKAYGKFLAERYKDEPNIIWFIGGDIRGDVKTAEWEALATSIKAIDKNHL(MSE)TFHPRGRTTSATWFNNAPWLDF
N(MSE)FQSGHRRYGQRFGDGDYPIEENTEEDNWRFVERS(MSE)A(MSE)KP(MSE)KPVIDGEPIYEEIPHGLHDENE
LLWKDYDVRRYAYWSVFAGSFGHTYGHNSI(MSE)QFIKPGVGGAYGAKKPWYDALNDPGYNQ(MSE)KYLKNL(MSE)L
TFPFFERVPDQSVIAGQNGERYDRAIATRGNDYL(MSE)VYNYTGRP(MSE)EVDFSKISGAKKNAWWYTTKDGKLEYIG
EFDNGVHKFQHDSGYSSGNDHVLIVVDSSKDYVKKDCYQIDTHE
;
_entity_poly.pdbx_strand_id   A,B,C,D
#
loop_
_chem_comp.id
_chem_comp.type
_chem_comp.name
_chem_comp.formula
MPD non-polymer (4S)-2-METHYL-2,4-PENTANEDIOL 'C6 H14 O2'
MRD non-polymer (4R)-2-METHYLPENTANE-2,4-DIOL 'C6 H14 O2'
SO4 non-polymer 'SULFATE ION' 'O4 S -2'
#
# COMPACT_ATOMS: atom_id res chain seq x y z
N GLN A 7 13.86 33.57 -22.90
CA GLN A 7 14.73 33.92 -21.73
C GLN A 7 16.21 34.06 -22.17
N LYS A 8 16.97 34.91 -21.44
CA LYS A 8 18.38 35.18 -21.76
C LYS A 8 19.29 33.97 -21.53
N THR A 9 20.17 33.71 -22.49
CA THR A 9 21.14 32.62 -22.40
C THR A 9 22.17 32.90 -21.33
N TYR A 10 22.51 31.90 -20.54
CA TYR A 10 23.56 32.07 -19.54
C TYR A 10 24.96 32.15 -20.21
N ILE A 11 25.71 33.18 -19.86
CA ILE A 11 27.05 33.41 -20.40
C ILE A 11 28.08 33.28 -19.27
N PRO A 12 28.79 32.15 -19.19
CA PRO A 12 29.74 31.91 -18.11
C PRO A 12 30.72 33.04 -17.89
N TRP A 13 31.28 33.57 -18.97
CA TRP A 13 32.32 34.58 -18.87
C TRP A 13 31.79 35.98 -18.49
N SER A 14 30.49 36.10 -18.29
CA SER A 14 29.95 37.36 -17.75
C SER A 14 30.44 37.45 -16.31
N ASN A 15 30.83 36.31 -15.75
CA ASN A 15 31.40 36.23 -14.40
C ASN A 15 32.87 36.49 -14.40
N GLY A 16 33.45 36.69 -15.59
CA GLY A 16 34.90 36.91 -15.70
C GLY A 16 35.60 35.70 -16.33
N LYS A 17 36.87 35.83 -16.57
CA LYS A 17 37.60 34.78 -17.23
C LYS A 17 37.87 33.61 -16.28
N LEU A 18 38.20 32.45 -16.84
CA LEU A 18 38.47 31.26 -16.03
C LEU A 18 39.80 31.39 -15.32
N VAL A 19 39.84 30.90 -14.10
CA VAL A 19 41.03 30.95 -13.27
C VAL A 19 41.08 29.71 -12.44
N VAL A 20 42.28 29.22 -12.15
CA VAL A 20 42.42 28.09 -11.25
C VAL A 20 42.18 28.61 -9.81
N SER A 21 41.27 27.97 -9.10
CA SER A 21 40.92 28.38 -7.72
C SER A 21 42.15 28.21 -6.77
N GLU A 22 42.11 28.97 -5.66
CA GLU A 22 43.22 29.01 -4.65
CA GLU A 22 43.26 29.01 -4.73
C GLU A 22 43.66 27.64 -4.13
N GLU A 23 42.71 26.72 -3.94
CA GLU A 23 43.06 25.39 -3.39
C GLU A 23 43.77 24.48 -4.43
N GLY A 24 43.81 24.94 -5.67
CA GLY A 24 44.48 24.20 -6.74
C GLY A 24 43.74 22.96 -7.23
N ARG A 25 42.42 22.91 -7.01
CA ARG A 25 41.61 21.75 -7.43
C ARG A 25 40.56 22.07 -8.50
N TYR A 26 39.98 23.27 -8.47
CA TYR A 26 38.88 23.60 -9.35
C TYR A 26 39.07 24.85 -10.20
N LEU A 27 38.18 25.02 -11.17
CA LEU A 27 38.18 26.19 -12.00
C LEU A 27 37.05 27.11 -11.54
N LYS A 28 37.33 28.39 -11.54
CA LYS A 28 36.37 29.39 -11.18
C LYS A 28 36.43 30.53 -12.16
N HIS A 29 35.45 31.41 -12.08
CA HIS A 29 35.47 32.68 -12.82
C HIS A 29 36.09 33.70 -11.91
N GLU A 30 36.59 34.81 -12.46
CA GLU A 30 37.23 35.88 -11.65
CA GLU A 30 37.25 35.79 -11.62
C GLU A 30 36.37 36.30 -10.48
N ASN A 31 35.06 36.26 -10.65
CA ASN A 31 34.17 36.73 -9.55
C ASN A 31 33.89 35.67 -8.50
N GLY A 32 34.63 34.57 -8.56
CA GLY A 32 34.49 33.50 -7.55
C GLY A 32 33.50 32.41 -7.93
N THR A 33 32.71 32.66 -8.96
CA THR A 33 31.69 31.71 -9.41
C THR A 33 32.32 30.39 -9.91
N PRO A 34 31.78 29.27 -9.43
CA PRO A 34 32.29 27.98 -9.87
C PRO A 34 32.09 27.74 -11.34
N PHE A 35 33.02 27.03 -11.97
CA PHE A 35 32.84 26.60 -13.31
C PHE A 35 32.96 25.10 -13.39
N PHE A 36 31.82 24.41 -13.41
CA PHE A 36 31.85 22.98 -13.55
C PHE A 36 31.90 22.64 -15.00
N TRP A 37 33.07 22.24 -15.43
CA TRP A 37 33.31 21.89 -16.79
C TRP A 37 32.55 20.64 -17.17
N LEU A 38 31.64 20.76 -18.13
CA LEU A 38 30.94 19.59 -18.69
C LEU A 38 31.21 19.62 -20.18
N GLY A 39 32.16 18.80 -20.61
CA GLY A 39 32.61 18.83 -21.97
C GLY A 39 31.94 17.85 -22.89
N GLU A 40 31.82 18.23 -24.15
CA GLU A 40 31.31 17.37 -25.18
C GLU A 40 32.43 17.25 -26.20
N THR A 41 32.50 16.13 -26.88
CA THR A 41 33.57 15.90 -27.83
C THR A 41 33.12 16.06 -29.29
N GLY A 42 33.43 17.21 -29.89
CA GLY A 42 33.10 17.46 -31.29
C GLY A 42 34.36 17.62 -32.11
N TRP A 43 35.22 16.59 -32.07
CA TRP A 43 36.53 16.67 -32.70
C TRP A 43 36.50 17.24 -34.11
N LEU A 44 35.64 16.69 -34.97
CA LEU A 44 35.65 17.09 -36.38
C LEU A 44 34.63 18.18 -36.75
N LEU A 45 34.21 18.96 -35.75
CA LEU A 45 33.27 20.04 -35.98
C LEU A 45 33.79 21.04 -37.06
N PRO A 46 35.06 21.48 -36.94
CA PRO A 46 35.53 22.48 -37.93
C PRO A 46 35.71 21.91 -39.32
N GLU A 47 35.99 20.62 -39.40
CA GLU A 47 36.26 19.98 -40.66
C GLU A 47 35.03 19.43 -41.36
N ARG A 48 34.00 19.05 -40.61
CA ARG A 48 32.86 18.32 -41.21
C ARG A 48 31.47 19.00 -41.25
N LEU A 49 31.26 20.01 -40.43
CA LEU A 49 29.96 20.64 -40.40
C LEU A 49 29.94 22.00 -41.06
N ASN A 50 28.83 22.30 -41.71
CA ASN A 50 28.65 23.61 -42.31
C ASN A 50 28.04 24.56 -41.27
N ARG A 51 27.75 25.78 -41.68
CA ARG A 51 27.24 26.79 -40.75
C ARG A 51 25.94 26.36 -40.05
N ASP A 52 24.99 25.85 -40.81
CA ASP A 52 23.69 25.44 -40.25
C ASP A 52 23.83 24.22 -39.31
N GLU A 53 24.62 23.25 -39.73
CA GLU A 53 24.83 22.06 -38.94
C GLU A 53 25.53 22.42 -37.62
N ALA A 54 26.54 23.29 -37.70
CA ALA A 54 27.30 23.70 -36.52
C ALA A 54 26.41 24.39 -35.51
N GLU A 55 25.57 25.29 -36.00
CA GLU A 55 24.66 26.00 -35.14
C GLU A 55 23.73 25.01 -34.42
N TYR A 56 23.25 24.02 -35.16
CA TYR A 56 22.35 23.01 -34.60
C TYR A 56 23.07 22.16 -33.58
N TYR A 57 24.25 21.69 -33.91
CA TYR A 57 25.03 20.91 -32.96
C TYR A 57 25.29 21.69 -31.67
N LEU A 58 25.72 22.94 -31.80
CA LEU A 58 26.04 23.74 -30.64
C LEU A 58 24.78 24.02 -29.76
N GLU A 59 23.66 24.32 -30.41
CA GLU A 59 22.42 24.57 -29.68
C GLU A 59 21.98 23.32 -28.92
N GLN A 60 22.10 22.16 -29.56
CA GLN A 60 21.69 20.91 -28.92
C GLN A 60 22.56 20.55 -27.70
N CYS A 61 23.86 20.82 -27.78
CA CYS A 61 24.75 20.61 -26.66
C CYS A 61 24.39 21.54 -25.54
N LYS A 62 24.12 22.79 -25.89
CA LYS A 62 23.75 23.78 -24.91
C LYS A 62 22.53 23.32 -24.13
N ARG A 63 21.51 22.82 -24.85
CA ARG A 63 20.27 22.40 -24.20
CA ARG A 63 20.25 22.35 -24.22
C ARG A 63 20.48 21.23 -23.23
N ARG A 64 21.63 20.57 -23.35
CA ARG A 64 21.92 19.45 -22.51
C ARG A 64 23.00 19.70 -21.44
N GLY A 65 23.33 20.97 -21.22
CA GLY A 65 24.21 21.35 -20.13
C GLY A 65 25.68 21.47 -20.42
N TYR A 66 26.12 21.02 -21.58
CA TYR A 66 27.53 21.11 -21.92
C TYR A 66 27.94 22.58 -22.02
N ASN A 67 29.13 22.88 -21.53
CA ASN A 67 29.65 24.25 -21.58
C ASN A 67 31.08 24.35 -22.20
N VAL A 68 31.63 23.19 -22.59
CA VAL A 68 32.90 23.13 -23.32
C VAL A 68 32.76 22.18 -24.49
N ILE A 69 33.11 22.62 -25.69
CA ILE A 69 33.07 21.78 -26.86
C ILE A 69 34.49 21.57 -27.34
N GLN A 70 34.99 20.33 -27.21
CA GLN A 70 36.36 20.02 -27.62
C GLN A 70 36.38 19.75 -29.10
N VAL A 71 37.30 20.41 -29.81
CA VAL A 71 37.42 20.25 -31.24
C VAL A 71 38.85 20.11 -31.66
N GLN A 72 39.04 19.50 -32.81
CA GLN A 72 40.33 19.46 -33.43
C GLN A 72 40.39 20.64 -34.36
N THR A 73 41.08 21.69 -33.95
CA THR A 73 41.21 22.89 -34.77
C THR A 73 41.77 22.50 -36.13
N LEU A 74 42.80 21.64 -36.10
CA LEU A 74 43.37 21.04 -37.29
C LEU A 74 43.50 19.55 -37.02
N ASN A 75 43.16 18.73 -38.01
CA ASN A 75 43.37 17.27 -37.89
C ASN A 75 44.51 16.79 -38.82
N ASN A 76 44.83 17.61 -39.80
CA ASN A 76 45.91 17.33 -40.76
C ASN A 76 46.59 18.61 -41.12
N VAL A 77 47.68 18.49 -41.90
CA VAL A 77 48.38 19.64 -42.39
C VAL A 77 48.52 19.56 -43.91
N PRO A 78 47.72 20.34 -44.65
CA PRO A 78 46.68 21.21 -44.12
C PRO A 78 45.42 20.43 -43.80
N SER A 79 44.44 21.12 -43.22
CA SER A 79 43.16 20.53 -42.96
C SER A 79 42.17 21.07 -43.97
N MSE A 80 41.11 20.31 -44.23
CA MSE A 80 40.08 20.70 -45.19
C MSE A 80 38.76 20.77 -44.46
O MSE A 80 38.50 19.96 -43.57
CB MSE A 80 39.96 19.65 -46.26
CG MSE A 80 39.15 20.08 -47.50
SE MSE A 80 40.22 21.18 -48.69
CE MSE A 80 41.86 20.20 -48.40
N ASN A 81 37.90 21.71 -44.84
CA ASN A 81 36.57 21.77 -44.26
C ASN A 81 35.53 21.36 -45.29
N ILE A 82 34.28 21.36 -44.87
CA ILE A 82 33.18 20.87 -45.70
C ILE A 82 32.99 21.70 -46.96
N TYR A 83 33.40 22.95 -46.93
CA TYR A 83 33.28 23.83 -48.09
C TYR A 83 34.42 23.60 -49.11
N GLY A 84 35.40 22.78 -48.75
CA GLY A 84 36.54 22.54 -49.62
C GLY A 84 37.59 23.64 -49.51
N GLN A 85 37.73 24.20 -48.31
CA GLN A 85 38.73 25.23 -48.03
C GLN A 85 39.90 24.64 -47.26
N TYR A 86 41.12 25.07 -47.60
CA TYR A 86 42.34 24.63 -46.91
C TYR A 86 42.58 25.48 -45.68
N SER A 87 43.11 24.87 -44.62
CA SER A 87 43.48 25.60 -43.40
C SER A 87 44.78 26.43 -43.62
N MSE A 88 45.61 26.00 -44.57
CA MSE A 88 46.84 26.71 -44.91
C MSE A 88 47.00 26.78 -46.40
O MSE A 88 47.02 25.77 -47.06
CB MSE A 88 48.09 26.05 -44.27
CG MSE A 88 48.33 26.43 -42.79
SE MSE A 88 47.39 25.33 -41.52
CE MSE A 88 48.39 23.80 -41.69
N THR A 89 47.12 27.98 -46.93
CA THR A 89 47.22 28.23 -48.35
C THR A 89 48.65 28.61 -48.78
N ASP A 90 49.57 28.70 -47.82
CA ASP A 90 50.98 29.02 -48.11
C ASP A 90 51.85 28.51 -46.99
N GLY A 91 51.74 27.22 -46.72
CA GLY A 91 52.48 26.60 -45.63
C GLY A 91 52.14 27.25 -44.30
N TYR A 92 53.16 27.48 -43.48
CA TYR A 92 52.95 28.12 -42.19
C TYR A 92 53.13 29.63 -42.25
N ASN A 93 52.94 30.20 -43.43
CA ASN A 93 52.92 31.61 -43.56
C ASN A 93 51.44 32.05 -43.58
N PHE A 94 51.01 32.73 -42.52
CA PHE A 94 49.63 33.14 -42.35
C PHE A 94 49.36 34.60 -42.70
N LYS A 95 50.37 35.30 -43.16
CA LYS A 95 50.21 36.73 -43.46
C LYS A 95 48.99 37.00 -44.35
N ASN A 96 48.78 36.15 -45.35
CA ASN A 96 47.68 36.37 -46.29
C ASN A 96 46.59 35.34 -46.18
N ILE A 97 46.40 34.79 -45.00
CA ILE A 97 45.42 33.76 -44.81
C ILE A 97 44.02 34.28 -45.14
N ASN A 98 43.72 35.52 -44.72
CA ASN A 98 42.43 36.13 -45.02
C ASN A 98 42.39 36.66 -46.42
N GLN A 99 41.28 36.40 -47.12
CA GLN A 99 41.09 36.89 -48.49
CA GLN A 99 41.09 36.88 -48.48
C GLN A 99 39.73 37.54 -48.60
N LYS A 100 39.71 38.77 -49.08
CA LYS A 100 38.45 39.50 -49.22
C LYS A 100 37.49 38.74 -50.12
N GLY A 101 36.23 38.70 -49.73
CA GLY A 101 35.17 38.02 -50.53
C GLY A 101 35.25 36.48 -50.53
N VAL A 102 36.13 35.92 -49.69
CA VAL A 102 36.27 34.47 -49.59
C VAL A 102 35.95 34.00 -48.17
N TYR A 103 35.09 33.01 -48.04
CA TYR A 103 34.78 32.42 -46.73
C TYR A 103 35.74 31.25 -46.49
N GLY A 104 36.88 31.55 -45.88
CA GLY A 104 37.95 30.57 -45.69
C GLY A 104 37.80 29.66 -44.50
N TYR A 105 38.73 28.73 -44.39
CA TYR A 105 38.75 27.77 -43.31
C TYR A 105 38.65 28.47 -41.93
N TRP A 106 39.43 29.51 -41.75
CA TRP A 106 39.46 30.22 -40.46
C TRP A 106 38.28 31.17 -40.26
N ASP A 107 37.65 31.57 -41.33
CA ASP A 107 36.44 32.37 -41.20
C ASP A 107 35.35 31.46 -40.70
N HIS A 108 35.40 30.18 -41.09
CA HIS A 108 34.41 29.23 -40.62
C HIS A 108 34.70 28.84 -39.14
N MSE A 109 35.97 28.79 -38.77
CA MSE A 109 36.37 28.52 -37.39
C MSE A 109 35.89 29.70 -36.52
O MSE A 109 35.34 29.49 -35.42
CB MSE A 109 37.89 28.40 -37.32
CG MSE A 109 38.46 27.99 -35.98
SE MSE A 109 38.11 26.16 -35.51
CE MSE A 109 36.57 26.40 -34.35
N ASP A 110 36.09 30.91 -37.03
CA ASP A 110 35.61 32.11 -36.34
C ASP A 110 34.11 31.99 -36.09
N TYR A 111 33.37 31.59 -37.11
CA TYR A 111 31.91 31.45 -37.00
C TYR A 111 31.53 30.42 -35.94
N ILE A 112 32.22 29.29 -35.94
CA ILE A 112 31.93 28.26 -34.97
C ILE A 112 32.13 28.81 -33.55
N ILE A 113 33.25 29.48 -33.34
CA ILE A 113 33.59 30.05 -32.05
C ILE A 113 32.55 31.14 -31.60
N ARG A 114 32.19 32.03 -32.52
CA ARG A 114 31.24 33.10 -32.20
C ARG A 114 29.81 32.61 -32.03
N THR A 115 29.45 31.54 -32.72
CA THR A 115 28.15 30.96 -32.54
C THR A 115 28.10 30.26 -31.16
N ALA A 116 29.22 29.63 -30.78
CA ALA A 116 29.32 28.99 -29.48
C ALA A 116 29.21 30.03 -28.39
N ALA A 117 29.78 31.20 -28.63
CA ALA A 117 29.77 32.28 -27.68
C ALA A 117 28.36 32.74 -27.41
N LYS A 118 27.55 32.87 -28.45
CA LYS A 118 26.15 33.29 -28.29
C LYS A 118 25.39 32.31 -27.46
N LYS A 119 25.87 31.05 -27.41
CA LYS A 119 25.18 30.00 -26.67
C LYS A 119 25.80 29.73 -25.29
N GLY A 120 26.76 30.56 -24.90
CA GLY A 120 27.43 30.42 -23.62
C GLY A 120 28.35 29.21 -23.56
N LEU A 121 28.94 28.84 -24.70
CA LEU A 121 29.84 27.66 -24.77
C LEU A 121 31.29 28.03 -25.07
N TYR A 122 32.21 27.41 -24.36
CA TYR A 122 33.63 27.52 -24.65
C TYR A 122 34.00 26.51 -25.72
N ILE A 123 34.91 26.88 -26.60
CA ILE A 123 35.47 25.93 -27.55
C ILE A 123 36.83 25.50 -27.03
N GLY A 124 36.97 24.19 -26.76
CA GLY A 124 38.25 23.60 -26.36
C GLY A 124 39.07 23.36 -27.61
N MSE A 125 39.99 24.26 -27.89
CA MSE A 125 40.75 24.23 -29.15
C MSE A 125 42.00 23.35 -29.10
O MSE A 125 43.05 23.79 -28.59
CB MSE A 125 41.16 25.65 -29.52
CG MSE A 125 40.00 26.61 -29.85
SE MSE A 125 39.43 26.51 -31.67
CE MSE A 125 40.76 27.65 -32.44
N VAL A 126 41.91 22.12 -29.62
CA VAL A 126 43.12 21.31 -29.82
C VAL A 126 43.77 21.86 -31.07
N CYS A 127 44.73 22.76 -30.88
CA CYS A 127 45.37 23.49 -31.95
C CYS A 127 45.70 22.61 -33.16
N ILE A 128 46.31 21.47 -32.90
CA ILE A 128 46.66 20.54 -33.96
C ILE A 128 46.81 19.15 -33.36
N TRP A 129 46.01 18.24 -33.88
CA TRP A 129 46.00 16.87 -33.40
C TRP A 129 47.42 16.31 -33.49
N GLY A 130 47.74 15.36 -32.62
CA GLY A 130 49.07 14.82 -32.52
C GLY A 130 49.62 14.16 -33.78
N SER A 131 48.77 13.40 -34.47
CA SER A 131 49.21 12.59 -35.64
C SER A 131 50.08 13.36 -36.63
N PRO A 132 49.59 14.47 -37.16
CA PRO A 132 50.40 15.18 -38.11
C PRO A 132 51.72 15.65 -37.52
N VAL A 133 51.72 15.97 -36.23
CA VAL A 133 52.91 16.46 -35.58
C VAL A 133 53.95 15.32 -35.42
N SER A 134 53.51 14.17 -34.93
CA SER A 134 54.43 13.02 -34.76
C SER A 134 54.95 12.53 -36.13
N HIS A 135 54.21 12.83 -37.19
CA HIS A 135 54.60 12.47 -38.54
C HIS A 135 55.46 13.55 -39.22
N GLY A 136 55.88 14.57 -38.42
CA GLY A 136 56.84 15.62 -38.87
C GLY A 136 56.28 16.79 -39.65
N GLU A 137 54.98 17.03 -39.56
CA GLU A 137 54.38 18.09 -40.35
CA GLU A 137 54.33 18.10 -40.33
C GLU A 137 54.39 19.47 -39.62
N MSE A 138 54.93 19.51 -38.42
CA MSE A 138 55.07 20.78 -37.67
C MSE A 138 56.36 20.81 -36.84
O MSE A 138 56.42 20.22 -35.76
CB MSE A 138 53.87 21.04 -36.75
CG MSE A 138 53.92 22.44 -36.09
SE MSE A 138 52.49 22.78 -34.84
CE MSE A 138 53.06 21.73 -33.37
N ASN A 139 57.37 21.49 -37.34
CA ASN A 139 58.64 21.60 -36.63
C ASN A 139 58.60 22.80 -35.69
N VAL A 140 59.68 23.00 -34.95
CA VAL A 140 59.72 24.03 -33.94
C VAL A 140 59.42 25.43 -34.47
N ASP A 141 59.92 25.75 -35.67
CA ASP A 141 59.67 27.07 -36.25
C ASP A 141 58.21 27.22 -36.71
N GLN A 142 57.67 26.14 -37.29
CA GLN A 142 56.30 26.12 -37.76
C GLN A 142 55.32 26.22 -36.57
N ALA A 143 55.70 25.62 -35.46
CA ALA A 143 54.88 25.64 -34.23
C ALA A 143 54.76 27.06 -33.69
N LYS A 144 55.87 27.79 -33.70
CA LYS A 144 55.87 29.20 -33.26
CA LYS A 144 55.85 29.15 -33.22
C LYS A 144 55.00 30.02 -34.15
N ALA A 145 55.19 29.87 -35.47
CA ALA A 145 54.42 30.61 -36.45
C ALA A 145 52.90 30.37 -36.28
N TYR A 146 52.53 29.11 -36.03
CA TYR A 146 51.12 28.74 -35.88
C TYR A 146 50.55 29.23 -34.56
N GLY A 147 51.32 29.11 -33.48
CA GLY A 147 50.88 29.59 -32.17
C GLY A 147 50.62 31.09 -32.16
N LYS A 148 51.49 31.83 -32.83
CA LYS A 148 51.34 33.27 -32.93
CA LYS A 148 51.36 33.28 -32.95
C LYS A 148 50.09 33.62 -33.73
N PHE A 149 49.84 32.89 -34.81
CA PHE A 149 48.65 33.10 -35.61
C PHE A 149 47.39 32.87 -34.77
N LEU A 150 47.35 31.76 -34.04
CA LEU A 150 46.19 31.41 -33.23
C LEU A 150 45.94 32.45 -32.13
N ALA A 151 47.01 32.78 -31.40
CA ALA A 151 46.94 33.72 -30.31
C ALA A 151 46.48 35.11 -30.77
N GLU A 152 47.06 35.62 -31.86
CA GLU A 152 46.69 36.95 -32.36
C GLU A 152 45.26 36.95 -32.87
N ARG A 153 44.80 35.83 -33.39
CA ARG A 153 43.47 35.78 -33.94
C ARG A 153 42.42 35.62 -32.88
N TYR A 154 42.72 34.84 -31.84
CA TYR A 154 41.70 34.46 -30.89
C TYR A 154 41.87 34.94 -29.45
N LYS A 155 42.93 35.67 -29.15
CA LYS A 155 43.16 36.13 -27.76
C LYS A 155 41.97 36.95 -27.22
N ASP A 156 41.26 37.66 -28.08
CA ASP A 156 40.15 38.51 -27.61
C ASP A 156 38.78 37.90 -27.79
N GLU A 157 38.72 36.65 -28.20
CA GLU A 157 37.48 35.93 -28.18
C GLU A 157 37.36 35.40 -26.75
N PRO A 158 36.20 35.57 -26.12
CA PRO A 158 36.08 35.19 -24.73
C PRO A 158 36.07 33.70 -24.46
N ASN A 159 35.48 32.94 -25.37
CA ASN A 159 35.18 31.54 -25.11
C ASN A 159 36.18 30.53 -25.69
N ILE A 160 37.42 30.60 -25.25
CA ILE A 160 38.46 29.69 -25.72
C ILE A 160 39.20 29.07 -24.57
N ILE A 161 39.46 27.76 -24.69
CA ILE A 161 40.38 27.04 -23.78
C ILE A 161 41.35 26.28 -24.70
N TRP A 162 42.66 26.53 -24.54
CA TRP A 162 43.70 25.92 -25.43
C TRP A 162 44.08 24.52 -25.04
N PHE A 163 44.10 23.61 -26.02
CA PHE A 163 44.51 22.21 -25.80
C PHE A 163 45.77 21.94 -26.61
N ILE A 164 46.89 21.85 -25.94
CA ILE A 164 48.13 21.47 -26.59
C ILE A 164 48.07 19.93 -26.73
N GLY A 165 48.83 19.38 -27.67
CA GLY A 165 48.84 17.96 -27.87
C GLY A 165 47.66 17.46 -28.68
N GLY A 166 47.12 16.31 -28.29
CA GLY A 166 46.02 15.67 -29.01
C GLY A 166 46.32 14.18 -29.26
N ASP A 167 46.03 13.36 -28.26
CA ASP A 167 46.26 11.91 -28.33
C ASP A 167 47.73 11.62 -28.66
N ILE A 168 48.63 12.17 -27.85
CA ILE A 168 50.05 12.02 -28.07
C ILE A 168 50.78 12.16 -26.74
N ARG A 169 51.83 11.35 -26.57
CA ARG A 169 52.63 11.41 -25.34
CA ARG A 169 52.62 11.41 -25.35
C ARG A 169 53.38 12.72 -25.26
N GLY A 170 53.54 13.24 -24.06
CA GLY A 170 54.26 14.49 -23.84
C GLY A 170 55.75 14.41 -24.17
N ASP A 171 56.30 13.18 -24.21
CA ASP A 171 57.73 12.99 -24.55
C ASP A 171 57.92 12.76 -26.06
N VAL A 172 56.86 12.97 -26.84
CA VAL A 172 56.94 12.86 -28.30
C VAL A 172 56.75 14.26 -28.89
N LYS A 173 57.77 14.72 -29.63
CA LYS A 173 57.77 16.07 -30.22
C LYS A 173 57.56 17.14 -29.14
N THR A 174 58.23 16.93 -27.99
CA THR A 174 58.11 17.82 -26.85
C THR A 174 58.51 19.26 -27.21
N ALA A 175 59.64 19.43 -27.88
CA ALA A 175 60.10 20.75 -28.24
C ALA A 175 59.06 21.48 -29.08
N GLU A 176 58.42 20.75 -29.98
CA GLU A 176 57.42 21.33 -30.85
C GLU A 176 56.18 21.79 -30.04
N TRP A 177 55.74 20.95 -29.11
CA TRP A 177 54.60 21.28 -28.28
C TRP A 177 54.91 22.48 -27.35
N GLU A 178 56.10 22.49 -26.76
CA GLU A 178 56.54 23.60 -25.90
C GLU A 178 56.55 24.90 -26.71
N ALA A 179 57.05 24.83 -27.94
CA ALA A 179 57.12 26.01 -28.79
C ALA A 179 55.71 26.56 -29.08
N LEU A 180 54.79 25.67 -29.35
CA LEU A 180 53.41 26.05 -29.62
C LEU A 180 52.78 26.69 -28.38
N ALA A 181 52.86 25.98 -27.26
CA ALA A 181 52.27 26.45 -26.02
C ALA A 181 52.81 27.82 -25.59
N THR A 182 54.14 27.95 -25.57
CA THR A 182 54.76 29.20 -25.13
C THR A 182 54.46 30.35 -26.08
N SER A 183 54.44 30.08 -27.39
CA SER A 183 54.12 31.10 -28.39
C SER A 183 52.71 31.66 -28.18
N ILE A 184 51.76 30.78 -27.87
CA ILE A 184 50.39 31.20 -27.64
C ILE A 184 50.30 32.01 -26.34
N LYS A 185 50.85 31.47 -25.25
CA LYS A 185 50.81 32.15 -23.94
C LYS A 185 51.57 33.48 -23.91
N ALA A 186 52.52 33.65 -24.83
CA ALA A 186 53.27 34.90 -24.89
C ALA A 186 52.41 36.05 -25.38
N ILE A 187 51.40 35.72 -26.17
CA ILE A 187 50.51 36.71 -26.74
C ILE A 187 49.12 36.70 -26.09
N ASP A 188 48.63 35.51 -25.74
CA ASP A 188 47.29 35.36 -25.17
C ASP A 188 47.38 35.12 -23.66
N LYS A 189 47.01 36.14 -22.90
CA LYS A 189 46.99 36.05 -21.43
C LYS A 189 45.55 35.90 -20.94
N ASN A 190 44.65 35.59 -21.86
CA ASN A 190 43.23 35.62 -21.55
C ASN A 190 42.55 34.27 -21.41
N HIS A 191 43.27 33.19 -21.74
CA HIS A 191 42.68 31.86 -21.72
C HIS A 191 43.56 30.82 -21.02
N LEU A 192 42.92 29.78 -20.48
CA LEU A 192 43.64 28.71 -19.83
C LEU A 192 44.15 27.70 -20.86
N MSE A 193 45.07 26.84 -20.45
CA MSE A 193 45.68 25.91 -21.37
C MSE A 193 46.00 24.56 -20.71
O MSE A 193 46.35 24.51 -19.52
CB MSE A 193 46.96 26.55 -21.93
CG MSE A 193 47.77 25.70 -22.89
SE MSE A 193 49.29 26.68 -23.53
CE MSE A 193 48.44 27.85 -24.75
N THR A 194 45.77 23.48 -21.46
CA THR A 194 46.05 22.13 -20.97
C THR A 194 46.70 21.33 -22.08
N PHE A 195 46.95 20.05 -21.83
CA PHE A 195 47.57 19.16 -22.82
C PHE A 195 46.80 17.87 -22.88
N HIS A 196 46.29 17.53 -24.06
CA HIS A 196 45.51 16.30 -24.26
C HIS A 196 46.46 15.17 -24.63
N PRO A 197 46.62 14.19 -23.73
CA PRO A 197 47.62 13.16 -23.86
C PRO A 197 47.16 11.85 -24.51
N ARG A 198 48.11 10.92 -24.64
CA ARG A 198 47.88 9.61 -25.23
C ARG A 198 46.96 8.80 -24.34
N GLY A 199 46.32 7.79 -24.90
CA GLY A 199 45.44 6.93 -24.13
C GLY A 199 46.19 6.27 -22.97
N ARG A 200 45.52 6.20 -21.82
CA ARG A 200 46.09 5.58 -20.64
C ARG A 200 47.29 6.38 -20.06
N THR A 201 47.33 7.69 -20.34
CA THR A 201 48.37 8.56 -19.79
C THR A 201 47.76 9.89 -19.34
N THR A 202 48.50 10.59 -18.49
CA THR A 202 48.07 11.89 -18.00
C THR A 202 49.12 12.92 -18.34
N SER A 203 48.66 14.13 -18.66
CA SER A 203 49.57 15.24 -19.00
C SER A 203 50.51 15.51 -17.83
N ALA A 204 50.04 15.25 -16.63
CA ALA A 204 50.80 15.50 -15.42
C ALA A 204 52.20 14.86 -15.49
N THR A 205 52.26 13.66 -16.07
CA THR A 205 53.50 12.92 -16.15
C THR A 205 54.62 13.74 -16.74
N TRP A 206 54.32 14.56 -17.74
CA TRP A 206 55.35 15.36 -18.42
C TRP A 206 55.28 16.89 -18.17
N PHE A 207 54.10 17.40 -17.83
CA PHE A 207 53.92 18.86 -17.80
C PHE A 207 53.31 19.45 -16.52
N ASN A 208 53.21 18.67 -15.45
CA ASN A 208 52.62 19.19 -14.23
C ASN A 208 53.22 20.54 -13.78
N ASN A 209 54.53 20.71 -13.98
CA ASN A 209 55.21 21.93 -13.54
CA ASN A 209 55.19 21.95 -13.54
C ASN A 209 55.46 22.93 -14.68
N ALA A 210 54.93 22.62 -15.87
CA ALA A 210 55.09 23.51 -17.01
C ALA A 210 54.30 24.77 -16.72
N PRO A 211 54.94 25.94 -16.83
CA PRO A 211 54.25 27.17 -16.47
C PRO A 211 53.08 27.52 -17.39
N TRP A 212 53.08 26.98 -18.61
CA TRP A 212 52.01 27.26 -19.54
C TRP A 212 50.78 26.37 -19.29
N LEU A 213 50.96 25.30 -18.50
CA LEU A 213 49.87 24.37 -18.23
C LEU A 213 49.13 24.77 -16.96
N ASP A 214 47.85 25.14 -17.13
CA ASP A 214 47.04 25.60 -16.02
C ASP A 214 46.41 24.45 -15.28
N PHE A 215 46.00 23.41 -16.02
CA PHE A 215 45.42 22.22 -15.43
C PHE A 215 45.79 20.98 -16.25
N ASN A 216 45.74 19.83 -15.61
CA ASN A 216 46.08 18.59 -16.25
C ASN A 216 44.89 17.91 -16.89
N MSE A 217 45.18 17.02 -17.84
CA MSE A 217 44.16 16.28 -18.55
C MSE A 217 44.66 14.90 -18.86
O MSE A 217 45.84 14.71 -19.17
CB MSE A 217 43.78 17.01 -19.85
CG MSE A 217 42.77 16.29 -20.72
SE MSE A 217 42.17 17.36 -22.23
CE MSE A 217 41.06 18.62 -21.24
N PHE A 218 43.80 13.90 -18.71
CA PHE A 218 44.16 12.52 -19.08
C PHE A 218 43.12 11.93 -20.02
N GLN A 219 43.53 10.85 -20.71
CA GLN A 219 42.64 10.10 -21.58
C GLN A 219 42.51 8.68 -21.05
N SER A 220 41.39 8.38 -20.39
CA SER A 220 41.16 7.04 -19.82
C SER A 220 40.56 6.02 -20.84
N GLY A 221 39.98 6.52 -21.94
CA GLY A 221 39.43 5.64 -22.98
C GLY A 221 40.56 4.88 -23.71
N HIS A 222 40.24 3.77 -24.38
CA HIS A 222 38.87 3.23 -24.48
C HIS A 222 38.90 1.69 -24.28
N ARG A 223 39.92 1.20 -23.58
CA ARG A 223 40.05 -0.23 -23.33
C ARG A 223 39.35 -0.68 -22.07
N ARG A 224 38.86 -1.92 -22.09
CA ARG A 224 38.27 -2.53 -20.91
C ARG A 224 39.36 -3.19 -20.08
N TYR A 225 39.00 -3.65 -18.90
CA TYR A 225 39.93 -4.34 -18.03
C TYR A 225 40.69 -5.47 -18.77
N GLY A 226 42.02 -5.47 -18.63
CA GLY A 226 42.85 -6.56 -19.15
C GLY A 226 42.92 -6.67 -20.64
N GLN A 227 42.57 -5.62 -21.35
CA GLN A 227 42.58 -5.65 -22.78
C GLN A 227 43.93 -5.19 -23.32
N ARG A 228 44.71 -6.15 -23.80
CA ARG A 228 46.03 -5.88 -24.38
C ARG A 228 46.10 -6.41 -25.79
N PHE A 229 46.90 -5.77 -26.62
CA PHE A 229 47.07 -6.23 -27.99
C PHE A 229 48.54 -6.56 -28.25
N GLY A 230 49.27 -6.75 -27.17
CA GLY A 230 50.67 -7.06 -27.24
C GLY A 230 51.25 -7.23 -25.86
N ASP A 231 52.55 -7.48 -25.79
CA ASP A 231 53.20 -7.71 -24.51
C ASP A 231 54.32 -6.69 -24.28
N GLY A 232 54.27 -5.57 -25.02
CA GLY A 232 55.28 -4.51 -24.90
C GLY A 232 55.10 -3.66 -23.66
N ASP A 233 55.68 -2.46 -23.67
CA ASP A 233 55.58 -1.56 -22.54
C ASP A 233 54.13 -1.05 -22.39
N TYR A 234 53.69 -0.85 -21.15
CA TYR A 234 52.32 -0.42 -20.88
C TYR A 234 52.32 0.62 -19.78
N PRO A 235 51.71 1.80 -20.04
CA PRO A 235 51.76 2.95 -19.12
C PRO A 235 50.98 2.78 -17.85
N ILE A 236 50.19 1.73 -17.74
CA ILE A 236 49.42 1.50 -16.53
C ILE A 236 49.57 0.07 -16.04
N GLU A 237 49.13 -0.16 -14.82
CA GLU A 237 49.17 -1.45 -14.22
C GLU A 237 48.13 -2.39 -14.89
N GLU A 238 48.49 -3.68 -15.01
CA GLU A 238 47.60 -4.68 -15.58
CA GLU A 238 47.60 -4.66 -15.63
C GLU A 238 46.22 -4.67 -14.92
N ASN A 239 45.17 -4.89 -15.71
CA ASN A 239 43.79 -4.95 -15.20
C ASN A 239 43.31 -3.72 -14.43
N THR A 240 43.76 -2.53 -14.83
CA THR A 240 43.25 -1.29 -14.19
C THR A 240 42.72 -0.30 -15.25
N GLU A 241 42.53 -0.78 -16.48
CA GLU A 241 42.09 0.10 -17.59
C GLU A 241 40.87 0.99 -17.24
N GLU A 242 39.88 0.41 -16.56
CA GLU A 242 38.60 1.11 -16.30
C GLU A 242 38.60 1.90 -15.01
N ASP A 243 39.69 1.81 -14.25
CA ASP A 243 39.82 2.56 -13.00
C ASP A 243 40.34 3.98 -13.31
N ASN A 244 39.51 4.82 -13.95
CA ASN A 244 39.96 6.17 -14.33
C ASN A 244 40.26 7.05 -13.12
N TRP A 245 39.70 6.69 -11.95
CA TRP A 245 40.02 7.40 -10.69
C TRP A 245 41.52 7.32 -10.35
N ARG A 246 42.21 6.30 -10.89
CA ARG A 246 43.65 6.15 -10.67
C ARG A 246 44.44 7.27 -11.35
N PHE A 247 44.02 7.68 -12.55
CA PHE A 247 44.70 8.77 -13.26
C PHE A 247 44.57 10.07 -12.48
N VAL A 248 43.44 10.22 -11.77
CA VAL A 248 43.16 11.40 -10.98
C VAL A 248 44.10 11.46 -9.75
N GLU A 249 44.18 10.37 -8.99
CA GLU A 249 45.08 10.31 -7.81
C GLU A 249 46.49 10.61 -8.19
N ARG A 250 47.00 9.89 -9.18
CA ARG A 250 48.39 10.02 -9.59
C ARG A 250 48.72 11.40 -10.11
N SER A 251 47.75 12.03 -10.78
CA SER A 251 47.96 13.36 -11.31
C SER A 251 48.04 14.41 -10.19
N MSE A 252 47.08 14.37 -9.27
CA MSE A 252 47.00 15.37 -8.22
C MSE A 252 48.06 15.15 -7.11
O MSE A 252 48.36 16.07 -6.34
CB MSE A 252 45.57 15.41 -7.64
CG MSE A 252 44.48 15.61 -8.76
SE MSE A 252 42.77 16.04 -8.10
CE MSE A 252 43.09 17.88 -7.62
N ALA A 253 48.66 13.96 -7.10
CA ALA A 253 49.73 13.63 -6.15
C ALA A 253 51.03 14.39 -6.53
N MSE A 254 51.18 14.70 -7.81
CA MSE A 254 52.34 15.44 -8.27
C MSE A 254 52.16 16.92 -7.86
O MSE A 254 51.15 17.55 -8.17
CB MSE A 254 52.49 15.31 -9.77
CG MSE A 254 52.68 13.90 -10.23
SE MSE A 254 53.00 13.82 -12.07
CE MSE A 254 52.55 11.93 -12.38
N LYS A 255 53.14 17.44 -7.12
CA LYS A 255 53.09 18.78 -6.58
C LYS A 255 54.06 19.72 -7.28
N PRO A 256 53.75 21.03 -7.29
CA PRO A 256 52.53 21.62 -6.75
C PRO A 256 51.29 21.08 -7.46
N MSE A 257 50.20 20.96 -6.72
CA MSE A 257 48.98 20.37 -7.24
C MSE A 257 48.22 21.31 -8.20
O MSE A 257 48.12 22.50 -7.96
CB MSE A 257 48.07 19.97 -6.09
CG MSE A 257 46.89 19.17 -6.50
SE MSE A 257 45.85 18.59 -5.03
CE MSE A 257 45.34 20.31 -4.28
N LYS A 258 47.76 20.75 -9.31
CA LYS A 258 46.93 21.49 -10.27
C LYS A 258 45.66 20.69 -10.52
N PRO A 259 44.60 21.35 -11.01
CA PRO A 259 43.38 20.59 -11.29
C PRO A 259 43.60 19.54 -12.38
N VAL A 260 42.75 18.52 -12.41
CA VAL A 260 42.84 17.50 -13.46
C VAL A 260 41.45 17.11 -13.92
N ILE A 261 41.36 16.64 -15.16
CA ILE A 261 40.09 16.23 -15.73
C ILE A 261 40.28 15.11 -16.75
N ASP A 262 39.30 14.20 -16.83
CA ASP A 262 39.31 13.18 -17.85
C ASP A 262 38.80 13.86 -19.12
N GLY A 263 39.72 14.17 -20.03
CA GLY A 263 39.38 14.86 -21.28
C GLY A 263 38.92 13.92 -22.38
N GLU A 264 39.10 12.62 -22.16
CA GLU A 264 38.66 11.61 -23.13
C GLU A 264 38.49 10.26 -22.50
N PRO A 265 37.35 10.05 -21.83
CA PRO A 265 37.04 8.74 -21.31
C PRO A 265 36.52 7.88 -22.45
N ILE A 266 35.96 6.73 -22.13
CA ILE A 266 35.32 5.91 -23.13
C ILE A 266 34.20 6.73 -23.81
N TYR A 267 33.99 6.49 -25.10
CA TYR A 267 32.91 7.14 -25.82
C TYR A 267 31.72 6.21 -25.93
N GLU A 268 30.53 6.78 -25.76
CA GLU A 268 29.33 6.02 -25.87
C GLU A 268 29.24 5.39 -27.24
N GLU A 269 28.87 4.11 -27.27
CA GLU A 269 28.72 3.30 -28.50
CA GLU A 269 28.72 3.32 -28.53
C GLU A 269 30.03 3.02 -29.26
N ILE A 270 31.16 3.21 -28.58
CA ILE A 270 32.45 2.88 -29.22
C ILE A 270 32.85 1.46 -28.73
N PRO A 271 33.49 0.67 -29.61
CA PRO A 271 33.85 -0.70 -29.20
C PRO A 271 34.98 -0.76 -28.17
N HIS A 272 34.84 -1.67 -27.20
CA HIS A 272 35.90 -1.92 -26.22
C HIS A 272 37.24 -2.08 -26.95
N GLY A 273 38.15 -1.14 -26.73
CA GLY A 273 39.49 -1.25 -27.28
C GLY A 273 39.68 -0.72 -28.67
N LEU A 274 38.60 -0.29 -29.30
CA LEU A 274 38.66 0.36 -30.63
C LEU A 274 38.96 -0.55 -31.84
N HIS A 275 39.87 -1.49 -31.68
CA HIS A 275 40.35 -2.32 -32.83
C HIS A 275 39.31 -3.20 -33.48
N ASP A 276 38.43 -3.78 -32.67
CA ASP A 276 37.45 -4.72 -33.15
C ASP A 276 36.07 -4.08 -33.25
N GLU A 277 35.68 -3.79 -34.47
CA GLU A 277 34.36 -3.19 -34.74
C GLU A 277 33.21 -4.03 -34.18
N ASN A 278 33.43 -5.32 -33.99
CA ASN A 278 32.39 -6.23 -33.51
C ASN A 278 32.43 -6.52 -32.00
N GLU A 279 33.31 -5.84 -31.28
CA GLU A 279 33.37 -6.01 -29.80
C GLU A 279 32.19 -5.36 -29.14
N LEU A 280 32.03 -5.61 -27.84
CA LEU A 280 31.00 -4.95 -27.07
C LEU A 280 31.17 -3.45 -27.20
N LEU A 281 30.08 -2.73 -27.11
CA LEU A 281 30.10 -1.30 -27.17
C LEU A 281 29.93 -0.74 -25.75
N TRP A 282 30.62 0.36 -25.45
CA TRP A 282 30.45 1.03 -24.19
C TRP A 282 29.05 1.66 -24.19
N LYS A 283 28.34 1.52 -23.07
CA LYS A 283 26.95 1.99 -22.96
C LYS A 283 26.82 3.17 -22.01
N ASP A 284 25.57 3.62 -21.82
CA ASP A 284 25.31 4.74 -20.97
C ASP A 284 25.75 4.50 -19.52
N TYR A 285 25.52 3.29 -19.01
CA TYR A 285 25.94 2.97 -17.64
C TYR A 285 27.48 3.07 -17.49
N ASP A 286 28.21 2.67 -18.52
CA ASP A 286 29.67 2.76 -18.50
C ASP A 286 30.10 4.25 -18.50
N VAL A 287 29.44 5.05 -19.35
CA VAL A 287 29.72 6.47 -19.49
C VAL A 287 29.53 7.21 -18.17
N ARG A 288 28.47 6.87 -17.46
CA ARG A 288 28.21 7.47 -16.18
C ARG A 288 29.25 7.05 -15.14
N ARG A 289 29.61 5.77 -15.15
CA ARG A 289 30.59 5.27 -14.20
C ARG A 289 31.90 6.06 -14.32
N TYR A 290 32.44 6.16 -15.53
CA TYR A 290 33.66 6.92 -15.77
C TYR A 290 33.53 8.40 -15.30
N ALA A 291 32.35 8.99 -15.51
CA ALA A 291 32.10 10.40 -15.17
C ALA A 291 32.16 10.62 -13.68
N TYR A 292 31.38 9.85 -12.94
CA TYR A 292 31.32 9.99 -11.50
C TYR A 292 32.61 9.50 -10.79
N TRP A 293 33.26 8.50 -11.37
CA TRP A 293 34.52 7.99 -10.79
C TRP A 293 35.60 9.05 -10.88
N SER A 294 35.68 9.73 -12.01
CA SER A 294 36.68 10.76 -12.19
C SER A 294 36.43 11.94 -11.31
N VAL A 295 35.20 12.43 -11.30
CA VAL A 295 34.84 13.62 -10.51
C VAL A 295 34.95 13.34 -9.01
N PHE A 296 34.41 12.21 -8.58
CA PHE A 296 34.47 11.85 -7.15
C PHE A 296 35.90 11.53 -6.72
N ALA A 297 36.78 11.26 -7.69
CA ALA A 297 38.21 11.03 -7.40
C ALA A 297 38.92 12.36 -7.19
N GLY A 298 38.32 13.46 -7.69
CA GLY A 298 38.88 14.79 -7.49
C GLY A 298 38.93 15.67 -8.73
N SER A 299 38.50 15.16 -9.88
CA SER A 299 38.51 15.95 -11.12
C SER A 299 37.54 17.10 -10.98
N PHE A 300 37.88 18.23 -11.59
CA PHE A 300 37.10 19.46 -11.43
C PHE A 300 35.87 19.53 -12.35
N GLY A 301 35.73 18.54 -13.21
CA GLY A 301 34.64 18.46 -14.16
C GLY A 301 34.80 17.19 -14.95
N HIS A 302 34.09 17.08 -16.07
CA HIS A 302 34.20 15.89 -16.91
C HIS A 302 33.85 16.15 -18.37
N THR A 303 34.56 15.46 -19.28
CA THR A 303 34.25 15.51 -20.71
C THR A 303 33.65 14.18 -21.17
N TYR A 304 32.51 14.28 -21.86
CA TYR A 304 31.82 13.15 -22.41
C TYR A 304 32.11 13.08 -23.89
N GLY A 305 32.00 11.87 -24.45
CA GLY A 305 32.17 11.66 -25.86
C GLY A 305 31.26 10.54 -26.39
N HIS A 306 30.93 10.63 -27.68
CA HIS A 306 30.10 9.66 -28.35
C HIS A 306 30.74 9.31 -29.66
N ASN A 307 30.83 8.01 -29.95
CA ASN A 307 31.46 7.53 -31.18
C ASN A 307 30.98 8.26 -32.45
N SER A 308 29.66 8.42 -32.60
CA SER A 308 29.10 9.05 -33.82
C SER A 308 29.26 10.57 -33.85
N ILE A 309 29.18 11.20 -32.69
CA ILE A 309 29.21 12.65 -32.62
C ILE A 309 30.63 13.19 -32.87
N MSE A 310 31.61 12.59 -32.20
CA MSE A 310 32.98 13.09 -32.27
C MSE A 310 33.55 13.08 -33.67
O MSE A 310 34.37 13.91 -33.99
CB MSE A 310 33.90 12.34 -31.27
CG MSE A 310 34.12 10.85 -31.55
SE MSE A 310 35.65 10.50 -32.62
CE MSE A 310 35.59 8.55 -32.50
N GLN A 311 33.03 12.23 -34.54
CA GLN A 311 33.50 12.21 -35.94
C GLN A 311 32.42 12.70 -36.91
N PHE A 312 31.31 13.18 -36.34
CA PHE A 312 30.17 13.68 -37.12
C PHE A 312 29.84 12.79 -38.30
N ILE A 313 29.52 11.55 -37.97
CA ILE A 313 29.13 10.58 -38.94
C ILE A 313 27.89 11.08 -39.65
N LYS A 314 27.88 10.89 -40.97
CA LYS A 314 26.76 11.23 -41.80
C LYS A 314 26.46 10.09 -42.73
N PRO A 315 25.23 9.98 -43.19
CA PRO A 315 24.99 8.95 -44.23
C PRO A 315 25.90 9.23 -45.43
N GLY A 316 26.53 8.20 -45.96
CA GLY A 316 27.48 8.37 -47.08
C GLY A 316 28.94 8.40 -46.60
N VAL A 317 29.12 8.51 -45.28
CA VAL A 317 30.44 8.51 -44.69
C VAL A 317 30.44 7.58 -43.47
N GLY A 318 30.89 6.37 -43.67
CA GLY A 318 30.97 5.41 -42.58
C GLY A 318 32.03 5.82 -41.57
N GLY A 319 31.82 5.48 -40.33
CA GLY A 319 32.72 5.88 -39.31
C GLY A 319 33.81 4.89 -39.05
N ALA A 320 34.77 5.33 -38.30
CA ALA A 320 35.76 4.49 -37.80
C ALA A 320 35.15 3.83 -36.57
N TYR A 321 35.72 2.73 -36.14
CA TYR A 321 35.29 2.04 -34.94
C TYR A 321 33.82 1.60 -34.99
N GLY A 322 33.36 1.21 -36.17
CA GLY A 322 32.00 0.70 -36.35
C GLY A 322 30.84 1.70 -36.29
N ALA A 323 31.14 2.99 -36.21
CA ALA A 323 30.05 4.00 -36.12
C ALA A 323 29.19 4.03 -37.42
N LYS A 324 27.88 3.87 -37.27
CA LYS A 324 26.95 3.92 -38.44
C LYS A 324 25.84 4.99 -38.22
N LYS A 325 25.42 5.13 -36.98
CA LYS A 325 24.41 6.07 -36.61
C LYS A 325 24.88 7.52 -36.84
N PRO A 326 24.11 8.31 -37.59
CA PRO A 326 24.46 9.71 -37.82
C PRO A 326 24.58 10.51 -36.51
N TRP A 327 25.46 11.50 -36.50
CA TRP A 327 25.68 12.32 -35.31
C TRP A 327 24.39 12.97 -34.81
N TYR A 328 23.54 13.41 -35.74
CA TYR A 328 22.29 14.04 -35.35
C TYR A 328 21.30 13.07 -34.73
N ASP A 329 21.43 11.78 -35.00
CA ASP A 329 20.58 10.78 -34.32
C ASP A 329 21.18 10.42 -32.96
N ALA A 330 22.50 10.47 -32.87
CA ALA A 330 23.20 10.16 -31.61
C ALA A 330 22.85 11.18 -30.49
N LEU A 331 22.36 12.37 -30.88
CA LEU A 331 21.93 13.40 -29.89
C LEU A 331 20.81 12.87 -28.95
N ASN A 332 20.13 11.79 -29.38
CA ASN A 332 19.06 11.19 -28.59
C ASN A 332 19.52 10.01 -27.74
N ASP A 333 20.80 9.68 -27.80
CA ASP A 333 21.32 8.55 -27.02
C ASP A 333 21.36 8.90 -25.48
N PRO A 334 21.18 7.89 -24.64
CA PRO A 334 21.04 8.11 -23.21
C PRO A 334 22.22 8.78 -22.49
N GLY A 335 23.42 8.27 -22.69
CA GLY A 335 24.61 8.82 -22.03
C GLY A 335 24.74 10.33 -22.26
N TYR A 336 24.69 10.73 -23.53
CA TYR A 336 24.77 12.15 -23.92
C TYR A 336 23.74 12.99 -23.17
N ASN A 337 22.59 12.40 -22.89
CA ASN A 337 21.48 13.10 -22.22
C ASN A 337 21.46 12.95 -20.70
N GLN A 338 22.50 12.34 -20.13
CA GLN A 338 22.55 12.12 -18.67
C GLN A 338 23.65 12.93 -17.99
N MSE A 339 24.57 13.47 -18.75
CA MSE A 339 25.69 14.20 -18.17
C MSE A 339 25.20 15.44 -17.39
O MSE A 339 25.82 15.82 -16.39
CB MSE A 339 26.69 14.62 -19.25
CG MSE A 339 27.39 13.46 -19.93
SE MSE A 339 28.48 12.34 -18.73
CE MSE A 339 27.09 11.18 -18.07
N LYS A 340 24.08 16.02 -17.80
CA LYS A 340 23.55 17.18 -17.12
C LYS A 340 23.25 16.91 -15.64
N TYR A 341 22.86 15.69 -15.31
CA TYR A 341 22.55 15.34 -13.91
C TYR A 341 23.80 15.40 -13.04
N LEU A 342 24.97 15.15 -13.65
CA LEU A 342 26.26 15.28 -12.95
C LEU A 342 26.54 16.74 -12.66
N LYS A 343 26.45 17.57 -13.68
CA LYS A 343 26.67 19.01 -13.54
C LYS A 343 25.73 19.59 -12.48
N ASN A 344 24.45 19.26 -12.59
CA ASN A 344 23.45 19.78 -11.66
C ASN A 344 23.76 19.39 -10.22
N LEU A 345 24.26 18.18 -10.04
CA LEU A 345 24.55 17.65 -8.71
C LEU A 345 25.70 18.40 -8.06
N MSE A 346 26.81 18.52 -8.77
CA MSE A 346 28.00 19.14 -8.20
C MSE A 346 27.79 20.62 -7.90
O MSE A 346 28.35 21.14 -6.94
CB MSE A 346 29.22 18.95 -9.12
CG MSE A 346 29.48 17.48 -9.52
SE MSE A 346 29.42 16.23 -8.01
CE MSE A 346 30.93 16.89 -7.00
N LEU A 347 26.98 21.29 -8.72
CA LEU A 347 26.71 22.72 -8.53
C LEU A 347 25.68 22.98 -7.42
N THR A 348 25.13 21.92 -6.84
CA THR A 348 24.14 22.06 -5.75
C THR A 348 24.79 22.22 -4.37
N PHE A 349 26.09 21.93 -4.28
CA PHE A 349 26.81 21.92 -2.99
C PHE A 349 28.04 22.82 -2.98
N PRO A 350 28.49 23.22 -1.76
CA PRO A 350 29.68 24.04 -1.63
C PRO A 350 30.78 23.47 -2.52
N PHE A 351 31.22 24.26 -3.46
CA PHE A 351 32.07 23.79 -4.54
C PHE A 351 33.57 23.65 -4.25
N PHE A 352 34.17 24.69 -3.69
CA PHE A 352 35.63 24.75 -3.62
C PHE A 352 36.29 23.99 -2.50
N GLU A 353 35.55 23.72 -1.44
CA GLU A 353 36.10 22.95 -0.33
C GLU A 353 35.92 21.44 -0.51
N ARG A 354 35.45 21.03 -1.68
CA ARG A 354 35.25 19.60 -1.95
C ARG A 354 36.59 18.89 -2.11
N VAL A 355 36.69 17.71 -1.52
CA VAL A 355 37.88 16.90 -1.64
C VAL A 355 37.46 15.44 -1.77
N PRO A 356 38.28 14.63 -2.44
CA PRO A 356 38.01 13.22 -2.46
C PRO A 356 38.40 12.66 -1.10
N ASP A 357 37.69 11.63 -0.63
CA ASP A 357 37.97 11.05 0.67
C ASP A 357 37.36 9.65 0.84
N GLN A 358 38.16 8.65 0.55
CA GLN A 358 37.74 7.27 0.66
C GLN A 358 37.51 6.83 2.11
N SER A 359 37.97 7.63 3.09
CA SER A 359 37.76 7.27 4.51
C SER A 359 36.29 7.47 4.91
N VAL A 360 35.53 8.13 4.04
CA VAL A 360 34.09 8.29 4.27
C VAL A 360 33.43 6.90 4.19
N ILE A 361 34.09 5.99 3.48
CA ILE A 361 33.62 4.62 3.33
C ILE A 361 34.27 3.71 4.35
N ALA A 362 33.48 3.24 5.32
CA ALA A 362 33.97 2.36 6.36
C ALA A 362 33.84 0.89 5.92
N GLY A 363 34.39 -0.02 6.70
CA GLY A 363 34.31 -1.43 6.40
C GLY A 363 35.17 -1.83 5.22
N GLN A 364 34.83 -2.93 4.59
CA GLN A 364 35.55 -3.41 3.43
C GLN A 364 34.86 -2.90 2.15
N ASN A 365 35.58 -2.12 1.36
CA ASN A 365 35.04 -1.60 0.10
C ASN A 365 35.23 -2.64 -1.00
N GLY A 366 34.43 -2.56 -2.05
CA GLY A 366 34.49 -3.51 -3.14
C GLY A 366 35.63 -3.27 -4.09
N GLU A 367 35.83 -4.21 -5.02
CA GLU A 367 36.85 -4.12 -6.06
C GLU A 367 36.20 -3.86 -7.40
N ARG A 368 36.98 -3.38 -8.35
CA ARG A 368 36.49 -3.05 -9.67
C ARG A 368 35.16 -2.25 -9.60
N TYR A 369 34.12 -2.70 -10.30
CA TYR A 369 32.84 -1.95 -10.35
C TYR A 369 32.20 -1.78 -8.96
N ASP A 370 32.54 -2.66 -8.01
CA ASP A 370 31.98 -2.58 -6.63
C ASP A 370 32.68 -1.55 -5.73
N ARG A 371 33.76 -0.96 -6.23
CA ARG A 371 34.49 0.05 -5.45
C ARG A 371 33.69 1.34 -5.32
N ALA A 372 33.06 1.54 -4.17
CA ALA A 372 32.35 2.80 -3.90
C ALA A 372 33.40 3.90 -3.86
N ILE A 373 33.01 5.10 -4.25
CA ILE A 373 33.93 6.23 -4.29
C ILE A 373 33.26 7.41 -3.63
N ALA A 374 34.00 8.09 -2.76
CA ALA A 374 33.43 9.15 -1.95
C ALA A 374 34.18 10.47 -2.09
N THR A 375 33.42 11.54 -1.93
CA THR A 375 33.94 12.89 -1.97
C THR A 375 33.12 13.68 -0.96
N ARG A 376 33.69 14.75 -0.43
CA ARG A 376 32.97 15.53 0.58
C ARG A 376 33.44 16.95 0.69
N GLY A 377 32.59 17.78 1.28
CA GLY A 377 32.94 19.12 1.63
C GLY A 377 33.17 19.11 3.13
N ASN A 378 32.76 20.18 3.80
CA ASN A 378 32.87 20.26 5.25
C ASN A 378 31.57 19.86 5.91
N ASP A 379 30.46 20.13 5.23
CA ASP A 379 29.14 19.87 5.76
C ASP A 379 28.26 18.98 4.85
N TYR A 380 28.90 18.23 3.96
CA TYR A 380 28.18 17.31 3.08
C TYR A 380 29.10 16.27 2.55
N LEU A 381 28.56 15.12 2.20
CA LEU A 381 29.36 14.08 1.58
C LEU A 381 28.54 13.33 0.57
N MSE A 382 29.23 12.66 -0.33
CA MSE A 382 28.59 11.92 -1.39
C MSE A 382 29.31 10.66 -1.64
O MSE A 382 30.55 10.65 -1.68
CB MSE A 382 28.58 12.75 -2.70
CG MSE A 382 27.65 13.94 -2.70
SE MSE A 382 27.87 15.01 -4.33
CE MSE A 382 26.33 16.05 -4.17
N VAL A 383 28.56 9.58 -1.81
CA VAL A 383 29.16 8.32 -2.15
C VAL A 383 28.49 7.75 -3.39
N TYR A 384 29.28 7.47 -4.42
CA TYR A 384 28.78 6.93 -5.65
C TYR A 384 28.94 5.45 -5.64
N ASN A 385 27.83 4.75 -5.81
CA ASN A 385 27.80 3.30 -5.81
C ASN A 385 27.27 2.81 -7.15
N TYR A 386 28.12 2.20 -7.94
CA TYR A 386 27.75 1.78 -9.27
C TYR A 386 26.95 0.48 -9.30
N THR A 387 27.30 -0.47 -8.42
CA THR A 387 26.66 -1.80 -8.40
C THR A 387 25.52 -1.93 -7.42
N GLY A 388 25.52 -1.12 -6.39
CA GLY A 388 24.51 -1.22 -5.35
C GLY A 388 24.95 -2.07 -4.15
N ARG A 389 26.14 -2.66 -4.25
CA ARG A 389 26.73 -3.43 -3.13
C ARG A 389 26.60 -2.64 -1.85
N PRO A 390 26.05 -3.28 -0.78
CA PRO A 390 25.89 -2.60 0.52
C PRO A 390 27.17 -1.91 0.93
N MSE A 391 27.05 -0.83 1.67
CA MSE A 391 28.20 -0.06 2.06
C MSE A 391 28.00 0.56 3.40
O MSE A 391 26.86 0.78 3.83
CB MSE A 391 28.48 1.02 1.01
CG MSE A 391 27.38 2.05 0.88
SE MSE A 391 27.76 3.41 -0.51
CE MSE A 391 26.13 4.37 -0.36
N GLU A 392 29.11 0.86 4.07
CA GLU A 392 29.07 1.53 5.35
C GLU A 392 29.67 2.91 5.21
N VAL A 393 28.91 3.91 5.67
CA VAL A 393 29.31 5.31 5.50
C VAL A 393 29.49 6.02 6.86
N ASP A 394 30.67 6.63 7.03
CA ASP A 394 30.99 7.31 8.29
C ASP A 394 30.60 8.79 8.25
N PHE A 395 29.47 9.10 8.89
CA PHE A 395 28.94 10.46 8.93
C PHE A 395 29.77 11.45 9.79
N SER A 396 30.64 10.93 10.64
CA SER A 396 31.46 11.80 11.51
C SER A 396 32.52 12.58 10.71
N LYS A 397 32.67 12.22 9.43
CA LYS A 397 33.67 12.88 8.56
C LYS A 397 33.27 14.31 8.18
N ILE A 398 32.02 14.69 8.42
CA ILE A 398 31.57 16.05 8.16
C ILE A 398 30.82 16.60 9.36
N SER A 399 30.65 17.93 9.37
CA SER A 399 30.02 18.63 10.48
C SER A 399 28.55 18.28 10.64
N GLY A 400 28.02 18.57 11.83
CA GLY A 400 26.59 18.35 12.12
C GLY A 400 26.32 17.20 13.08
N ALA A 401 25.50 17.47 14.10
CA ALA A 401 25.13 16.44 15.08
C ALA A 401 24.16 15.48 14.43
N LYS A 402 23.26 16.03 13.61
CA LYS A 402 22.30 15.24 12.81
C LYS A 402 22.58 15.43 11.31
N LYS A 403 22.37 14.37 10.52
CA LYS A 403 22.56 14.44 9.07
C LYS A 403 21.28 14.04 8.36
N ASN A 404 21.02 14.65 7.22
CA ASN A 404 19.93 14.23 6.34
C ASN A 404 20.54 13.46 5.17
N ALA A 405 19.89 12.37 4.75
CA ALA A 405 20.40 11.55 3.65
C ALA A 405 19.36 11.40 2.53
N TRP A 406 19.86 11.35 1.29
CA TRP A 406 19.00 11.19 0.10
C TRP A 406 19.64 10.23 -0.86
N TRP A 407 18.84 9.62 -1.71
CA TRP A 407 19.35 8.83 -2.81
C TRP A 407 19.23 9.66 -4.09
N TYR A 408 20.27 9.67 -4.89
CA TYR A 408 20.26 10.36 -6.16
C TYR A 408 20.57 9.37 -7.26
N THR A 409 19.60 9.14 -8.13
CA THR A 409 19.79 8.23 -9.25
C THR A 409 20.36 9.02 -10.47
N THR A 410 21.50 8.60 -10.95
CA THR A 410 22.24 9.37 -11.95
C THR A 410 21.67 9.35 -13.37
N LYS A 411 20.85 8.35 -13.70
CA LYS A 411 20.33 8.27 -15.04
C LYS A 411 19.12 9.19 -15.26
N ASP A 412 18.55 9.71 -14.17
CA ASP A 412 17.34 10.57 -14.30
C ASP A 412 17.37 11.83 -13.40
N GLY A 413 18.39 11.96 -12.58
CA GLY A 413 18.52 13.12 -11.71
C GLY A 413 17.46 13.21 -10.61
N LYS A 414 16.77 12.10 -10.36
CA LYS A 414 15.73 12.09 -9.32
C LYS A 414 16.34 11.93 -7.94
N LEU A 415 15.68 12.55 -6.97
CA LEU A 415 16.15 12.58 -5.61
C LEU A 415 15.11 11.91 -4.69
N GLU A 416 15.56 11.05 -3.79
CA GLU A 416 14.64 10.37 -2.87
C GLU A 416 15.13 10.53 -1.42
N TYR A 417 14.33 11.20 -0.60
CA TYR A 417 14.69 11.42 0.80
C TYR A 417 14.64 10.12 1.59
N ILE A 418 15.70 9.85 2.35
CA ILE A 418 15.80 8.65 3.17
C ILE A 418 15.35 8.94 4.60
N GLY A 419 16.01 9.89 5.25
CA GLY A 419 15.68 10.28 6.64
C GLY A 419 16.85 10.94 7.33
N GLU A 420 16.77 11.10 8.66
CA GLU A 420 17.88 11.69 9.42
C GLU A 420 18.62 10.65 10.26
N PHE A 421 19.91 10.92 10.50
CA PHE A 421 20.79 10.01 11.19
C PHE A 421 21.74 10.77 12.13
N ASP A 422 22.43 10.01 12.99
CA ASP A 422 23.42 10.59 13.90
C ASP A 422 24.82 10.41 13.28
N ASN A 423 25.85 10.81 14.02
CA ASN A 423 27.23 10.73 13.52
C ASN A 423 27.89 9.36 13.55
N GLY A 424 27.09 8.32 13.59
CA GLY A 424 27.65 6.97 13.59
C GLY A 424 27.98 6.52 12.16
N VAL A 425 28.53 5.31 12.05
CA VAL A 425 28.77 4.71 10.77
C VAL A 425 27.48 3.95 10.43
N HIS A 426 26.83 4.33 9.32
CA HIS A 426 25.56 3.70 8.92
C HIS A 426 25.68 2.88 7.65
N LYS A 427 24.91 1.81 7.59
CA LYS A 427 24.90 0.92 6.43
C LYS A 427 23.77 1.29 5.48
N PHE A 428 24.06 1.28 4.18
CA PHE A 428 23.08 1.61 3.17
C PHE A 428 23.08 0.62 2.04
N GLN A 429 21.91 0.45 1.43
CA GLN A 429 21.74 -0.42 0.29
C GLN A 429 20.54 0.06 -0.48
N HIS A 430 20.78 0.54 -1.71
CA HIS A 430 19.69 1.09 -2.54
C HIS A 430 18.77 -0.01 -3.07
N ASP A 431 17.46 0.27 -3.08
CA ASP A 431 16.44 -0.68 -3.56
C ASP A 431 16.44 -0.74 -5.10
N SER A 432 17.41 -1.44 -5.67
CA SER A 432 17.53 -1.58 -7.11
C SER A 432 18.30 -2.83 -7.43
N GLY A 433 18.25 -3.26 -8.67
CA GLY A 433 18.95 -4.46 -9.07
C GLY A 433 20.45 -4.35 -8.83
N TYR A 434 21.03 -5.41 -8.27
CA TYR A 434 22.47 -5.44 -8.06
C TYR A 434 23.19 -5.47 -9.40
N SER A 435 24.23 -4.65 -9.50
CA SER A 435 25.03 -4.59 -10.68
C SER A 435 24.14 -4.52 -11.97
N SER A 436 23.22 -3.57 -11.98
CA SER A 436 22.26 -3.45 -13.08
C SER A 436 22.31 -2.11 -13.81
N GLY A 437 23.38 -1.35 -13.61
CA GLY A 437 23.51 -0.05 -14.26
C GLY A 437 22.48 0.94 -13.71
N ASN A 438 22.07 0.72 -12.47
CA ASN A 438 21.20 1.66 -11.80
C ASN A 438 22.01 2.31 -10.70
N ASP A 439 23.11 2.94 -11.13
CA ASP A 439 24.04 3.59 -10.23
C ASP A 439 23.39 4.73 -9.48
N HIS A 440 23.91 5.01 -8.29
CA HIS A 440 23.33 5.98 -7.43
C HIS A 440 24.35 6.67 -6.51
N VAL A 441 23.96 7.82 -6.00
CA VAL A 441 24.79 8.58 -5.09
C VAL A 441 24.04 8.77 -3.80
N LEU A 442 24.68 8.42 -2.69
CA LEU A 442 24.12 8.70 -1.40
C LEU A 442 24.54 10.13 -1.06
N ILE A 443 23.57 11.01 -0.89
CA ILE A 443 23.84 12.40 -0.53
C ILE A 443 23.57 12.57 0.96
N VAL A 444 24.59 12.99 1.70
CA VAL A 444 24.46 13.17 3.15
C VAL A 444 24.85 14.58 3.50
N VAL A 445 23.95 15.31 4.14
CA VAL A 445 24.19 16.71 4.45
C VAL A 445 23.91 17.05 5.92
N ASP A 446 24.75 17.92 6.47
CA ASP A 446 24.59 18.42 7.81
C ASP A 446 23.15 18.93 7.94
N SER A 447 22.45 18.46 8.96
CA SER A 447 21.02 18.81 9.14
C SER A 447 20.78 20.32 9.28
N SER A 448 21.81 21.06 9.65
CA SER A 448 21.66 22.51 9.82
C SER A 448 21.67 23.25 8.48
N LYS A 449 22.20 22.60 7.45
CA LYS A 449 22.32 23.22 6.11
C LYS A 449 21.15 22.78 5.23
N ASP A 450 20.80 23.59 4.23
CA ASP A 450 19.67 23.25 3.36
C ASP A 450 20.00 23.36 1.85
N TYR A 451 21.07 22.70 1.42
CA TYR A 451 21.44 22.69 0.01
C TYR A 451 20.41 21.89 -0.79
N VAL A 452 19.85 20.86 -0.14
CA VAL A 452 18.82 20.04 -0.70
C VAL A 452 17.64 19.97 0.28
N LYS A 453 16.42 20.09 -0.22
CA LYS A 453 15.23 20.03 0.63
C LYS A 453 14.77 18.57 0.87
N LYS A 454 14.10 18.35 2.00
CA LYS A 454 13.58 17.01 2.33
C LYS A 454 12.44 16.62 1.39
N ASP A 455 11.65 17.62 0.96
CA ASP A 455 10.51 17.38 0.07
CA ASP A 455 10.52 17.37 0.06
C ASP A 455 10.92 17.50 -1.42
N CYS A 456 12.20 17.78 -1.65
CA CYS A 456 12.73 17.92 -3.02
C CYS A 456 12.79 16.54 -3.70
N TYR A 457 12.18 16.41 -4.89
CA TYR A 457 12.12 15.11 -5.61
CA TYR A 457 12.14 15.11 -5.59
C TYR A 457 13.13 15.00 -6.77
N GLN A 458 13.87 16.06 -7.05
CA GLN A 458 14.89 16.05 -8.11
C GLN A 458 15.72 17.30 -8.07
N ILE A 459 17.02 17.16 -8.36
CA ILE A 459 17.88 18.31 -8.43
C ILE A 459 17.60 18.99 -9.75
N ASP A 460 17.26 20.27 -9.68
CA ASP A 460 16.92 21.04 -10.88
C ASP A 460 18.14 21.39 -11.69
N THR A 461 17.90 21.90 -12.88
CA THR A 461 18.93 22.31 -13.77
C THR A 461 19.67 23.51 -13.21
N HIS A 462 21.00 23.42 -13.19
CA HIS A 462 21.81 24.55 -12.78
CA HIS A 462 21.82 24.53 -12.76
C HIS A 462 22.54 25.09 -13.99
N GLU A 463 22.13 26.29 -14.42
CA GLU A 463 22.71 26.96 -15.60
C GLU A 463 24.22 26.89 -15.58
N LYS B 8 14.44 -40.33 -35.98
CA LYS B 8 14.73 -41.11 -34.73
C LYS B 8 14.75 -40.19 -33.50
N THR B 9 13.58 -40.01 -32.85
CA THR B 9 13.48 -39.19 -31.66
C THR B 9 13.98 -40.00 -30.47
N TYR B 10 14.80 -39.38 -29.64
CA TYR B 10 15.37 -40.06 -28.46
C TYR B 10 14.31 -40.22 -27.36
N ILE B 11 14.15 -41.46 -26.89
CA ILE B 11 13.22 -41.77 -25.84
C ILE B 11 14.01 -42.18 -24.60
N PRO B 12 14.02 -41.31 -23.58
CA PRO B 12 14.83 -41.58 -22.40
C PRO B 12 14.54 -42.92 -21.74
N TRP B 13 13.27 -43.21 -21.51
CA TRP B 13 12.89 -44.42 -20.78
C TRP B 13 13.12 -45.75 -21.57
N SER B 14 13.66 -45.66 -22.77
CA SER B 14 14.04 -46.85 -23.51
C SER B 14 15.26 -47.47 -22.80
N ASN B 15 15.88 -46.66 -21.92
CA ASN B 15 17.01 -47.12 -21.11
C ASN B 15 16.53 -47.65 -19.78
N GLY B 16 15.22 -47.54 -19.53
CA GLY B 16 14.63 -47.99 -18.26
C GLY B 16 14.06 -46.84 -17.44
N LYS B 17 13.48 -47.20 -16.28
CA LYS B 17 12.90 -46.23 -15.37
C LYS B 17 13.98 -45.36 -14.78
N LEU B 18 13.58 -44.23 -14.23
CA LEU B 18 14.51 -43.34 -13.54
C LEU B 18 14.81 -43.91 -12.15
N VAL B 19 16.08 -43.88 -11.77
CA VAL B 19 16.52 -44.37 -10.47
C VAL B 19 17.56 -43.38 -9.90
N VAL B 20 17.55 -43.18 -8.58
CA VAL B 20 18.58 -42.36 -7.94
C VAL B 20 19.90 -43.16 -8.00
N SER B 21 20.94 -42.57 -8.59
CA SER B 21 22.21 -43.27 -8.74
C SER B 21 22.83 -43.62 -7.37
N GLU B 22 23.78 -44.56 -7.41
CA GLU B 22 24.41 -45.12 -6.19
C GLU B 22 25.05 -44.05 -5.25
N GLU B 23 25.78 -43.10 -5.83
CA GLU B 23 26.46 -42.07 -5.02
C GLU B 23 25.47 -41.08 -4.33
N GLY B 24 24.19 -41.19 -4.67
CA GLY B 24 23.14 -40.35 -4.05
C GLY B 24 23.12 -38.90 -4.53
N ARG B 25 23.71 -38.65 -5.71
CA ARG B 25 23.77 -37.27 -6.29
C ARG B 25 22.98 -37.08 -7.58
N TYR B 26 22.95 -38.10 -8.43
CA TYR B 26 22.37 -37.96 -9.75
C TYR B 26 21.29 -38.97 -10.06
N LEU B 27 20.61 -38.75 -11.18
CA LEU B 27 19.59 -39.65 -11.64
C LEU B 27 20.12 -40.43 -12.80
N LYS B 28 19.70 -41.68 -12.90
CA LYS B 28 20.08 -42.54 -14.00
C LYS B 28 18.89 -43.37 -14.43
N HIS B 29 19.01 -44.01 -15.57
CA HIS B 29 18.03 -44.97 -16.00
C HIS B 29 18.50 -46.34 -15.49
N GLU B 30 17.59 -47.30 -15.42
CA GLU B 30 17.92 -48.63 -14.93
C GLU B 30 19.20 -49.20 -15.52
N ASN B 31 19.42 -48.98 -16.82
CA ASN B 31 20.56 -49.56 -17.48
C ASN B 31 21.87 -48.81 -17.27
N GLY B 32 21.85 -47.82 -16.36
CA GLY B 32 23.06 -47.05 -16.03
C GLY B 32 23.21 -45.72 -16.77
N THR B 33 22.35 -45.48 -17.76
CA THR B 33 22.44 -44.26 -18.56
C THR B 33 22.11 -43.01 -17.72
N PRO B 34 22.96 -41.98 -17.81
CA PRO B 34 22.71 -40.76 -17.09
C PRO B 34 21.43 -40.06 -17.56
N PHE B 35 20.72 -39.44 -16.64
CA PHE B 35 19.60 -38.62 -16.99
C PHE B 35 19.84 -37.20 -16.51
N PHE B 36 20.31 -36.34 -17.40
CA PHE B 36 20.49 -34.95 -17.04
C PHE B 36 19.17 -34.24 -17.24
N TRP B 37 18.51 -33.98 -16.13
CA TRP B 37 17.24 -33.32 -16.11
C TRP B 37 17.34 -31.86 -16.58
N LEU B 38 16.64 -31.53 -17.67
CA LEU B 38 16.56 -30.16 -18.15
C LEU B 38 15.08 -29.83 -18.26
N GLY B 39 14.56 -29.17 -17.24
CA GLY B 39 13.14 -28.89 -17.15
C GLY B 39 12.68 -27.58 -17.77
N GLU B 40 11.43 -27.60 -18.24
CA GLU B 40 10.78 -26.41 -18.74
C GLU B 40 9.55 -26.23 -17.85
N THR B 41 9.10 -25.00 -17.67
CA THR B 41 7.99 -24.75 -16.80
C THR B 41 6.71 -24.41 -17.58
N GLY B 42 5.84 -25.40 -17.73
CA GLY B 42 4.56 -25.23 -18.40
C GLY B 42 3.42 -25.39 -17.41
N TRP B 43 3.44 -24.58 -16.37
CA TRP B 43 2.47 -24.73 -15.29
C TRP B 43 1.03 -24.91 -15.77
N LEU B 44 0.55 -24.02 -16.64
CA LEU B 44 -0.88 -24.05 -17.03
C LEU B 44 -1.16 -24.76 -18.36
N LEU B 45 -0.27 -25.69 -18.73
CA LEU B 45 -0.44 -26.46 -19.96
C LEU B 45 -1.79 -27.24 -19.97
N PRO B 46 -2.09 -27.97 -18.88
CA PRO B 46 -3.35 -28.74 -18.83
C PRO B 46 -4.60 -27.89 -18.84
N GLU B 47 -4.50 -26.67 -18.31
CA GLU B 47 -5.65 -25.81 -18.20
C GLU B 47 -5.87 -24.84 -19.38
N ARG B 48 -4.82 -24.48 -20.08
CA ARG B 48 -4.92 -23.41 -21.10
C ARG B 48 -4.65 -23.77 -22.55
N LEU B 49 -3.97 -24.87 -22.79
CA LEU B 49 -3.67 -25.24 -24.16
C LEU B 49 -4.60 -26.34 -24.68
N ASN B 50 -4.95 -26.26 -25.96
CA ASN B 50 -5.74 -27.29 -26.60
C ASN B 50 -4.77 -28.33 -27.15
N ARG B 51 -5.31 -29.32 -27.85
CA ARG B 51 -4.48 -30.41 -28.39
C ARG B 51 -3.42 -29.92 -29.34
N ASP B 52 -3.81 -29.08 -30.30
CA ASP B 52 -2.88 -28.55 -31.28
C ASP B 52 -1.77 -27.72 -30.61
N GLU B 53 -2.17 -26.80 -29.73
CA GLU B 53 -1.20 -25.93 -29.02
C GLU B 53 -0.27 -26.75 -28.14
N ALA B 54 -0.83 -27.74 -27.44
CA ALA B 54 -0.03 -28.60 -26.57
C ALA B 54 1.04 -29.33 -27.37
N GLU B 55 0.65 -29.92 -28.51
CA GLU B 55 1.59 -30.65 -29.35
C GLU B 55 2.70 -29.72 -29.83
N TYR B 56 2.35 -28.47 -30.18
CA TYR B 56 3.36 -27.51 -30.66
C TYR B 56 4.36 -27.12 -29.56
N TYR B 57 3.84 -26.76 -28.39
CA TYR B 57 4.67 -26.40 -27.27
C TYR B 57 5.66 -27.53 -26.92
N LEU B 58 5.15 -28.75 -26.85
CA LEU B 58 5.99 -29.91 -26.49
C LEU B 58 7.05 -30.18 -27.55
N GLU B 59 6.69 -30.00 -28.82
CA GLU B 59 7.65 -30.21 -29.91
C GLU B 59 8.76 -29.13 -29.84
N GLN B 60 8.35 -27.89 -29.65
CA GLN B 60 9.28 -26.80 -29.56
C GLN B 60 10.20 -26.97 -28.35
N CYS B 61 9.67 -27.52 -27.25
CA CYS B 61 10.50 -27.78 -26.08
C CYS B 61 11.52 -28.89 -26.38
N LYS B 62 11.07 -29.94 -27.05
CA LYS B 62 11.94 -31.07 -27.42
C LYS B 62 13.11 -30.58 -28.26
N ARG B 63 12.83 -29.73 -29.24
CA ARG B 63 13.87 -29.22 -30.13
C ARG B 63 14.90 -28.38 -29.42
N ARG B 64 14.58 -27.91 -28.21
CA ARG B 64 15.50 -27.08 -27.48
C ARG B 64 16.18 -27.80 -26.32
N GLY B 65 16.02 -29.12 -26.28
CA GLY B 65 16.75 -29.96 -25.32
C GLY B 65 16.05 -30.31 -24.03
N TYR B 66 14.88 -29.76 -23.79
CA TYR B 66 14.16 -30.04 -22.54
C TYR B 66 13.66 -31.48 -22.53
N ASN B 67 13.73 -32.12 -21.36
CA ASN B 67 13.25 -33.50 -21.22
C ASN B 67 12.26 -33.68 -20.08
N VAL B 68 11.99 -32.61 -19.35
CA VAL B 68 11.00 -32.63 -18.29
C VAL B 68 10.12 -31.35 -18.40
N ILE B 69 8.81 -31.54 -18.45
CA ILE B 69 7.87 -30.42 -18.51
C ILE B 69 7.08 -30.40 -17.23
N GLN B 70 7.25 -29.34 -16.41
CA GLN B 70 6.54 -29.25 -15.14
C GLN B 70 5.17 -28.61 -15.35
N VAL B 71 4.13 -29.25 -14.84
CA VAL B 71 2.79 -28.77 -15.05
C VAL B 71 2.01 -28.81 -13.77
N GLN B 72 1.01 -27.95 -13.68
CA GLN B 72 0.09 -27.99 -12.58
C GLN B 72 -1.06 -28.86 -13.00
N THR B 73 -1.06 -30.12 -12.53
CA THR B 73 -2.10 -31.05 -12.90
C THR B 73 -3.44 -30.44 -12.59
N LEU B 74 -3.56 -29.85 -11.41
CA LEU B 74 -4.73 -29.05 -11.00
C LEU B 74 -4.22 -27.72 -10.41
N ASN B 75 -4.84 -26.61 -10.80
CA ASN B 75 -4.50 -25.35 -10.20
C ASN B 75 -5.58 -24.92 -9.20
N ASN B 76 -6.78 -25.49 -9.36
CA ASN B 76 -7.91 -25.21 -8.49
C ASN B 76 -8.72 -26.47 -8.24
N VAL B 77 -9.69 -26.37 -7.33
CA VAL B 77 -10.58 -27.47 -7.03
C VAL B 77 -12.04 -27.01 -7.20
N PRO B 78 -12.66 -27.36 -8.34
CA PRO B 78 -12.08 -28.10 -9.45
C PRO B 78 -11.28 -27.20 -10.38
N SER B 79 -10.55 -27.82 -11.29
CA SER B 79 -9.84 -27.09 -12.31
C SER B 79 -10.67 -27.11 -13.58
N MSE B 80 -10.38 -26.20 -14.49
CA MSE B 80 -11.09 -26.11 -15.76
C MSE B 80 -10.08 -26.05 -16.87
O MSE B 80 -9.03 -25.43 -16.72
CB MSE B 80 -11.96 -24.84 -15.78
CG MSE B 80 -12.77 -24.66 -17.03
SE MSE B 80 -14.52 -25.45 -16.91
CE MSE B 80 -15.30 -24.15 -15.68
N ASN B 81 -10.34 -26.72 -18.00
CA ASN B 81 -9.44 -26.63 -19.13
C ASN B 81 -10.05 -25.78 -20.25
N ILE B 82 -9.28 -25.60 -21.32
CA ILE B 82 -9.66 -24.69 -22.41
C ILE B 82 -10.94 -25.10 -23.13
N TYR B 83 -11.27 -26.38 -23.06
CA TYR B 83 -12.48 -26.91 -23.72
C TYR B 83 -13.74 -26.72 -22.86
N GLY B 84 -13.56 -26.24 -21.65
CA GLY B 84 -14.69 -26.03 -20.74
C GLY B 84 -15.08 -27.30 -20.01
N GLN B 85 -14.07 -28.13 -19.72
CA GLN B 85 -14.28 -29.37 -18.96
C GLN B 85 -13.76 -29.22 -17.52
N TYR B 86 -14.50 -29.78 -16.56
CA TYR B 86 -14.11 -29.77 -15.14
C TYR B 86 -13.21 -30.97 -14.82
N SER B 87 -12.26 -30.77 -13.92
CA SER B 87 -11.38 -31.84 -13.46
C SER B 87 -12.12 -32.80 -12.50
N MSE B 88 -13.11 -32.28 -11.78
CA MSE B 88 -13.95 -33.11 -10.92
C MSE B 88 -15.41 -32.75 -11.09
O MSE B 88 -15.77 -31.59 -11.01
CB MSE B 88 -13.56 -32.97 -9.44
CG MSE B 88 -12.31 -33.79 -9.04
SE MSE B 88 -10.63 -32.89 -9.35
CE MSE B 88 -10.90 -31.45 -8.18
N THR B 89 -16.23 -33.76 -11.35
CA THR B 89 -17.65 -33.56 -11.61
C THR B 89 -18.51 -34.17 -10.47
N ASP B 90 -17.85 -34.62 -9.40
CA ASP B 90 -18.54 -35.18 -8.23
C ASP B 90 -17.60 -35.21 -7.03
N GLY B 91 -16.97 -34.07 -6.75
CA GLY B 91 -16.03 -33.96 -5.66
C GLY B 91 -14.85 -34.89 -5.86
N TYR B 92 -14.40 -35.51 -4.80
CA TYR B 92 -13.28 -36.44 -4.89
C TYR B 92 -13.73 -37.92 -5.15
N ASN B 93 -14.96 -38.08 -5.64
CA ASN B 93 -15.42 -39.38 -6.12
C ASN B 93 -15.07 -39.50 -7.61
N PHE B 94 -14.07 -40.31 -7.92
CA PHE B 94 -13.58 -40.44 -9.30
C PHE B 94 -14.13 -41.67 -10.01
N LYS B 95 -15.09 -42.35 -9.39
CA LYS B 95 -15.65 -43.58 -9.96
C LYS B 95 -16.18 -43.39 -11.39
N ASN B 96 -16.93 -42.33 -11.61
CA ASN B 96 -17.52 -42.07 -12.94
C ASN B 96 -16.97 -40.83 -13.61
N ILE B 97 -15.69 -40.59 -13.40
CA ILE B 97 -15.04 -39.45 -14.00
C ILE B 97 -15.00 -39.62 -15.54
N ASN B 98 -14.77 -40.85 -16.00
CA ASN B 98 -14.74 -41.13 -17.43
C ASN B 98 -16.14 -41.28 -17.98
N GLN B 99 -16.42 -40.60 -19.08
CA GLN B 99 -17.73 -40.67 -19.74
CA GLN B 99 -17.71 -40.69 -19.72
C GLN B 99 -17.53 -40.99 -21.20
N LYS B 100 -18.12 -42.08 -21.65
CA LYS B 100 -18.02 -42.50 -23.04
C LYS B 100 -18.50 -41.38 -23.98
N GLY B 101 -17.73 -41.12 -25.02
CA GLY B 101 -18.09 -40.10 -26.00
C GLY B 101 -17.84 -38.66 -25.55
N VAL B 102 -17.23 -38.49 -24.36
CA VAL B 102 -16.86 -37.14 -23.86
C VAL B 102 -15.34 -37.03 -23.70
N TYR B 103 -14.74 -36.01 -24.31
CA TYR B 103 -13.29 -35.76 -24.17
C TYR B 103 -13.11 -34.90 -22.91
N GLY B 104 -12.93 -35.56 -21.78
CA GLY B 104 -12.90 -34.89 -20.48
C GLY B 104 -11.58 -34.27 -20.11
N TYR B 105 -11.59 -33.56 -18.99
CA TYR B 105 -10.41 -32.91 -18.48
C TYR B 105 -9.22 -33.89 -18.42
N TRP B 106 -9.49 -35.11 -17.95
CA TRP B 106 -8.43 -36.11 -17.75
C TRP B 106 -8.06 -36.85 -19.03
N ASP B 107 -8.95 -36.82 -20.00
CA ASP B 107 -8.62 -37.36 -21.30
C ASP B 107 -7.62 -36.43 -21.97
N HIS B 108 -7.79 -35.13 -21.75
CA HIS B 108 -6.87 -34.17 -22.32
C HIS B 108 -5.53 -34.29 -21.59
N MSE B 109 -5.57 -34.48 -20.27
CA MSE B 109 -4.36 -34.74 -19.48
C MSE B 109 -3.67 -36.00 -20.08
O MSE B 109 -2.46 -35.98 -20.35
CB MSE B 109 -4.72 -34.98 -18.02
CG MSE B 109 -3.53 -35.02 -17.04
SE MSE B 109 -2.53 -33.32 -16.87
CE MSE B 109 -1.12 -33.72 -18.01
N ASP B 110 -4.45 -37.07 -20.31
CA ASP B 110 -3.89 -38.32 -20.95
C ASP B 110 -3.17 -37.97 -22.21
N TYR B 111 -3.85 -37.19 -23.07
CA TYR B 111 -3.27 -36.77 -24.38
C TYR B 111 -1.94 -36.02 -24.23
N ILE B 112 -1.90 -35.05 -23.32
CA ILE B 112 -0.67 -34.27 -23.10
C ILE B 112 0.48 -35.21 -22.71
N ILE B 113 0.20 -36.15 -21.80
CA ILE B 113 1.21 -37.13 -21.36
C ILE B 113 1.68 -38.02 -22.51
N ARG B 114 0.74 -38.51 -23.33
CA ARG B 114 1.10 -39.38 -24.49
C ARG B 114 1.86 -38.65 -25.54
N THR B 115 1.45 -37.40 -25.80
CA THR B 115 2.12 -36.59 -26.81
C THR B 115 3.57 -36.32 -26.37
N ALA B 116 3.74 -36.01 -25.11
CA ALA B 116 5.05 -35.80 -24.55
C ALA B 116 5.89 -37.09 -24.70
N ALA B 117 5.24 -38.24 -24.48
CA ALA B 117 5.91 -39.58 -24.58
C ALA B 117 6.49 -39.82 -25.98
N LYS B 118 5.72 -39.47 -27.00
CA LYS B 118 6.16 -39.59 -28.38
C LYS B 118 7.37 -38.69 -28.68
N LYS B 119 7.54 -37.64 -27.86
CA LYS B 119 8.62 -36.69 -28.08
C LYS B 119 9.80 -36.91 -27.13
N GLY B 120 9.66 -37.89 -26.24
CA GLY B 120 10.73 -38.25 -25.31
C GLY B 120 10.81 -37.32 -24.13
N LEU B 121 9.65 -36.77 -23.72
CA LEU B 121 9.61 -35.84 -22.59
C LEU B 121 8.80 -36.39 -21.43
N TYR B 122 9.30 -36.15 -20.21
CA TYR B 122 8.57 -36.50 -18.99
C TYR B 122 7.65 -35.35 -18.62
N ILE B 123 6.54 -35.68 -18.01
CA ILE B 123 5.68 -34.66 -17.47
C ILE B 123 5.83 -34.67 -15.99
N GLY B 124 6.29 -33.54 -15.44
CA GLY B 124 6.40 -33.37 -14.01
C GLY B 124 5.06 -32.95 -13.48
N MSE B 125 4.35 -33.88 -12.88
CA MSE B 125 3.00 -33.65 -12.45
C MSE B 125 2.91 -33.09 -11.03
O MSE B 125 3.13 -33.82 -10.05
CB MSE B 125 2.21 -34.98 -12.50
CG MSE B 125 2.09 -35.59 -13.90
SE MSE B 125 0.58 -34.95 -14.86
CE MSE B 125 -0.82 -35.85 -13.93
N VAL B 126 2.58 -31.79 -10.92
CA VAL B 126 2.26 -31.23 -9.64
C VAL B 126 0.79 -31.57 -9.43
N CYS B 127 0.57 -32.67 -8.73
CA CYS B 127 -0.78 -33.22 -8.49
C CYS B 127 -1.79 -32.16 -8.25
N ILE B 128 -1.46 -31.24 -7.36
CA ILE B 128 -2.33 -30.16 -7.03
C ILE B 128 -1.54 -29.02 -6.39
N TRP B 129 -1.68 -27.83 -6.96
CA TRP B 129 -0.96 -26.67 -6.48
C TRP B 129 -1.31 -26.42 -5.01
N GLY B 130 -0.38 -25.83 -4.27
CA GLY B 130 -0.55 -25.62 -2.84
C GLY B 130 -1.73 -24.78 -2.43
N SER B 131 -1.99 -23.70 -3.16
CA SER B 131 -3.07 -22.76 -2.78
C SER B 131 -4.37 -23.45 -2.34
N PRO B 132 -4.99 -24.21 -3.24
CA PRO B 132 -6.26 -24.82 -2.84
C PRO B 132 -6.11 -25.73 -1.61
N VAL B 133 -4.97 -26.40 -1.48
CA VAL B 133 -4.73 -27.29 -0.34
C VAL B 133 -4.59 -26.46 0.96
N SER B 134 -3.80 -25.38 0.89
CA SER B 134 -3.62 -24.50 2.05
C SER B 134 -4.94 -23.88 2.45
N HIS B 135 -5.85 -23.74 1.50
CA HIS B 135 -7.19 -23.18 1.77
C HIS B 135 -8.21 -24.25 2.16
N GLY B 136 -7.73 -25.46 2.44
CA GLY B 136 -8.59 -26.56 2.96
C GLY B 136 -9.48 -27.28 1.95
N GLU B 137 -9.16 -27.18 0.67
CA GLU B 137 -9.99 -27.80 -0.37
C GLU B 137 -9.60 -29.27 -0.66
N MSE B 138 -8.64 -29.79 0.10
CA MSE B 138 -8.24 -31.21 0.01
C MSE B 138 -7.80 -31.75 1.36
O MSE B 138 -6.66 -31.61 1.75
CB MSE B 138 -7.08 -31.42 -0.99
CG MSE B 138 -6.75 -32.91 -1.20
SE MSE B 138 -5.27 -33.28 -2.36
CE MSE B 138 -3.82 -32.86 -1.20
N ASN B 139 -8.72 -32.42 2.07
CA ASN B 139 -8.38 -33.03 3.36
C ASN B 139 -7.69 -34.38 3.17
N VAL B 140 -7.37 -35.04 4.27
CA VAL B 140 -6.62 -36.30 4.20
C VAL B 140 -7.34 -37.39 3.40
N ASP B 141 -8.64 -37.51 3.58
CA ASP B 141 -9.41 -38.52 2.88
C ASP B 141 -9.49 -38.21 1.39
N GLN B 142 -9.65 -36.93 1.07
CA GLN B 142 -9.70 -36.50 -0.32
C GLN B 142 -8.33 -36.71 -0.99
N ALA B 143 -7.25 -36.48 -0.24
CA ALA B 143 -5.89 -36.67 -0.76
C ALA B 143 -5.64 -38.13 -1.10
N LYS B 144 -6.18 -39.03 -0.26
CA LYS B 144 -6.03 -40.48 -0.49
C LYS B 144 -6.80 -40.88 -1.71
N ALA B 145 -8.01 -40.35 -1.84
CA ALA B 145 -8.86 -40.63 -3.00
C ALA B 145 -8.19 -40.11 -4.31
N TYR B 146 -7.69 -38.87 -4.28
CA TYR B 146 -7.06 -38.28 -5.46
C TYR B 146 -5.77 -38.99 -5.80
N GLY B 147 -5.02 -39.38 -4.77
CA GLY B 147 -3.77 -40.10 -4.98
C GLY B 147 -3.99 -41.45 -5.65
N LYS B 148 -5.02 -42.17 -5.20
CA LYS B 148 -5.35 -43.47 -5.78
CA LYS B 148 -5.36 -43.48 -5.78
C LYS B 148 -5.80 -43.31 -7.23
N PHE B 149 -6.64 -42.32 -7.47
CA PHE B 149 -7.10 -42.01 -8.83
C PHE B 149 -5.90 -41.78 -9.77
N LEU B 150 -5.00 -40.91 -9.36
CA LEU B 150 -3.82 -40.57 -10.17
C LEU B 150 -2.91 -41.78 -10.38
N ALA B 151 -2.61 -42.50 -9.31
CA ALA B 151 -1.72 -43.66 -9.40
C ALA B 151 -2.28 -44.72 -10.37
N GLU B 152 -3.54 -45.07 -10.20
CA GLU B 152 -4.17 -46.09 -11.06
CA GLU B 152 -4.19 -46.07 -11.06
C GLU B 152 -4.22 -45.62 -12.52
N ARG B 153 -4.46 -44.34 -12.73
CA ARG B 153 -4.56 -43.85 -14.09
C ARG B 153 -3.22 -43.75 -14.79
N TYR B 154 -2.16 -43.39 -14.04
CA TYR B 154 -0.87 -43.11 -14.70
C TYR B 154 0.33 -43.99 -14.32
N LYS B 155 0.14 -44.97 -13.45
CA LYS B 155 1.29 -45.83 -13.05
C LYS B 155 1.99 -46.47 -14.25
N ASP B 156 1.22 -46.81 -15.29
CA ASP B 156 1.79 -47.48 -16.47
C ASP B 156 2.18 -46.55 -17.62
N GLU B 157 2.03 -45.24 -17.43
CA GLU B 157 2.57 -44.26 -18.35
C GLU B 157 4.01 -44.07 -17.90
N PRO B 158 4.96 -44.31 -18.78
CA PRO B 158 6.37 -44.31 -18.35
C PRO B 158 6.98 -42.93 -18.09
N ASN B 159 6.48 -41.92 -18.79
CA ASN B 159 7.06 -40.58 -18.72
C ASN B 159 6.41 -39.66 -17.68
N ILE B 160 6.39 -40.10 -16.42
CA ILE B 160 5.82 -39.32 -15.32
C ILE B 160 6.84 -39.15 -14.18
N ILE B 161 6.86 -37.96 -13.59
CA ILE B 161 7.64 -37.68 -12.36
C ILE B 161 6.69 -36.95 -11.44
N TRP B 162 6.41 -37.53 -10.26
CA TRP B 162 5.43 -36.95 -9.33
C TRP B 162 5.98 -35.78 -8.51
N PHE B 163 5.23 -34.69 -8.49
CA PHE B 163 5.57 -33.49 -7.71
C PHE B 163 4.53 -33.29 -6.64
N ILE B 164 4.89 -33.56 -5.41
CA ILE B 164 4.04 -33.29 -4.30
C ILE B 164 4.23 -31.81 -3.95
N GLY B 165 3.24 -31.20 -3.32
CA GLY B 165 3.31 -29.80 -2.96
C GLY B 165 2.99 -28.89 -4.12
N GLY B 166 3.68 -27.76 -4.21
CA GLY B 166 3.41 -26.75 -5.24
C GLY B 166 3.41 -25.37 -4.63
N ASP B 167 4.60 -24.77 -4.56
CA ASP B 167 4.81 -23.45 -3.95
C ASP B 167 4.18 -23.39 -2.55
N ILE B 168 4.55 -24.34 -1.69
CA ILE B 168 4.00 -24.41 -0.35
C ILE B 168 5.03 -25.03 0.61
N ARG B 169 5.02 -24.57 1.87
CA ARG B 169 5.93 -25.12 2.87
CA ARG B 169 5.93 -25.09 2.87
C ARG B 169 5.52 -26.51 3.25
N GLY B 170 6.50 -27.37 3.47
CA GLY B 170 6.24 -28.75 3.82
C GLY B 170 5.55 -28.91 5.16
N ASP B 171 5.63 -27.88 6.01
CA ASP B 171 5.01 -27.92 7.32
C ASP B 171 3.62 -27.35 7.30
N VAL B 172 3.09 -27.12 6.09
CA VAL B 172 1.72 -26.66 5.92
C VAL B 172 0.92 -27.78 5.29
N LYS B 173 -0.18 -28.17 5.95
CA LYS B 173 -1.01 -29.30 5.49
C LYS B 173 -0.12 -30.54 5.23
N THR B 174 0.83 -30.77 6.13
CA THR B 174 1.77 -31.86 6.01
C THR B 174 1.08 -33.21 5.91
N ALA B 175 0.06 -33.41 6.75
CA ALA B 175 -0.68 -34.66 6.78
C ALA B 175 -1.28 -34.96 5.41
N GLU B 176 -1.84 -33.94 4.78
CA GLU B 176 -2.47 -34.10 3.47
C GLU B 176 -1.43 -34.48 2.39
N TRP B 177 -0.27 -33.82 2.38
CA TRP B 177 0.76 -34.13 1.40
C TRP B 177 1.31 -35.55 1.59
N GLU B 178 1.42 -35.98 2.83
CA GLU B 178 1.90 -37.32 3.16
C GLU B 178 0.87 -38.35 2.68
N ALA B 179 -0.40 -38.05 2.90
CA ALA B 179 -1.49 -38.91 2.47
C ALA B 179 -1.48 -39.05 0.93
N LEU B 180 -1.39 -37.92 0.25
CA LEU B 180 -1.34 -37.91 -1.20
C LEU B 180 -0.10 -38.69 -1.70
N ALA B 181 1.04 -38.40 -1.12
CA ALA B 181 2.30 -39.04 -1.52
C ALA B 181 2.31 -40.57 -1.31
N THR B 182 1.89 -41.01 -0.15
CA THR B 182 1.95 -42.43 0.17
C THR B 182 0.89 -43.20 -0.59
N SER B 183 -0.27 -42.57 -0.80
CA SER B 183 -1.35 -43.18 -1.58
C SER B 183 -0.89 -43.48 -3.01
N ILE B 184 -0.17 -42.53 -3.61
CA ILE B 184 0.36 -42.73 -4.96
C ILE B 184 1.39 -43.86 -4.99
N LYS B 185 2.40 -43.77 -4.10
CA LYS B 185 3.50 -44.76 -4.05
C LYS B 185 3.03 -46.18 -3.67
N ALA B 186 1.93 -46.28 -2.93
CA ALA B 186 1.37 -47.57 -2.56
C ALA B 186 0.93 -48.33 -3.83
N ILE B 187 0.54 -47.58 -4.88
CA ILE B 187 0.06 -48.19 -6.14
C ILE B 187 1.09 -48.07 -7.27
N ASP B 188 1.72 -46.90 -7.39
CA ASP B 188 2.68 -46.64 -8.46
C ASP B 188 4.12 -46.86 -7.99
N LYS B 189 4.74 -47.93 -8.47
CA LYS B 189 6.11 -48.27 -8.10
C LYS B 189 7.06 -47.95 -9.22
N ASN B 190 6.61 -47.19 -10.22
CA ASN B 190 7.39 -46.98 -11.43
C ASN B 190 7.96 -45.57 -11.63
N HIS B 191 7.64 -44.64 -10.74
CA HIS B 191 8.06 -43.24 -10.93
C HIS B 191 8.65 -42.61 -9.71
N LEU B 192 9.58 -41.70 -9.94
CA LEU B 192 10.19 -40.99 -8.85
C LEU B 192 9.26 -39.88 -8.39
N MSE B 193 9.55 -39.34 -7.20
CA MSE B 193 8.70 -38.36 -6.59
C MSE B 193 9.52 -37.33 -5.82
O MSE B 193 10.59 -37.65 -5.26
CB MSE B 193 7.73 -39.07 -5.65
CG MSE B 193 6.78 -38.19 -4.94
SE MSE B 193 5.55 -39.22 -3.90
CE MSE B 193 4.45 -39.96 -5.35
N THR B 194 9.04 -36.09 -5.82
CA THR B 194 9.70 -35.01 -5.13
C THR B 194 8.66 -34.09 -4.51
N PHE B 195 9.11 -32.97 -3.95
CA PHE B 195 8.19 -32.01 -3.34
C PHE B 195 8.59 -30.59 -3.75
N HIS B 196 7.64 -29.83 -4.31
CA HIS B 196 7.91 -28.44 -4.78
C HIS B 196 7.55 -27.47 -3.67
N PRO B 197 8.57 -26.80 -3.11
CA PRO B 197 8.37 -25.99 -1.91
C PRO B 197 8.16 -24.49 -2.14
N ARG B 198 7.95 -23.78 -1.03
CA ARG B 198 7.72 -22.33 -1.04
C ARG B 198 8.96 -21.64 -1.50
N GLY B 199 8.81 -20.41 -1.99
CA GLY B 199 9.95 -19.64 -2.45
C GLY B 199 11.01 -19.53 -1.35
N ARG B 200 12.27 -19.68 -1.73
CA ARG B 200 13.40 -19.53 -0.79
C ARG B 200 13.47 -20.68 0.25
N THR B 201 12.91 -21.84 -0.09
CA THR B 201 12.98 -23.01 0.80
C THR B 201 13.31 -24.26 0.00
N THR B 202 13.70 -25.30 0.71
CA THR B 202 14.02 -26.56 0.08
C THR B 202 13.23 -27.67 0.73
N SER B 203 12.81 -28.65 -0.09
CA SER B 203 12.08 -29.79 0.41
C SER B 203 12.91 -30.50 1.48
N ALA B 204 14.22 -30.53 1.27
CA ALA B 204 15.16 -31.17 2.20
C ALA B 204 14.85 -30.82 3.66
N THR B 205 14.37 -29.60 3.88
CA THR B 205 14.10 -29.13 5.22
C THR B 205 13.07 -29.98 5.96
N TRP B 206 12.08 -30.48 5.25
CA TRP B 206 11.01 -31.21 5.88
C TRP B 206 10.95 -32.68 5.52
N PHE B 207 11.53 -33.08 4.37
CA PHE B 207 11.33 -34.45 3.87
C PHE B 207 12.56 -35.19 3.39
N ASN B 208 13.74 -34.80 3.85
CA ASN B 208 14.94 -35.49 3.40
C ASN B 208 14.93 -37.00 3.74
N ASN B 209 14.28 -37.35 4.86
CA ASN B 209 14.25 -38.73 5.32
CA ASN B 209 14.24 -38.75 5.30
C ASN B 209 12.94 -39.44 4.94
N ALA B 210 12.02 -38.70 4.30
CA ALA B 210 10.73 -39.28 3.88
C ALA B 210 11.03 -40.31 2.82
N PRO B 211 10.60 -41.56 3.05
CA PRO B 211 10.89 -42.61 2.09
C PRO B 211 10.21 -42.38 0.73
N TRP B 212 9.12 -41.64 0.71
CA TRP B 212 8.45 -41.37 -0.55
C TRP B 212 9.21 -40.33 -1.42
N LEU B 213 10.05 -39.52 -0.80
CA LEU B 213 10.79 -38.50 -1.57
C LEU B 213 12.11 -39.05 -2.09
N ASP B 214 12.18 -39.22 -3.40
CA ASP B 214 13.36 -39.76 -4.05
C ASP B 214 14.47 -38.72 -4.20
N PHE B 215 14.08 -37.46 -4.44
CA PHE B 215 15.06 -36.38 -4.58
C PHE B 215 14.46 -35.06 -4.10
N ASN B 216 15.32 -34.15 -3.69
CA ASN B 216 14.89 -32.86 -3.17
C ASN B 216 14.74 -31.80 -4.25
N MSE B 217 13.92 -30.80 -3.95
CA MSE B 217 13.70 -29.70 -4.86
C MSE B 217 13.56 -28.42 -4.07
O MSE B 217 13.04 -28.42 -2.94
CB MSE B 217 12.42 -29.96 -5.68
CG MSE B 217 12.05 -28.81 -6.62
SE MSE B 217 10.59 -29.31 -7.81
CE MSE B 217 11.59 -30.28 -9.07
N PHE B 218 14.06 -27.33 -4.62
CA PHE B 218 13.88 -26.04 -3.99
C PHE B 218 13.45 -24.99 -5.01
N GLN B 219 12.94 -23.88 -4.51
CA GLN B 219 12.54 -22.75 -5.34
C GLN B 219 13.43 -21.52 -5.00
N SER B 220 14.37 -21.20 -5.87
CA SER B 220 15.26 -20.05 -5.65
C SER B 220 14.64 -18.72 -6.12
N GLY B 221 13.71 -18.77 -7.06
CA GLY B 221 13.06 -17.52 -7.56
C GLY B 221 12.25 -16.87 -6.46
N HIS B 222 11.92 -15.56 -6.59
CA HIS B 222 12.31 -14.74 -7.75
C HIS B 222 12.81 -13.34 -7.29
N ARG B 223 13.26 -13.25 -6.04
CA ARG B 223 13.74 -11.99 -5.47
C ARG B 223 15.19 -11.76 -5.77
N ARG B 224 15.56 -10.48 -5.86
CA ARG B 224 16.96 -10.11 -6.03
C ARG B 224 17.61 -9.96 -4.65
N TYR B 225 18.93 -9.80 -4.61
CA TYR B 225 19.64 -9.58 -3.35
C TYR B 225 18.99 -8.46 -2.55
N GLY B 226 18.73 -8.72 -1.27
CA GLY B 226 18.24 -7.71 -0.34
C GLY B 226 16.83 -7.23 -0.52
N GLN B 227 16.04 -7.99 -1.25
CA GLN B 227 14.67 -7.58 -1.55
C GLN B 227 13.69 -8.19 -0.56
N ARG B 228 13.18 -7.35 0.32
CA ARG B 228 12.22 -7.77 1.34
C ARG B 228 10.96 -6.95 1.22
N PHE B 229 9.84 -7.52 1.62
CA PHE B 229 8.59 -6.81 1.63
C PHE B 229 8.01 -6.89 3.03
N GLY B 230 8.91 -6.97 4.02
CA GLY B 230 8.53 -7.08 5.42
C GLY B 230 9.74 -7.26 6.33
N ASP B 231 9.48 -7.40 7.63
CA ASP B 231 10.54 -7.53 8.64
C ASP B 231 10.44 -8.85 9.45
N GLY B 232 9.43 -9.67 9.13
CA GLY B 232 9.22 -10.93 9.83
C GLY B 232 10.28 -11.98 9.54
N ASP B 233 10.02 -13.22 9.94
CA ASP B 233 10.97 -14.32 9.73
C ASP B 233 11.28 -14.54 8.24
N TYR B 234 12.50 -14.94 7.96
CA TYR B 234 12.95 -15.13 6.62
C TYR B 234 13.73 -16.44 6.58
N PRO B 235 13.40 -17.33 5.64
CA PRO B 235 14.02 -18.66 5.60
C PRO B 235 15.47 -18.67 5.15
N ILE B 236 15.99 -17.55 4.72
CA ILE B 236 17.38 -17.49 4.30
C ILE B 236 18.12 -16.32 4.95
N GLU B 237 19.43 -16.32 4.81
CA GLU B 237 20.28 -15.27 5.32
C GLU B 237 20.09 -13.98 4.46
N GLU B 238 20.05 -12.82 5.13
CA GLU B 238 19.92 -11.51 4.48
CA GLU B 238 19.87 -11.55 4.45
C GLU B 238 20.89 -11.40 3.33
N ASN B 239 20.44 -10.81 2.21
CA ASN B 239 21.31 -10.57 1.05
C ASN B 239 21.91 -11.82 0.41
N THR B 240 21.20 -12.94 0.47
CA THR B 240 21.67 -14.18 -0.17
C THR B 240 20.64 -14.70 -1.21
N GLU B 241 19.61 -13.90 -1.48
CA GLU B 241 18.52 -14.30 -2.40
C GLU B 241 18.98 -14.94 -3.70
N GLU B 242 19.97 -14.35 -4.33
CA GLU B 242 20.41 -14.83 -5.66
C GLU B 242 21.47 -15.93 -5.61
N ASP B 243 21.88 -16.33 -4.40
CA ASP B 243 22.88 -17.39 -4.26
C ASP B 243 22.17 -18.74 -4.20
N ASN B 244 21.60 -19.18 -5.32
CA ASN B 244 20.87 -20.44 -5.31
C ASN B 244 21.80 -21.66 -5.03
N TRP B 245 23.13 -21.45 -5.15
CA TRP B 245 24.09 -22.49 -4.81
C TRP B 245 24.05 -22.83 -3.31
N ARG B 246 23.53 -21.90 -2.52
CA ARG B 246 23.40 -22.14 -1.08
C ARG B 246 22.33 -23.19 -0.78
N PHE B 247 21.23 -23.18 -1.55
CA PHE B 247 20.18 -24.17 -1.33
C PHE B 247 20.71 -25.56 -1.59
N VAL B 248 21.53 -25.70 -2.62
CA VAL B 248 22.11 -26.98 -2.98
C VAL B 248 22.95 -27.53 -1.82
N GLU B 249 23.90 -26.71 -1.33
CA GLU B 249 24.77 -27.10 -0.21
C GLU B 249 23.99 -27.56 0.98
N ARG B 250 23.03 -26.73 1.38
CA ARG B 250 22.24 -26.99 2.58
C ARG B 250 21.35 -28.21 2.45
N SER B 251 20.92 -28.52 1.23
CA SER B 251 20.08 -29.69 0.99
C SER B 251 20.90 -30.96 1.04
N MSE B 252 22.00 -30.97 0.33
CA MSE B 252 22.84 -32.14 0.24
C MSE B 252 23.67 -32.37 1.54
O MSE B 252 24.22 -33.46 1.74
CB MSE B 252 23.74 -32.06 -0.98
CG MSE B 252 22.94 -31.79 -2.31
SE MSE B 252 24.01 -31.94 -3.84
CE MSE B 252 24.03 -33.92 -4.05
N ALA B 253 23.69 -31.36 2.42
CA ALA B 253 24.39 -31.48 3.70
C ALA B 253 23.53 -32.31 4.65
N MSE B 254 22.24 -32.42 4.35
CA MSE B 254 21.35 -33.25 5.15
C MSE B 254 21.46 -34.72 4.73
O MSE B 254 21.37 -35.06 3.55
CB MSE B 254 19.92 -32.75 5.08
CG MSE B 254 19.64 -31.65 6.14
SE MSE B 254 17.94 -30.90 5.94
CE MSE B 254 18.28 -29.85 4.36
N LYS B 255 21.75 -35.56 5.71
CA LYS B 255 22.05 -36.96 5.46
C LYS B 255 20.98 -37.88 6.03
N PRO B 256 20.81 -39.07 5.42
CA PRO B 256 21.55 -39.51 4.22
C PRO B 256 21.31 -38.61 3.02
N MSE B 257 22.33 -38.44 2.18
CA MSE B 257 22.29 -37.51 1.07
C MSE B 257 21.42 -37.99 -0.12
O MSE B 257 21.58 -39.12 -0.60
CB MSE B 257 23.71 -37.22 0.57
CG MSE B 257 23.79 -36.15 -0.47
SE MSE B 257 25.57 -35.77 -0.98
CE MSE B 257 26.10 -37.50 -1.69
N LYS B 258 20.55 -37.09 -0.62
CA LYS B 258 19.73 -37.37 -1.82
C LYS B 258 20.02 -36.28 -2.88
N PRO B 259 19.66 -36.55 -4.15
CA PRO B 259 19.91 -35.54 -5.14
C PRO B 259 19.04 -34.30 -4.91
N VAL B 260 19.43 -33.18 -5.48
CA VAL B 260 18.65 -31.92 -5.33
C VAL B 260 18.63 -31.16 -6.64
N ILE B 261 17.62 -30.35 -6.83
CA ILE B 261 17.50 -29.57 -8.05
C ILE B 261 16.74 -28.28 -7.79
N ASP B 262 17.04 -27.25 -8.57
CA ASP B 262 16.28 -26.00 -8.49
C ASP B 262 15.09 -26.15 -9.42
N GLY B 263 13.93 -26.41 -8.85
CA GLY B 263 12.72 -26.63 -9.63
C GLY B 263 11.98 -25.36 -10.02
N GLU B 264 12.44 -24.22 -9.49
CA GLU B 264 11.85 -22.93 -9.84
C GLU B 264 12.80 -21.78 -9.52
N PRO B 265 13.76 -21.55 -10.38
CA PRO B 265 14.63 -20.41 -10.23
C PRO B 265 13.89 -19.19 -10.74
N ILE B 266 14.59 -18.09 -10.91
CA ILE B 266 13.99 -16.93 -11.51
C ILE B 266 13.46 -17.30 -12.90
N TYR B 267 12.35 -16.70 -13.31
CA TYR B 267 11.83 -16.92 -14.64
C TYR B 267 12.27 -15.79 -15.56
N GLU B 268 12.58 -16.12 -16.80
CA GLU B 268 12.98 -15.13 -17.75
C GLU B 268 11.82 -14.13 -17.97
N GLU B 269 12.16 -12.84 -17.90
CA GLU B 269 11.19 -11.72 -18.12
C GLU B 269 10.16 -11.54 -17.00
N ILE B 270 10.36 -12.18 -15.85
CA ILE B 270 9.49 -11.94 -14.69
C ILE B 270 10.16 -10.81 -13.88
N PRO B 271 9.38 -9.94 -13.24
CA PRO B 271 9.99 -8.82 -12.52
C PRO B 271 10.66 -9.23 -11.20
N HIS B 272 11.77 -8.56 -10.87
CA HIS B 272 12.47 -8.78 -9.60
C HIS B 272 11.47 -8.74 -8.45
N GLY B 273 11.27 -9.86 -7.79
CA GLY B 273 10.39 -9.90 -6.60
C GLY B 273 8.92 -10.12 -6.89
N LEU B 274 8.56 -10.17 -8.18
CA LEU B 274 7.16 -10.47 -8.61
C LEU B 274 6.14 -9.33 -8.42
N HIS B 275 6.12 -8.74 -7.24
CA HIS B 275 5.09 -7.76 -6.86
C HIS B 275 5.00 -6.49 -7.72
N ASP B 276 6.12 -5.91 -8.07
CA ASP B 276 6.10 -4.69 -8.90
C ASP B 276 6.36 -5.02 -10.36
N GLU B 277 5.32 -4.94 -11.17
CA GLU B 277 5.45 -5.26 -12.60
C GLU B 277 6.35 -4.27 -13.35
N ASN B 278 6.62 -3.12 -12.74
CA ASN B 278 7.50 -2.11 -13.37
C ASN B 278 8.95 -2.22 -12.91
N GLU B 279 9.25 -3.25 -12.12
CA GLU B 279 10.63 -3.50 -11.69
C GLU B 279 11.41 -4.04 -12.84
N LEU B 280 12.72 -4.13 -12.67
CA LEU B 280 13.58 -4.75 -13.66
C LEU B 280 13.13 -6.16 -13.86
N LEU B 281 13.43 -6.70 -15.04
CA LEU B 281 13.09 -8.07 -15.36
C LEU B 281 14.35 -8.92 -15.37
N TRP B 282 14.21 -10.18 -14.94
CA TRP B 282 15.30 -11.12 -15.00
C TRP B 282 15.54 -11.43 -16.49
N LYS B 283 16.82 -11.47 -16.89
CA LYS B 283 17.17 -11.66 -18.29
C LYS B 283 17.90 -12.97 -18.53
N ASP B 284 18.29 -13.22 -19.78
CA ASP B 284 18.96 -14.45 -20.14
C ASP B 284 20.26 -14.66 -19.33
N TYR B 285 21.03 -13.59 -19.10
CA TYR B 285 22.27 -13.72 -18.33
C TYR B 285 21.98 -14.13 -16.88
N ASP B 286 20.88 -13.64 -16.33
CA ASP B 286 20.49 -14.05 -14.99
C ASP B 286 20.08 -15.51 -14.98
N VAL B 287 19.27 -15.88 -15.97
CA VAL B 287 18.79 -17.26 -16.10
C VAL B 287 19.94 -18.27 -16.19
N ARG B 288 20.96 -17.93 -16.97
CA ARG B 288 22.11 -18.79 -17.10
C ARG B 288 22.87 -18.89 -15.77
N ARG B 289 23.03 -17.76 -15.09
CA ARG B 289 23.77 -17.73 -13.83
C ARG B 289 23.15 -18.69 -12.82
N TYR B 290 21.83 -18.60 -12.66
CA TYR B 290 21.11 -19.50 -11.73
C TYR B 290 21.28 -20.97 -12.12
N ALA B 291 21.31 -21.24 -13.43
CA ALA B 291 21.39 -22.60 -13.92
C ALA B 291 22.76 -23.21 -13.62
N TYR B 292 23.81 -22.52 -14.03
CA TYR B 292 25.16 -23.02 -13.82
C TYR B 292 25.57 -23.02 -12.35
N TRP B 293 25.07 -22.06 -11.59
CA TRP B 293 25.37 -22.01 -10.17
C TRP B 293 24.75 -23.19 -9.44
N SER B 294 23.53 -23.56 -9.80
CA SER B 294 22.85 -24.68 -9.14
C SER B 294 23.51 -26.01 -9.48
N VAL B 295 23.75 -26.21 -10.76
CA VAL B 295 24.36 -27.44 -11.23
C VAL B 295 25.83 -27.59 -10.73
N PHE B 296 26.63 -26.52 -10.85
CA PHE B 296 28.04 -26.56 -10.38
C PHE B 296 28.14 -26.66 -8.85
N ALA B 297 27.06 -26.33 -8.17
CA ALA B 297 27.00 -26.49 -6.72
C ALA B 297 26.69 -27.96 -6.36
N GLY B 298 26.21 -28.74 -7.34
CA GLY B 298 25.93 -30.16 -7.14
C GLY B 298 24.54 -30.66 -7.56
N SER B 299 23.69 -29.77 -8.09
CA SER B 299 22.35 -30.20 -8.53
C SER B 299 22.50 -31.17 -9.68
N PHE B 300 21.58 -32.14 -9.77
CA PHE B 300 21.66 -33.19 -10.80
C PHE B 300 21.14 -32.72 -12.15
N GLY B 301 20.50 -31.56 -12.16
CA GLY B 301 19.97 -30.97 -13.37
C GLY B 301 19.44 -29.58 -13.08
N HIS B 302 18.63 -29.04 -13.98
CA HIS B 302 18.05 -27.72 -13.77
C HIS B 302 16.73 -27.55 -14.49
N THR B 303 15.80 -26.85 -13.83
CA THR B 303 14.54 -26.48 -14.42
C THR B 303 14.55 -24.98 -14.75
N TYR B 304 14.18 -24.66 -15.99
CA TYR B 304 14.08 -23.30 -16.47
C TYR B 304 12.62 -22.90 -16.52
N GLY B 305 12.38 -21.59 -16.43
CA GLY B 305 11.02 -21.05 -16.53
C GLY B 305 11.00 -19.67 -17.20
N HIS B 306 9.90 -19.37 -17.88
CA HIS B 306 9.70 -18.06 -18.54
C HIS B 306 8.34 -17.54 -18.11
N ASN B 307 8.28 -16.27 -17.76
CA ASN B 307 7.03 -15.63 -17.32
C ASN B 307 5.84 -15.88 -18.25
N SER B 308 6.04 -15.69 -19.55
CA SER B 308 4.93 -15.84 -20.52
C SER B 308 4.54 -17.29 -20.80
N ILE B 309 5.54 -18.15 -20.95
CA ILE B 309 5.31 -19.59 -21.26
C ILE B 309 4.61 -20.27 -20.09
N MSE B 310 5.17 -20.03 -18.92
CA MSE B 310 4.71 -20.52 -17.65
C MSE B 310 3.13 -20.40 -17.47
O MSE B 310 2.47 -21.34 -16.96
CB MSE B 310 5.48 -19.68 -16.57
CG MSE B 310 5.20 -19.91 -15.26
SE MSE B 310 3.88 -18.84 -14.59
CE MSE B 310 4.81 -17.20 -14.14
N GLN B 311 2.58 -19.26 -17.88
CA GLN B 311 1.13 -19.04 -17.74
C GLN B 311 0.40 -19.14 -19.08
N PHE B 312 1.16 -19.52 -20.10
CA PHE B 312 0.62 -19.63 -21.47
C PHE B 312 -0.26 -18.46 -21.83
N ILE B 313 0.32 -17.28 -21.73
CA ILE B 313 -0.40 -16.08 -21.98
C ILE B 313 -0.70 -15.91 -23.47
N LYS B 314 -1.94 -15.55 -23.77
CA LYS B 314 -2.38 -15.36 -25.14
C LYS B 314 -2.98 -13.98 -25.31
N PRO B 315 -3.03 -13.49 -26.55
CA PRO B 315 -3.70 -12.21 -26.77
C PRO B 315 -5.15 -12.30 -26.29
N GLY B 316 -5.64 -11.25 -25.66
CA GLY B 316 -7.02 -11.24 -25.15
C GLY B 316 -7.13 -11.79 -23.71
N VAL B 317 -5.99 -12.08 -23.10
CA VAL B 317 -5.97 -12.61 -21.73
C VAL B 317 -4.99 -11.82 -20.87
N GLY B 318 -5.34 -11.64 -19.61
CA GLY B 318 -4.54 -10.88 -18.69
C GLY B 318 -3.34 -11.67 -18.21
N GLY B 319 -2.18 -11.06 -18.31
CA GLY B 319 -0.97 -11.69 -17.85
C GLY B 319 -0.64 -11.31 -16.43
N ALA B 320 -0.15 -12.27 -15.68
CA ALA B 320 0.30 -12.01 -14.34
C ALA B 320 1.75 -11.56 -14.41
N TYR B 321 2.18 -10.76 -13.42
CA TYR B 321 3.57 -10.28 -13.32
C TYR B 321 4.01 -9.51 -14.56
N GLY B 322 3.08 -8.77 -15.15
CA GLY B 322 3.35 -7.92 -16.27
C GLY B 322 3.61 -8.63 -17.58
N ALA B 323 3.37 -9.94 -17.64
CA ALA B 323 3.56 -10.70 -18.90
C ALA B 323 2.65 -10.15 -19.98
N LYS B 324 3.22 -9.86 -21.14
CA LYS B 324 2.43 -9.37 -22.29
C LYS B 324 2.72 -10.19 -23.53
N LYS B 325 3.97 -10.57 -23.71
CA LYS B 325 4.37 -11.36 -24.87
C LYS B 325 3.68 -12.72 -24.86
N PRO B 326 3.02 -13.07 -25.96
CA PRO B 326 2.37 -14.37 -26.02
C PRO B 326 3.37 -15.50 -25.81
N TRP B 327 2.91 -16.58 -25.20
CA TRP B 327 3.76 -17.72 -24.91
C TRP B 327 4.49 -18.23 -26.16
N TYR B 328 3.79 -18.23 -27.31
CA TYR B 328 4.41 -18.73 -28.55
C TYR B 328 5.50 -17.81 -29.09
N ASP B 329 5.48 -16.55 -28.71
CA ASP B 329 6.55 -15.62 -29.10
C ASP B 329 7.73 -15.75 -28.12
N ALA B 330 7.43 -16.03 -26.84
CA ALA B 330 8.49 -16.21 -25.82
C ALA B 330 9.38 -17.43 -26.15
N LEU B 331 8.90 -18.31 -27.04
CA LEU B 331 9.71 -19.48 -27.47
C LEU B 331 10.98 -19.01 -28.20
N ASN B 332 11.01 -17.74 -28.58
CA ASN B 332 12.15 -17.19 -29.27
C ASN B 332 13.09 -16.38 -28.36
N ASP B 333 12.74 -16.25 -27.08
CA ASP B 333 13.61 -15.51 -26.15
C ASP B 333 14.91 -16.30 -25.89
N PRO B 334 16.02 -15.58 -25.65
CA PRO B 334 17.37 -16.17 -25.54
C PRO B 334 17.56 -17.22 -24.41
N GLY B 335 17.15 -16.90 -23.20
CA GLY B 335 17.31 -17.83 -22.06
C GLY B 335 16.78 -19.21 -22.38
N TYR B 336 15.51 -19.26 -22.78
CA TYR B 336 14.84 -20.51 -23.16
C TYR B 336 15.65 -21.29 -24.18
N ASN B 337 16.34 -20.57 -25.06
CA ASN B 337 17.13 -21.18 -26.13
C ASN B 337 18.62 -21.46 -25.78
N GLN B 338 18.99 -21.16 -24.54
CA GLN B 338 20.38 -21.34 -24.09
C GLN B 338 20.55 -22.51 -23.11
N MSE B 339 19.46 -22.99 -22.54
CA MSE B 339 19.53 -24.08 -21.56
C MSE B 339 20.15 -25.38 -22.15
O MSE B 339 20.79 -26.14 -21.45
CB MSE B 339 18.16 -24.36 -20.99
CG MSE B 339 17.58 -23.23 -20.14
SE MSE B 339 18.63 -22.81 -18.60
CE MSE B 339 19.85 -21.58 -19.37
N LYS B 340 19.94 -25.60 -23.44
CA LYS B 340 20.46 -26.78 -24.09
C LYS B 340 21.99 -26.89 -23.99
N TYR B 341 22.68 -25.75 -23.92
CA TYR B 341 24.17 -25.74 -23.87
C TYR B 341 24.68 -26.23 -22.49
N LEU B 342 23.83 -26.09 -21.48
CA LEU B 342 24.15 -26.63 -20.16
C LEU B 342 24.05 -28.16 -20.25
N LYS B 343 22.95 -28.64 -20.83
CA LYS B 343 22.75 -30.07 -20.99
C LYS B 343 23.90 -30.70 -21.79
N ASN B 344 24.20 -30.12 -22.94
CA ASN B 344 25.25 -30.63 -23.79
C ASN B 344 26.58 -30.70 -23.04
N LEU B 345 26.87 -29.68 -22.26
CA LEU B 345 28.13 -29.62 -21.51
C LEU B 345 28.26 -30.76 -20.53
N MSE B 346 27.27 -30.91 -19.67
CA MSE B 346 27.33 -31.89 -18.59
C MSE B 346 27.32 -33.35 -19.08
O MSE B 346 27.82 -34.24 -18.38
CB MSE B 346 26.17 -31.65 -17.60
CG MSE B 346 26.04 -30.21 -17.14
SE MSE B 346 27.71 -29.47 -16.45
CE MSE B 346 27.79 -30.43 -14.79
N LEU B 347 26.73 -33.60 -20.24
CA LEU B 347 26.69 -34.95 -20.80
C LEU B 347 27.95 -35.27 -21.59
N THR B 348 28.88 -34.31 -21.66
CA THR B 348 30.11 -34.50 -22.40
C THR B 348 31.20 -35.14 -21.53
N PHE B 349 31.00 -35.13 -20.22
CA PHE B 349 32.02 -35.62 -19.28
C PHE B 349 31.49 -36.67 -18.36
N PRO B 350 32.41 -37.51 -17.78
CA PRO B 350 32.01 -38.53 -16.82
C PRO B 350 30.98 -37.96 -15.85
N PHE B 351 29.84 -38.60 -15.79
CA PHE B 351 28.68 -38.05 -15.14
C PHE B 351 28.55 -38.28 -13.63
N PHE B 352 28.61 -39.55 -13.22
CA PHE B 352 28.30 -39.92 -11.80
C PHE B 352 29.38 -39.62 -10.77
N GLU B 353 30.63 -39.50 -11.20
CA GLU B 353 31.71 -39.19 -10.25
C GLU B 353 31.89 -37.69 -10.05
N ARG B 354 31.02 -36.88 -10.67
CA ARG B 354 31.14 -35.43 -10.53
C ARG B 354 30.79 -35.00 -9.13
N VAL B 355 31.59 -34.07 -8.60
CA VAL B 355 31.33 -33.49 -7.29
C VAL B 355 31.60 -32.00 -7.35
N PRO B 356 30.88 -31.22 -6.56
CA PRO B 356 31.22 -29.83 -6.46
C PRO B 356 32.53 -29.71 -5.67
N ASP B 357 33.38 -28.74 -6.03
CA ASP B 357 34.65 -28.60 -5.31
C ASP B 357 35.22 -27.18 -5.43
N GLN B 358 34.92 -26.35 -4.46
CA GLN B 358 35.43 -24.97 -4.46
C GLN B 358 36.98 -24.92 -4.27
N SER B 359 37.58 -26.00 -3.75
CA SER B 359 39.05 -26.01 -3.54
C SER B 359 39.75 -26.00 -4.88
N VAL B 360 39.01 -26.23 -5.95
CA VAL B 360 39.57 -26.14 -7.30
C VAL B 360 39.94 -24.68 -7.59
N ILE B 361 39.31 -23.76 -6.85
CA ILE B 361 39.56 -22.34 -7.01
C ILE B 361 40.55 -21.86 -5.96
N ALA B 362 41.75 -21.51 -6.39
CA ALA B 362 42.81 -21.05 -5.50
C ALA B 362 42.75 -19.55 -5.35
N GLY B 363 43.44 -19.04 -4.33
CA GLY B 363 43.50 -17.62 -4.10
C GLY B 363 42.22 -17.07 -3.48
N GLN B 364 41.96 -15.81 -3.75
CA GLN B 364 40.80 -15.14 -3.20
C GLN B 364 39.66 -15.13 -4.22
N ASN B 365 38.56 -15.81 -3.88
CA ASN B 365 37.40 -15.85 -4.75
C ASN B 365 36.52 -14.61 -4.54
N GLY B 366 35.76 -14.24 -5.57
CA GLY B 366 34.91 -13.08 -5.50
C GLY B 366 33.64 -13.29 -4.70
N GLU B 367 32.90 -12.20 -4.51
CA GLU B 367 31.62 -12.23 -3.80
C GLU B 367 30.49 -12.03 -4.80
N ARG B 368 29.28 -12.41 -4.40
CA ARG B 368 28.11 -12.30 -5.26
C ARG B 368 28.39 -12.78 -6.69
N TYR B 369 28.20 -11.92 -7.68
CA TYR B 369 28.37 -12.34 -9.06
C TYR B 369 29.79 -12.76 -9.37
N ASP B 370 30.74 -12.28 -8.58
CA ASP B 370 32.16 -12.61 -8.81
C ASP B 370 32.59 -13.96 -8.21
N ARG B 371 31.67 -14.63 -7.51
CA ARG B 371 32.00 -15.93 -6.89
C ARG B 371 32.09 -17.03 -7.93
N ALA B 372 33.30 -17.34 -8.37
CA ALA B 372 33.50 -18.44 -9.31
C ALA B 372 33.04 -19.71 -8.62
N ILE B 373 32.49 -20.63 -9.41
CA ILE B 373 31.97 -21.88 -8.86
C ILE B 373 32.54 -23.04 -9.66
N ALA B 374 32.98 -24.09 -8.94
CA ALA B 374 33.70 -25.20 -9.59
C ALA B 374 33.16 -26.58 -9.25
N THR B 375 33.35 -27.48 -10.19
CA THR B 375 32.91 -28.84 -10.04
C THR B 375 33.90 -29.71 -10.80
N ARG B 376 33.98 -30.99 -10.48
CA ARG B 376 34.95 -31.86 -11.15
C ARG B 376 34.64 -33.32 -11.01
N GLY B 377 35.27 -34.11 -11.87
CA GLY B 377 35.26 -35.55 -11.75
C GLY B 377 36.64 -35.94 -11.23
N ASN B 378 37.19 -37.04 -11.73
CA ASN B 378 38.52 -37.48 -11.34
C ASN B 378 39.56 -36.97 -12.34
N ASP B 379 39.15 -36.82 -13.60
CA ASP B 379 40.09 -36.41 -14.66
C ASP B 379 39.65 -35.13 -15.42
N TYR B 380 38.68 -34.42 -14.87
CA TYR B 380 38.24 -33.16 -15.49
C TYR B 380 37.68 -32.23 -14.45
N LEU B 381 37.78 -30.94 -14.70
CA LEU B 381 37.18 -29.94 -13.81
C LEU B 381 36.63 -28.77 -14.62
N MSE B 382 35.65 -28.10 -14.05
CA MSE B 382 34.99 -26.98 -14.73
C MSE B 382 34.80 -25.84 -13.77
O MSE B 382 34.40 -26.03 -12.64
CB MSE B 382 33.61 -27.41 -15.23
CG MSE B 382 33.62 -28.35 -16.37
SE MSE B 382 31.79 -28.96 -16.78
CE MSE B 382 32.19 -29.88 -18.35
N VAL B 383 35.12 -24.64 -14.24
CA VAL B 383 34.94 -23.46 -13.41
C VAL B 383 34.09 -22.43 -14.15
N TYR B 384 32.91 -22.16 -13.60
CA TYR B 384 31.98 -21.19 -14.20
C TYR B 384 32.25 -19.82 -13.62
N ASN B 385 32.60 -18.90 -14.50
CA ASN B 385 32.91 -17.52 -14.13
C ASN B 385 31.91 -16.60 -14.81
N TYR B 386 31.02 -16.01 -14.02
CA TYR B 386 29.96 -15.17 -14.55
C TYR B 386 30.43 -13.79 -14.99
N THR B 387 31.27 -13.15 -14.18
CA THR B 387 31.72 -11.77 -14.45
C THR B 387 32.98 -11.69 -15.28
N GLY B 388 33.81 -12.72 -15.23
CA GLY B 388 35.07 -12.71 -15.99
C GLY B 388 36.24 -12.26 -15.11
N ARG B 389 35.97 -12.09 -13.82
CA ARG B 389 37.01 -11.73 -12.88
C ARG B 389 38.15 -12.75 -12.93
N PRO B 390 39.41 -12.27 -12.94
CA PRO B 390 40.55 -13.18 -12.95
C PRO B 390 40.45 -14.23 -11.86
N MSE B 391 40.86 -15.45 -12.16
CA MSE B 391 40.79 -16.53 -11.18
C MSE B 391 42.01 -17.44 -11.26
O MSE B 391 42.70 -17.50 -12.27
CB MSE B 391 39.53 -17.35 -11.38
CG MSE B 391 39.40 -17.93 -12.76
SE MSE B 391 37.77 -18.95 -13.02
CE MSE B 391 38.01 -19.29 -14.84
N GLU B 392 42.28 -18.13 -10.17
CA GLU B 392 43.37 -19.07 -10.10
C GLU B 392 42.79 -20.43 -9.87
N VAL B 393 43.10 -21.34 -10.78
CA VAL B 393 42.56 -22.67 -10.72
C VAL B 393 43.67 -23.70 -10.43
N ASP B 394 43.45 -24.53 -9.42
CA ASP B 394 44.41 -25.54 -9.00
C ASP B 394 44.21 -26.85 -9.78
N PHE B 395 44.99 -27.02 -10.85
CA PHE B 395 44.90 -28.20 -11.72
C PHE B 395 45.28 -29.54 -11.05
N SER B 396 45.91 -29.49 -9.86
CA SER B 396 46.35 -30.71 -9.16
C SER B 396 45.18 -31.46 -8.51
N LYS B 397 43.98 -30.89 -8.61
CA LYS B 397 42.81 -31.51 -7.99
C LYS B 397 42.29 -32.69 -8.83
N ILE B 398 42.77 -32.81 -10.06
CA ILE B 398 42.41 -33.93 -10.94
C ILE B 398 43.67 -34.59 -11.50
N SER B 399 43.50 -35.77 -12.08
CA SER B 399 44.61 -36.58 -12.59
C SER B 399 45.29 -35.97 -13.82
N GLY B 400 46.52 -36.40 -14.08
CA GLY B 400 47.27 -35.99 -15.27
C GLY B 400 48.47 -35.11 -14.97
N ALA B 401 49.60 -35.43 -15.60
CA ALA B 401 50.81 -34.62 -15.48
C ALA B 401 50.61 -33.34 -16.30
N LYS B 402 49.93 -33.50 -17.45
CA LYS B 402 49.53 -32.37 -18.27
C LYS B 402 48.00 -32.30 -18.34
N LYS B 403 47.47 -31.08 -18.53
CA LYS B 403 46.04 -30.87 -18.72
C LYS B 403 45.84 -30.07 -19.98
N ASN B 404 44.71 -30.27 -20.62
CA ASN B 404 44.31 -29.42 -21.72
C ASN B 404 43.26 -28.47 -21.17
N ALA B 405 43.19 -27.26 -21.74
CA ALA B 405 42.24 -26.25 -21.25
C ALA B 405 41.45 -25.63 -22.39
N TRP B 406 40.15 -25.40 -22.13
CA TRP B 406 39.23 -24.80 -23.12
C TRP B 406 38.33 -23.76 -22.47
N TRP B 407 37.90 -22.77 -23.26
CA TRP B 407 36.88 -21.82 -22.82
C TRP B 407 35.56 -22.25 -23.48
N TYR B 408 34.50 -22.30 -22.68
CA TYR B 408 33.16 -22.62 -23.18
C TYR B 408 32.21 -21.46 -22.87
N THR B 409 31.69 -20.82 -23.92
CA THR B 409 30.76 -19.70 -23.74
C THR B 409 29.33 -20.22 -23.68
N THR B 410 28.69 -20.00 -22.53
CA THR B 410 27.39 -20.58 -22.24
C THR B 410 26.21 -20.02 -23.06
N LYS B 411 26.36 -18.84 -23.68
CA LYS B 411 25.23 -18.28 -24.43
C LYS B 411 25.14 -18.84 -25.87
N ASP B 412 26.21 -19.48 -26.34
CA ASP B 412 26.22 -20.02 -27.71
C ASP B 412 26.80 -21.47 -27.82
N GLY B 413 27.24 -22.02 -26.69
CA GLY B 413 27.80 -23.37 -26.68
C GLY B 413 29.10 -23.51 -27.48
N LYS B 414 29.78 -22.39 -27.73
CA LYS B 414 31.05 -22.42 -28.49
C LYS B 414 32.22 -22.79 -27.60
N LEU B 415 33.16 -23.51 -28.17
CA LEU B 415 34.30 -24.01 -27.45
C LEU B 415 35.58 -23.45 -28.07
N GLU B 416 36.49 -22.94 -27.24
CA GLU B 416 37.77 -22.38 -27.71
C GLU B 416 38.95 -23.00 -26.94
N TYR B 417 39.85 -23.64 -27.66
CA TYR B 417 41.02 -24.29 -27.03
C TYR B 417 42.05 -23.25 -26.56
N ILE B 418 42.45 -23.35 -25.30
CA ILE B 418 43.44 -22.43 -24.71
C ILE B 418 44.86 -22.95 -24.95
N GLY B 419 45.12 -24.18 -24.49
CA GLY B 419 46.44 -24.81 -24.65
C GLY B 419 46.63 -25.92 -23.64
N GLU B 420 47.87 -26.39 -23.48
CA GLU B 420 48.17 -27.42 -22.47
C GLU B 420 48.97 -26.82 -21.34
N PHE B 421 48.80 -27.36 -20.15
CA PHE B 421 49.43 -26.83 -18.96
C PHE B 421 49.93 -27.94 -18.07
N ASP B 422 50.90 -27.61 -17.23
CA ASP B 422 51.43 -28.57 -16.28
C ASP B 422 50.46 -28.65 -15.09
N ASN B 423 50.80 -29.44 -14.10
CA ASN B 423 49.88 -29.72 -13.00
C ASN B 423 49.91 -28.73 -11.83
N GLY B 424 50.11 -27.47 -12.13
CA GLY B 424 50.15 -26.44 -11.08
C GLY B 424 48.89 -25.58 -11.02
N VAL B 425 48.99 -24.48 -10.27
CA VAL B 425 47.90 -23.52 -10.18
C VAL B 425 48.10 -22.49 -11.28
N HIS B 426 47.07 -22.30 -12.09
CA HIS B 426 47.18 -21.34 -13.19
C HIS B 426 46.09 -20.25 -13.08
N LYS B 427 46.45 -19.04 -13.54
CA LYS B 427 45.54 -17.89 -13.51
C LYS B 427 44.87 -17.74 -14.85
N PHE B 428 43.58 -17.48 -14.85
CA PHE B 428 42.82 -17.34 -16.09
C PHE B 428 41.95 -16.12 -16.09
N GLN B 429 41.77 -15.55 -17.27
CA GLN B 429 40.95 -14.37 -17.47
C GLN B 429 40.49 -14.38 -18.91
N HIS B 430 39.19 -14.55 -19.11
CA HIS B 430 38.61 -14.66 -20.44
C HIS B 430 38.63 -13.30 -21.15
N ASP B 431 38.84 -13.32 -22.46
CA ASP B 431 38.87 -12.09 -23.25
C ASP B 431 37.44 -11.63 -23.58
N SER B 432 36.76 -11.07 -22.60
CA SER B 432 35.44 -10.53 -22.81
C SER B 432 35.17 -9.43 -21.80
N GLY B 433 34.12 -8.67 -22.04
CA GLY B 433 33.74 -7.58 -21.15
C GLY B 433 33.52 -8.05 -19.75
N TYR B 434 34.02 -7.28 -18.78
CA TYR B 434 33.85 -7.63 -17.40
C TYR B 434 32.44 -7.35 -16.96
N SER B 435 31.84 -8.32 -16.28
CA SER B 435 30.51 -8.18 -15.76
C SER B 435 29.52 -7.77 -16.91
N SER B 436 29.70 -8.38 -18.08
CA SER B 436 28.92 -8.05 -19.26
C SER B 436 27.91 -9.14 -19.64
N GLY B 437 27.72 -10.12 -18.77
CA GLY B 437 26.81 -11.22 -19.07
C GLY B 437 27.37 -12.14 -20.15
N ASN B 438 28.69 -12.14 -20.30
CA ASN B 438 29.34 -13.06 -21.21
C ASN B 438 30.00 -14.14 -20.37
N ASP B 439 29.18 -14.80 -19.56
CA ASP B 439 29.62 -15.84 -18.65
C ASP B 439 30.26 -16.99 -19.41
N HIS B 440 31.20 -17.66 -18.75
CA HIS B 440 31.98 -18.69 -19.39
C HIS B 440 32.42 -19.77 -18.44
N VAL B 441 32.74 -20.92 -18.99
CA VAL B 441 33.21 -22.05 -18.22
C VAL B 441 34.59 -22.44 -18.67
N LEU B 442 35.52 -22.50 -17.74
CA LEU B 442 36.85 -23.00 -18.01
C LEU B 442 36.79 -24.50 -17.93
N ILE B 443 37.06 -25.18 -19.03
CA ILE B 443 37.07 -26.65 -19.04
C ILE B 443 38.51 -27.15 -19.01
N VAL B 444 38.84 -27.96 -18.01
CA VAL B 444 40.19 -28.53 -17.91
C VAL B 444 40.13 -30.06 -17.84
N VAL B 445 40.89 -30.71 -18.73
CA VAL B 445 40.89 -32.17 -18.79
C VAL B 445 42.31 -32.78 -18.86
N ASP B 446 42.48 -33.88 -18.14
CA ASP B 446 43.70 -34.67 -18.19
C ASP B 446 44.04 -34.89 -19.66
N SER B 447 45.26 -34.53 -20.05
CA SER B 447 45.68 -34.61 -21.48
C SER B 447 45.56 -36.00 -22.08
N SER B 448 45.55 -37.04 -21.24
CA SER B 448 45.43 -38.42 -21.73
C SER B 448 43.99 -38.73 -22.15
N LYS B 449 43.02 -38.09 -21.50
CA LYS B 449 41.60 -38.32 -21.79
C LYS B 449 41.16 -37.53 -23.04
N ASP B 450 40.09 -37.98 -23.67
CA ASP B 450 39.65 -37.42 -24.95
C ASP B 450 38.16 -36.97 -24.97
N TYR B 451 37.66 -36.44 -23.85
CA TYR B 451 36.24 -36.02 -23.77
C TYR B 451 35.93 -34.83 -24.69
N VAL B 452 36.94 -34.01 -24.95
CA VAL B 452 36.81 -32.85 -25.81
C VAL B 452 38.04 -32.74 -26.71
N LYS B 453 37.81 -32.63 -28.02
CA LYS B 453 38.92 -32.53 -28.98
C LYS B 453 39.58 -31.14 -28.89
N LYS B 454 40.86 -31.07 -29.27
CA LYS B 454 41.57 -29.80 -29.29
C LYS B 454 41.09 -28.94 -30.45
N ASP B 455 40.86 -29.60 -31.59
CA ASP B 455 40.40 -28.90 -32.80
CA ASP B 455 40.42 -28.90 -32.80
C ASP B 455 38.90 -28.63 -32.76
N CYS B 456 38.30 -28.69 -31.57
CA CYS B 456 36.86 -28.41 -31.41
C CYS B 456 36.55 -26.94 -31.63
N TYR B 457 35.26 -26.67 -31.82
CA TYR B 457 34.76 -25.33 -32.09
CA TYR B 457 34.79 -25.30 -31.99
C TYR B 457 33.43 -25.10 -31.33
N GLN B 458 32.85 -26.20 -30.85
CA GLN B 458 31.58 -26.15 -30.11
C GLN B 458 31.21 -27.55 -29.61
N ILE B 459 30.60 -27.62 -28.43
CA ILE B 459 30.11 -28.90 -27.90
C ILE B 459 28.82 -29.24 -28.62
N ASP B 460 28.78 -30.41 -29.23
CA ASP B 460 27.61 -30.85 -30.00
C ASP B 460 26.40 -31.17 -29.11
N THR B 461 25.23 -31.21 -29.73
CA THR B 461 24.00 -31.52 -29.03
C THR B 461 24.00 -32.95 -28.56
N HIS B 462 23.74 -33.16 -27.27
CA HIS B 462 23.62 -34.51 -26.73
CA HIS B 462 23.64 -34.49 -26.72
C HIS B 462 22.18 -34.80 -26.42
N GLU B 463 21.64 -35.84 -27.06
CA GLU B 463 20.25 -36.26 -26.89
C GLU B 463 19.94 -36.57 -25.44
N LYS C 8 -8.06 -1.01 -2.58
CA LYS C 8 -9.27 -1.89 -2.51
C LYS C 8 -10.26 -1.52 -3.62
N THR C 9 -10.85 -2.54 -4.27
CA THR C 9 -11.80 -2.32 -5.35
C THR C 9 -13.13 -1.76 -4.84
N TYR C 10 -13.61 -0.70 -5.47
CA TYR C 10 -14.90 -0.10 -5.09
C TYR C 10 -16.07 -0.98 -5.56
N ILE C 11 -16.96 -1.35 -4.63
CA ILE C 11 -18.15 -2.12 -4.94
C ILE C 11 -19.39 -1.21 -4.78
N PRO C 12 -19.97 -0.75 -5.90
CA PRO C 12 -21.09 0.18 -5.84
C PRO C 12 -22.24 -0.28 -4.93
N TRP C 13 -22.65 -1.53 -5.04
CA TRP C 13 -23.80 -2.02 -4.27
C TRP C 13 -23.50 -2.20 -2.76
N SER C 14 -22.29 -1.83 -2.35
CA SER C 14 -21.98 -1.80 -0.94
C SER C 14 -22.87 -0.72 -0.34
N ASN C 15 -23.31 0.20 -1.20
CA ASN C 15 -24.16 1.31 -0.78
C ASN C 15 -25.65 0.98 -0.92
N GLY C 16 -25.97 -0.24 -1.35
CA GLY C 16 -27.36 -0.66 -1.54
C GLY C 16 -27.72 -0.83 -3.01
N LYS C 17 -28.94 -1.27 -3.28
CA LYS C 17 -29.36 -1.46 -4.63
C LYS C 17 -29.70 -0.11 -5.31
N LEU C 18 -29.72 -0.11 -6.64
CA LEU C 18 -29.99 1.11 -7.40
C LEU C 18 -31.46 1.52 -7.26
N VAL C 19 -31.69 2.84 -7.25
CA VAL C 19 -33.03 3.41 -7.11
C VAL C 19 -33.10 4.70 -7.87
N VAL C 20 -34.24 4.99 -8.49
CA VAL C 20 -34.40 6.26 -9.16
C VAL C 20 -34.53 7.34 -8.07
N SER C 21 -33.72 8.38 -8.17
CA SER C 21 -33.69 9.45 -7.18
C SER C 21 -35.02 10.21 -7.18
N GLU C 22 -35.36 10.79 -6.02
CA GLU C 22 -36.64 11.56 -5.80
CA GLU C 22 -36.65 11.49 -5.83
C GLU C 22 -36.95 12.57 -6.87
N GLU C 23 -35.93 13.30 -7.33
CA GLU C 23 -36.18 14.33 -8.32
C GLU C 23 -36.55 13.73 -9.69
N GLY C 24 -36.34 12.42 -9.84
CA GLY C 24 -36.71 11.70 -11.09
C GLY C 24 -35.74 11.91 -12.27
N ARG C 25 -34.51 12.31 -11.96
CA ARG C 25 -33.51 12.57 -13.02
C ARG C 25 -32.30 11.63 -12.96
N TYR C 26 -31.98 11.12 -11.78
CA TYR C 26 -30.76 10.36 -11.60
C TYR C 26 -30.93 9.07 -10.86
N LEU C 27 -29.89 8.23 -10.91
CA LEU C 27 -29.88 7.00 -10.17
C LEU C 27 -29.06 7.16 -8.92
N LYS C 28 -29.49 6.50 -7.84
CA LYS C 28 -28.77 6.50 -6.59
C LYS C 28 -28.77 5.11 -6.03
N HIS C 29 -27.99 4.89 -5.00
CA HIS C 29 -28.08 3.65 -4.26
C HIS C 29 -29.05 3.93 -3.10
N GLU C 30 -29.55 2.89 -2.47
CA GLU C 30 -30.48 3.06 -1.35
C GLU C 30 -30.00 4.10 -0.32
N ASN C 31 -28.70 4.06 0.04
CA ASN C 31 -28.19 4.96 1.06
C ASN C 31 -27.97 6.40 0.59
N GLY C 32 -28.39 6.70 -0.64
CA GLY C 32 -28.32 8.08 -1.16
C GLY C 32 -27.12 8.38 -2.05
N THR C 33 -26.11 7.51 -2.02
CA THR C 33 -24.91 7.71 -2.83
C THR C 33 -25.25 7.78 -4.31
N PRO C 34 -24.65 8.73 -5.03
CA PRO C 34 -24.92 8.84 -6.47
C PRO C 34 -24.38 7.67 -7.25
N PHE C 35 -25.00 7.37 -8.39
CA PHE C 35 -24.47 6.37 -9.30
C PHE C 35 -24.38 6.97 -10.65
N PHE C 36 -23.18 7.37 -11.04
CA PHE C 36 -22.98 7.88 -12.36
C PHE C 36 -22.65 6.74 -13.26
N TRP C 37 -23.64 6.34 -14.04
CA TRP C 37 -23.53 5.25 -14.97
C TRP C 37 -22.56 5.61 -16.12
N LEU C 38 -21.50 4.82 -16.23
CA LEU C 38 -20.55 4.93 -17.34
C LEU C 38 -20.50 3.55 -17.93
N GLY C 39 -21.22 3.38 -19.04
CA GLY C 39 -21.37 2.07 -19.62
C GLY C 39 -20.43 1.78 -20.76
N GLU C 40 -20.13 0.50 -20.92
CA GLU C 40 -19.32 0.01 -22.01
C GLU C 40 -20.17 -1.00 -22.75
N THR C 41 -19.94 -1.15 -24.05
CA THR C 41 -20.75 -2.05 -24.86
C THR C 41 -20.03 -3.37 -25.19
N GLY C 42 -20.35 -4.43 -24.44
CA GLY C 42 -19.77 -5.76 -24.67
C GLY C 42 -20.86 -6.73 -25.11
N TRP C 43 -21.58 -6.36 -26.17
CA TRP C 43 -22.73 -7.13 -26.64
C TRP C 43 -22.47 -8.64 -26.67
N LEU C 44 -21.40 -9.05 -27.36
CA LEU C 44 -21.15 -10.48 -27.59
C LEU C 44 -20.26 -11.12 -26.58
N LEU C 45 -20.14 -10.50 -25.40
CA LEU C 45 -19.32 -11.03 -24.32
C LEU C 45 -19.73 -12.48 -23.95
N PRO C 46 -21.03 -12.73 -23.71
CA PRO C 46 -21.47 -14.09 -23.31
C PRO C 46 -21.29 -15.16 -24.42
N GLU C 47 -21.29 -14.72 -25.67
CA GLU C 47 -21.21 -15.64 -26.81
C GLU C 47 -19.80 -15.91 -27.33
N ARG C 48 -18.90 -14.92 -27.20
CA ARG C 48 -17.60 -15.02 -27.85
C ARG C 48 -16.36 -15.10 -26.95
N LEU C 49 -16.49 -14.71 -25.69
CA LEU C 49 -15.34 -14.76 -24.81
C LEU C 49 -15.38 -15.94 -23.86
N ASN C 50 -14.21 -16.54 -23.63
CA ASN C 50 -14.08 -17.60 -22.70
C ASN C 50 -13.81 -17.00 -21.31
N ARG C 51 -13.57 -17.84 -20.32
CA ARG C 51 -13.36 -17.38 -18.95
C ARG C 51 -12.16 -16.42 -18.82
N ASP C 52 -11.01 -16.80 -19.38
CA ASP C 52 -9.79 -15.97 -19.27
C ASP C 52 -9.98 -14.60 -19.93
N GLU C 53 -10.54 -14.61 -21.13
CA GLU C 53 -10.78 -13.37 -21.87
C GLU C 53 -11.79 -12.45 -21.19
N ALA C 54 -12.85 -13.03 -20.68
CA ALA C 54 -13.90 -12.26 -20.00
C ALA C 54 -13.32 -11.53 -18.82
N GLU C 55 -12.50 -12.24 -18.06
CA GLU C 55 -11.85 -11.64 -16.88
C GLU C 55 -11.01 -10.46 -17.30
N TYR C 56 -10.29 -10.62 -18.40
CA TYR C 56 -9.41 -9.55 -18.92
C TYR C 56 -10.22 -8.34 -19.40
N TYR C 57 -11.26 -8.61 -20.17
CA TYR C 57 -12.12 -7.52 -20.67
C TYR C 57 -12.72 -6.73 -19.50
N LEU C 58 -13.28 -7.44 -18.54
CA LEU C 58 -13.93 -6.78 -17.38
C LEU C 58 -12.92 -6.00 -16.54
N GLU C 59 -11.75 -6.58 -16.34
CA GLU C 59 -10.67 -5.90 -15.59
C GLU C 59 -10.26 -4.61 -16.31
N GLN C 60 -10.05 -4.70 -17.62
CA GLN C 60 -9.63 -3.55 -18.39
C GLN C 60 -10.71 -2.44 -18.40
N CYS C 61 -11.99 -2.83 -18.46
CA CYS C 61 -13.09 -1.87 -18.38
C CYS C 61 -13.10 -1.19 -17.02
N LYS C 62 -12.91 -1.99 -15.97
CA LYS C 62 -12.85 -1.44 -14.62
C LYS C 62 -11.75 -0.38 -14.49
N ARG C 63 -10.54 -0.71 -14.96
CA ARG C 63 -9.42 0.21 -14.87
CA ARG C 63 -9.39 0.21 -14.90
C ARG C 63 -9.69 1.52 -15.60
N ARG C 64 -10.70 1.53 -16.48
CA ARG C 64 -11.02 2.75 -17.22
C ARG C 64 -12.29 3.46 -16.77
N GLY C 65 -12.81 3.07 -15.60
CA GLY C 65 -13.93 3.79 -14.98
C GLY C 65 -15.34 3.30 -15.30
N TYR C 66 -15.45 2.32 -16.18
CA TYR C 66 -16.76 1.81 -16.54
C TYR C 66 -17.34 0.99 -15.39
N ASN C 67 -18.64 1.17 -15.13
CA ASN C 67 -19.32 0.42 -14.06
C ASN C 67 -20.56 -0.35 -14.54
N VAL C 68 -20.89 -0.24 -15.83
CA VAL C 68 -21.97 -1.00 -16.44
C VAL C 68 -21.51 -1.62 -17.76
N ILE C 69 -21.61 -2.93 -17.86
CA ILE C 69 -21.24 -3.65 -19.06
C ILE C 69 -22.50 -4.19 -19.72
N GLN C 70 -22.85 -3.64 -20.88
CA GLN C 70 -24.06 -4.03 -21.60
C GLN C 70 -23.77 -5.23 -22.48
N VAL C 71 -24.56 -6.28 -22.31
CA VAL C 71 -24.35 -7.52 -23.05
C VAL C 71 -25.65 -8.05 -23.63
N GLN C 72 -25.53 -8.82 -24.70
CA GLN C 72 -26.68 -9.52 -25.25
C GLN C 72 -26.66 -10.87 -24.60
N THR C 73 -27.51 -11.04 -23.59
CA THR C 73 -27.60 -12.32 -22.86
C THR C 73 -27.84 -13.46 -23.86
N LEU C 74 -28.73 -13.19 -24.82
CA LEU C 74 -28.98 -14.08 -25.95
C LEU C 74 -28.98 -13.24 -27.20
N ASN C 75 -28.38 -13.74 -28.27
CA ASN C 75 -28.45 -13.03 -29.55
C ASN C 75 -29.27 -13.84 -30.55
N ASN C 76 -29.50 -15.10 -30.23
CA ASN C 76 -30.31 -15.98 -31.06
C ASN C 76 -31.07 -16.96 -30.20
N VAL C 77 -32.02 -17.66 -30.79
CA VAL C 77 -32.79 -18.67 -30.13
C VAL C 77 -32.60 -20.02 -30.85
N PRO C 78 -31.73 -20.88 -30.33
CA PRO C 78 -30.95 -20.63 -29.12
C PRO C 78 -29.66 -19.90 -29.43
N SER C 79 -28.94 -19.52 -28.41
CA SER C 79 -27.65 -18.93 -28.58
C SER C 79 -26.57 -19.97 -28.28
N MSE C 80 -25.37 -19.72 -28.76
CA MSE C 80 -24.25 -20.62 -28.50
C MSE C 80 -23.04 -19.84 -28.07
O MSE C 80 -22.78 -18.78 -28.58
CB MSE C 80 -23.93 -21.41 -29.72
CG MSE C 80 -22.68 -22.25 -29.60
SE MSE C 80 -22.89 -23.95 -30.41
CE MSE C 80 -24.03 -23.39 -31.97
N ASN C 81 -22.28 -20.37 -27.11
CA ASN C 81 -21.11 -19.67 -26.63
C ASN C 81 -19.82 -20.25 -27.20
N ILE C 82 -18.70 -19.65 -26.82
CA ILE C 82 -17.40 -20.03 -27.39
C ILE C 82 -17.05 -21.49 -27.13
N TYR C 83 -17.62 -22.07 -26.08
CA TYR C 83 -17.34 -23.45 -25.70
C TYR C 83 -18.16 -24.47 -26.52
N GLY C 84 -19.11 -23.97 -27.30
CA GLY C 84 -19.99 -24.81 -28.09
C GLY C 84 -21.19 -25.30 -27.27
N GLN C 85 -21.62 -24.47 -26.32
CA GLN C 85 -22.78 -24.77 -25.46
C GLN C 85 -24.00 -23.98 -25.90
N TYR C 86 -25.14 -24.64 -25.95
CA TYR C 86 -26.41 -23.99 -26.30
C TYR C 86 -27.03 -23.34 -25.08
N SER C 87 -27.75 -22.22 -25.31
CA SER C 87 -28.42 -21.50 -24.23
C SER C 87 -29.72 -22.22 -23.83
N MSE C 88 -30.30 -22.94 -24.78
CA MSE C 88 -31.50 -23.74 -24.53
C MSE C 88 -31.35 -25.10 -25.15
O MSE C 88 -31.10 -25.20 -26.34
CB MSE C 88 -32.77 -23.06 -25.05
CG MSE C 88 -33.34 -22.00 -24.15
SE MSE C 88 -32.59 -20.21 -24.48
CE MSE C 88 -33.21 -19.98 -26.21
N THR C 89 -31.52 -26.13 -24.34
CA THR C 89 -31.40 -27.50 -24.79
C THR C 89 -32.78 -28.19 -24.95
N ASP C 90 -33.85 -27.53 -24.50
CA ASP C 90 -35.21 -28.08 -24.63
C ASP C 90 -36.25 -26.94 -24.82
N GLY C 91 -35.97 -26.07 -25.77
CA GLY C 91 -36.84 -24.94 -26.01
C GLY C 91 -36.88 -24.04 -24.80
N TYR C 92 -38.06 -23.54 -24.48
CA TYR C 92 -38.22 -22.64 -23.35
C TYR C 92 -38.56 -23.36 -22.02
N ASN C 93 -38.21 -24.64 -21.95
CA ASN C 93 -38.32 -25.39 -20.73
C ASN C 93 -36.94 -25.38 -20.08
N PHE C 94 -36.82 -24.68 -18.96
CA PHE C 94 -35.52 -24.52 -18.31
C PHE C 94 -35.34 -25.43 -17.10
N LYS C 95 -36.27 -26.35 -16.89
CA LYS C 95 -36.20 -27.26 -15.73
C LYS C 95 -34.87 -28.00 -15.66
N ASN C 96 -34.42 -28.55 -16.77
CA ASN C 96 -33.17 -29.33 -16.78
C ASN C 96 -32.01 -28.62 -17.49
N ILE C 97 -31.99 -27.29 -17.42
CA ILE C 97 -30.93 -26.55 -18.06
C ILE C 97 -29.59 -26.85 -17.38
N ASN C 98 -29.62 -26.99 -16.06
CA ASN C 98 -28.42 -27.32 -15.32
C ASN C 98 -28.13 -28.83 -15.37
N GLN C 99 -26.90 -29.18 -15.71
CA GLN C 99 -26.47 -30.57 -15.75
CA GLN C 99 -26.48 -30.57 -15.74
C GLN C 99 -25.20 -30.75 -14.93
N LYS C 100 -25.26 -31.65 -13.96
CA LYS C 100 -24.11 -31.92 -13.10
C LYS C 100 -22.86 -32.24 -13.94
N GLY C 101 -21.76 -31.60 -13.59
CA GLY C 101 -20.51 -31.85 -14.29
C GLY C 101 -20.38 -31.22 -15.67
N VAL C 102 -21.37 -30.41 -16.07
CA VAL C 102 -21.33 -29.72 -17.36
C VAL C 102 -21.28 -28.20 -17.16
N TYR C 103 -20.30 -27.55 -17.76
CA TYR C 103 -20.18 -26.09 -17.68
C TYR C 103 -20.99 -25.54 -18.85
N GLY C 104 -22.27 -25.27 -18.58
CA GLY C 104 -23.21 -24.84 -19.60
C GLY C 104 -23.17 -23.37 -19.93
N TYR C 105 -24.01 -22.98 -20.90
CA TYR C 105 -24.12 -21.59 -21.35
C TYR C 105 -24.37 -20.67 -20.17
N TRP C 106 -25.31 -21.06 -19.30
CA TRP C 106 -25.70 -20.22 -18.17
C TRP C 106 -24.71 -20.27 -17.03
N ASP C 107 -23.90 -21.32 -16.97
CA ASP C 107 -22.84 -21.38 -15.96
C ASP C 107 -21.76 -20.41 -16.35
N HIS C 108 -21.56 -20.24 -17.65
CA HIS C 108 -20.60 -19.29 -18.13
C HIS C 108 -21.18 -17.86 -17.92
N MSE C 109 -22.48 -17.71 -18.13
CA MSE C 109 -23.15 -16.43 -17.88
C MSE C 109 -22.99 -16.09 -16.38
O MSE C 109 -22.68 -14.95 -16.05
CB MSE C 109 -24.64 -16.51 -18.26
CG MSE C 109 -25.41 -15.21 -18.22
SE MSE C 109 -24.87 -13.90 -19.59
CE MSE C 109 -23.59 -12.97 -18.57
N ASP C 110 -23.16 -17.09 -15.51
CA ASP C 110 -22.98 -16.89 -14.03
C ASP C 110 -21.58 -16.38 -13.72
N TYR C 111 -20.59 -17.05 -14.33
CA TYR C 111 -19.18 -16.71 -14.13
C TYR C 111 -18.92 -15.27 -14.52
N ILE C 112 -19.43 -14.89 -15.69
CA ILE C 112 -19.26 -13.54 -16.17
C ILE C 112 -19.81 -12.54 -15.14
N ILE C 113 -21.03 -12.79 -14.67
CA ILE C 113 -21.67 -11.92 -13.67
C ILE C 113 -20.85 -11.88 -12.35
N ARG C 114 -20.40 -13.04 -11.90
CA ARG C 114 -19.58 -13.12 -10.67
C ARG C 114 -18.24 -12.41 -10.82
N THR C 115 -17.61 -12.57 -11.96
CA THR C 115 -16.33 -11.94 -12.21
C THR C 115 -16.51 -10.41 -12.24
N ALA C 116 -17.57 -9.95 -12.90
CA ALA C 116 -17.88 -8.53 -12.93
C ALA C 116 -18.13 -8.01 -11.51
N ALA C 117 -18.83 -8.80 -10.70
CA ALA C 117 -19.15 -8.41 -9.31
C ALA C 117 -17.89 -8.12 -8.49
N LYS C 118 -16.89 -9.02 -8.59
CA LYS C 118 -15.62 -8.85 -7.88
C LYS C 118 -14.93 -7.56 -8.28
N LYS C 119 -15.22 -7.07 -9.49
CA LYS C 119 -14.59 -5.88 -10.01
C LYS C 119 -15.47 -4.63 -9.87
N GLY C 120 -16.64 -4.81 -9.24
CA GLY C 120 -17.56 -3.71 -8.98
C GLY C 120 -18.29 -3.23 -10.22
N LEU C 121 -18.57 -4.16 -11.14
CA LEU C 121 -19.25 -3.81 -12.38
C LEU C 121 -20.62 -4.46 -12.48
N TYR C 122 -21.61 -3.66 -12.91
CA TYR C 122 -22.94 -4.21 -13.21
C TYR C 122 -22.94 -4.78 -14.61
N ILE C 123 -23.71 -5.84 -14.81
CA ILE C 123 -23.95 -6.38 -16.13
C ILE C 123 -25.34 -5.95 -16.56
N GLY C 124 -25.41 -5.26 -17.69
CA GLY C 124 -26.69 -4.85 -18.26
C GLY C 124 -27.15 -5.96 -19.16
N MSE C 125 -28.11 -6.72 -18.66
CA MSE C 125 -28.58 -7.89 -19.33
C MSE C 125 -29.68 -7.63 -20.34
O MSE C 125 -30.84 -7.52 -19.99
CB MSE C 125 -29.11 -8.92 -18.28
CG MSE C 125 -28.02 -9.43 -17.28
SE MSE C 125 -26.96 -10.87 -17.97
CE MSE C 125 -28.12 -12.37 -17.51
N VAL C 126 -29.31 -7.52 -21.62
CA VAL C 126 -30.32 -7.50 -22.66
C VAL C 126 -30.78 -8.96 -22.80
N CYS C 127 -31.81 -9.32 -22.01
CA CYS C 127 -32.36 -10.68 -21.96
C CYS C 127 -32.31 -11.39 -23.30
N ILE C 128 -32.84 -10.74 -24.32
CA ILE C 128 -32.85 -11.32 -25.65
C ILE C 128 -32.90 -10.23 -26.68
N TRP C 129 -31.96 -10.26 -27.62
CA TRP C 129 -31.88 -9.25 -28.65
C TRP C 129 -33.17 -9.23 -29.46
N GLY C 130 -33.48 -8.08 -30.04
CA GLY C 130 -34.76 -7.88 -30.73
C GLY C 130 -35.04 -8.78 -31.92
N SER C 131 -34.04 -8.98 -32.77
CA SER C 131 -34.24 -9.75 -34.01
C SER C 131 -35.07 -11.04 -33.85
N PRO C 132 -34.58 -11.99 -33.03
CA PRO C 132 -35.33 -13.24 -32.88
C PRO C 132 -36.76 -13.03 -32.40
N VAL C 133 -36.96 -12.06 -31.53
CA VAL C 133 -38.29 -11.79 -31.01
C VAL C 133 -39.20 -11.23 -32.12
N SER C 134 -38.65 -10.34 -32.95
CA SER C 134 -39.44 -9.78 -34.05
C SER C 134 -39.77 -10.85 -35.07
N HIS C 135 -38.93 -11.89 -35.15
CA HIS C 135 -39.20 -13.01 -36.08
C HIS C 135 -40.12 -14.10 -35.46
N GLY C 136 -40.66 -13.83 -34.27
CA GLY C 136 -41.61 -14.73 -33.63
C GLY C 136 -41.01 -15.89 -32.86
N GLU C 137 -39.75 -15.77 -32.48
CA GLU C 137 -39.07 -16.87 -31.79
C GLU C 137 -39.27 -16.83 -30.26
N MSE C 138 -40.10 -15.89 -29.78
CA MSE C 138 -40.45 -15.82 -28.36
C MSE C 138 -41.87 -15.27 -28.18
O MSE C 138 -42.08 -14.07 -28.19
CB MSE C 138 -39.46 -14.93 -27.56
CG MSE C 138 -39.67 -15.02 -26.05
SE MSE C 138 -38.62 -13.79 -25.00
CE MSE C 138 -39.43 -12.12 -25.57
N ASN C 139 -42.84 -16.17 -28.03
CA ASN C 139 -44.21 -15.75 -27.84
C ASN C 139 -44.43 -15.39 -26.38
N VAL C 140 -45.62 -14.89 -26.07
CA VAL C 140 -45.90 -14.44 -24.70
C VAL C 140 -45.61 -15.50 -23.66
N ASP C 141 -45.96 -16.75 -23.97
CA ASP C 141 -45.77 -17.83 -22.98
C ASP C 141 -44.31 -18.20 -22.79
N GLN C 142 -43.53 -18.12 -23.87
CA GLN C 142 -42.12 -18.39 -23.81
C GLN C 142 -41.41 -17.24 -23.05
N ALA C 143 -41.89 -16.01 -23.24
CA ALA C 143 -41.35 -14.85 -22.53
C ALA C 143 -41.60 -15.01 -21.02
N LYS C 144 -42.78 -15.50 -20.66
CA LYS C 144 -43.11 -15.73 -19.24
CA LYS C 144 -43.10 -15.72 -19.24
C LYS C 144 -42.18 -16.78 -18.66
N ALA C 145 -41.97 -17.86 -19.41
CA ALA C 145 -41.08 -18.94 -18.96
C ALA C 145 -39.61 -18.42 -18.85
N TYR C 146 -39.15 -17.69 -19.87
CA TYR C 146 -37.76 -17.18 -19.88
C TYR C 146 -37.55 -16.13 -18.79
N GLY C 147 -38.53 -15.26 -18.62
CA GLY C 147 -38.45 -14.22 -17.61
C GLY C 147 -38.39 -14.82 -16.21
N LYS C 148 -39.13 -15.91 -16.01
CA LYS C 148 -39.15 -16.60 -14.73
C LYS C 148 -37.79 -17.24 -14.46
N PHE C 149 -37.23 -17.84 -15.49
CA PHE C 149 -35.92 -18.48 -15.41
C PHE C 149 -34.84 -17.46 -15.01
N LEU C 150 -34.82 -16.32 -15.70
CA LEU C 150 -33.84 -15.27 -15.43
C LEU C 150 -33.97 -14.72 -14.03
N ALA C 151 -35.19 -14.43 -13.63
CA ALA C 151 -35.44 -13.84 -12.33
C ALA C 151 -35.05 -14.79 -11.19
N GLU C 152 -35.45 -16.05 -11.29
CA GLU C 152 -35.11 -17.03 -10.24
CA GLU C 152 -35.11 -17.03 -10.24
C GLU C 152 -33.60 -17.25 -10.15
N ARG C 153 -32.91 -17.25 -11.29
CA ARG C 153 -31.48 -17.49 -11.30
C ARG C 153 -30.67 -16.30 -10.86
N TYR C 154 -31.14 -15.08 -11.17
CA TYR C 154 -30.31 -13.89 -10.95
C TYR C 154 -30.81 -12.82 -9.98
N LYS C 155 -31.99 -13.02 -9.40
CA LYS C 155 -32.54 -12.02 -8.47
C LYS C 155 -31.59 -11.69 -7.32
N ASP C 156 -30.83 -12.68 -6.85
CA ASP C 156 -29.94 -12.46 -5.70
C ASP C 156 -28.48 -12.14 -6.07
N GLU C 157 -28.22 -12.02 -7.37
CA GLU C 157 -26.95 -11.52 -7.84
C GLU C 157 -27.11 -10.00 -7.86
N PRO C 158 -26.34 -9.29 -7.02
CA PRO C 158 -26.52 -7.84 -6.88
C PRO C 158 -26.27 -7.00 -8.14
N ASN C 159 -25.27 -7.38 -8.93
CA ASN C 159 -24.80 -6.54 -10.05
C ASN C 159 -25.51 -6.76 -11.40
N ILE C 160 -26.82 -6.60 -11.41
CA ILE C 160 -27.63 -6.79 -12.61
C ILE C 160 -28.55 -5.60 -12.85
N ILE C 161 -28.64 -5.21 -14.12
CA ILE C 161 -29.60 -4.22 -14.55
C ILE C 161 -30.25 -4.85 -15.77
N TRP C 162 -31.59 -4.97 -15.76
CA TRP C 162 -32.30 -5.63 -16.84
C TRP C 162 -32.58 -4.71 -18.02
N PHE C 163 -32.32 -5.23 -19.22
CA PHE C 163 -32.60 -4.52 -20.48
C PHE C 163 -33.61 -5.32 -21.27
N ILE C 164 -34.82 -4.81 -21.36
CA ILE C 164 -35.86 -5.39 -22.18
C ILE C 164 -35.63 -4.83 -23.57
N GLY C 165 -36.07 -5.52 -24.59
CA GLY C 165 -35.85 -5.05 -25.94
C GLY C 165 -34.47 -5.41 -26.47
N GLY C 166 -33.90 -4.53 -27.30
CA GLY C 166 -32.61 -4.78 -27.94
C GLY C 166 -32.66 -4.39 -29.41
N ASP C 167 -32.44 -3.10 -29.68
CA ASP C 167 -32.48 -2.53 -31.06
C ASP C 167 -33.80 -2.80 -31.74
N ILE C 168 -34.90 -2.51 -31.03
CA ILE C 168 -36.21 -2.79 -31.54
C ILE C 168 -37.25 -1.73 -31.05
N ARG C 169 -38.19 -1.39 -31.91
CA ARG C 169 -39.26 -0.44 -31.54
CA ARG C 169 -39.25 -0.44 -31.55
C ARG C 169 -40.13 -1.05 -30.46
N GLY C 170 -40.58 -0.22 -29.53
CA GLY C 170 -41.40 -0.66 -28.44
C GLY C 170 -42.76 -1.15 -28.89
N ASP C 171 -43.18 -0.75 -30.10
CA ASP C 171 -44.47 -1.19 -30.62
C ASP C 171 -44.36 -2.45 -31.48
N VAL C 172 -43.18 -3.07 -31.50
CA VAL C 172 -43.00 -4.34 -32.19
C VAL C 172 -42.92 -5.46 -31.14
N LYS C 173 -43.91 -6.36 -31.15
CA LYS C 173 -43.97 -7.49 -30.21
C LYS C 173 -44.09 -6.98 -28.76
N THR C 174 -44.89 -5.93 -28.59
CA THR C 174 -45.07 -5.30 -27.30
C THR C 174 -45.53 -6.27 -26.23
N ALA C 175 -46.52 -7.09 -26.55
CA ALA C 175 -47.06 -8.04 -25.58
C ALA C 175 -45.97 -8.96 -25.08
N GLU C 176 -45.13 -9.44 -25.99
CA GLU C 176 -44.04 -10.34 -25.61
C GLU C 176 -43.04 -9.63 -24.68
N TRP C 177 -42.67 -8.40 -25.03
CA TRP C 177 -41.72 -7.64 -24.22
C TRP C 177 -42.27 -7.38 -22.82
N GLU C 178 -43.54 -7.01 -22.73
CA GLU C 178 -44.13 -6.71 -21.43
C GLU C 178 -44.36 -7.96 -20.62
N ALA C 179 -44.63 -9.08 -21.30
CA ALA C 179 -44.75 -10.35 -20.62
C ALA C 179 -43.37 -10.71 -20.00
N LEU C 180 -42.30 -10.50 -20.77
CA LEU C 180 -40.94 -10.76 -20.27
C LEU C 180 -40.62 -9.84 -19.10
N ALA C 181 -40.90 -8.55 -19.28
CA ALA C 181 -40.64 -7.55 -18.27
C ALA C 181 -41.35 -7.84 -16.96
N THR C 182 -42.67 -8.02 -17.03
CA THR C 182 -43.48 -8.24 -15.84
C THR C 182 -43.18 -9.59 -15.18
N SER C 183 -42.81 -10.58 -15.98
CA SER C 183 -42.48 -11.90 -15.42
C SER C 183 -41.22 -11.83 -14.57
N ILE C 184 -40.24 -11.05 -15.02
CA ILE C 184 -38.99 -10.86 -14.26
C ILE C 184 -39.27 -10.13 -12.95
N LYS C 185 -39.99 -9.02 -13.03
CA LYS C 185 -40.26 -8.21 -11.82
C LYS C 185 -41.25 -8.81 -10.85
N ALA C 186 -41.99 -9.82 -11.29
CA ALA C 186 -42.88 -10.53 -10.37
C ALA C 186 -42.04 -11.26 -9.33
N ILE C 187 -40.82 -11.60 -9.71
CA ILE C 187 -39.94 -12.41 -8.87
C ILE C 187 -38.73 -11.64 -8.36
N ASP C 188 -38.13 -10.85 -9.25
CA ASP C 188 -36.95 -10.09 -8.93
C ASP C 188 -37.33 -8.68 -8.52
N LYS C 189 -37.20 -8.39 -7.23
CA LYS C 189 -37.53 -7.07 -6.70
C LYS C 189 -36.25 -6.28 -6.42
N ASN C 190 -35.12 -6.77 -6.94
CA ASN C 190 -33.82 -6.24 -6.55
C ASN C 190 -33.08 -5.43 -7.58
N HIS C 191 -33.56 -5.40 -8.82
CA HIS C 191 -32.84 -4.71 -9.90
C HIS C 191 -33.71 -3.77 -10.69
N LEU C 192 -33.07 -2.73 -11.25
CA LEU C 192 -33.77 -1.79 -12.10
C LEU C 192 -33.84 -2.37 -13.51
N MSE C 193 -34.64 -1.72 -14.37
CA MSE C 193 -34.95 -2.25 -15.66
C MSE C 193 -35.24 -1.14 -16.63
O MSE C 193 -35.83 -0.08 -16.27
CB MSE C 193 -36.17 -3.17 -15.53
CG MSE C 193 -36.73 -3.72 -16.84
SE MSE C 193 -38.22 -4.98 -16.53
CE MSE C 193 -37.29 -6.43 -15.69
N THR C 194 -34.83 -1.36 -17.89
CA THR C 194 -35.05 -0.38 -18.94
C THR C 194 -35.37 -1.09 -20.24
N PHE C 195 -35.46 -0.34 -21.34
CA PHE C 195 -35.79 -0.91 -22.67
C PHE C 195 -34.88 -0.30 -23.73
N HIS C 196 -34.11 -1.14 -24.43
CA HIS C 196 -33.17 -0.68 -25.46
C HIS C 196 -33.90 -0.62 -26.79
N PRO C 197 -34.06 0.60 -27.35
CA PRO C 197 -34.90 0.77 -28.52
C PRO C 197 -34.18 0.79 -29.85
N ARG C 198 -34.97 0.92 -30.91
CA ARG C 198 -34.47 0.99 -32.27
C ARG C 198 -33.67 2.28 -32.46
N GLY C 199 -32.79 2.28 -33.46
CA GLY C 199 -31.99 3.44 -33.78
C GLY C 199 -32.85 4.68 -34.04
N ARG C 200 -32.44 5.80 -33.44
CA ARG C 200 -33.14 7.09 -33.58
C ARG C 200 -34.52 7.15 -32.87
N THR C 201 -34.70 6.29 -31.86
CA THR C 201 -35.92 6.31 -31.07
C THR C 201 -35.58 6.23 -29.64
N THR C 202 -36.56 6.53 -28.81
CA THR C 202 -36.41 6.45 -27.37
C THR C 202 -37.48 5.59 -26.78
N SER C 203 -37.13 4.85 -25.74
CA SER C 203 -38.08 3.99 -25.05
C SER C 203 -39.25 4.80 -24.48
N ALA C 204 -39.02 6.09 -24.24
CA ALA C 204 -40.05 6.98 -23.68
C ALA C 204 -41.29 7.04 -24.56
N THR C 205 -41.08 6.90 -25.86
CA THR C 205 -42.19 6.93 -26.80
C THR C 205 -43.25 5.85 -26.50
N TRP C 206 -42.82 4.71 -25.94
CA TRP C 206 -43.74 3.63 -25.71
C TRP C 206 -43.93 3.26 -24.27
N PHE C 207 -42.90 3.42 -23.45
CA PHE C 207 -42.94 2.89 -22.11
C PHE C 207 -42.66 3.86 -20.98
N ASN C 208 -42.81 5.16 -21.20
CA ASN C 208 -42.52 6.11 -20.11
C ASN C 208 -43.44 5.89 -18.92
N ASN C 209 -44.65 5.42 -19.21
CA ASN C 209 -45.64 5.16 -18.19
C ASN C 209 -45.84 3.66 -17.93
N ALA C 210 -44.84 2.85 -18.31
CA ALA C 210 -44.85 1.42 -17.98
C ALA C 210 -44.20 1.26 -16.61
N PRO C 211 -44.93 0.70 -15.65
CA PRO C 211 -44.37 0.56 -14.30
C PRO C 211 -43.10 -0.24 -14.26
N TRP C 212 -42.96 -1.21 -15.15
CA TRP C 212 -41.76 -2.05 -15.14
C TRP C 212 -40.50 -1.30 -15.58
N LEU C 213 -40.66 -0.21 -16.33
CA LEU C 213 -39.52 0.61 -16.81
C LEU C 213 -39.13 1.67 -15.78
N ASP C 214 -37.96 1.50 -15.19
CA ASP C 214 -37.47 2.41 -14.18
C ASP C 214 -36.88 3.65 -14.77
N PHE C 215 -36.22 3.50 -15.94
CA PHE C 215 -35.63 4.63 -16.63
C PHE C 215 -35.61 4.39 -18.13
N ASN C 216 -35.57 5.48 -18.89
CA ASN C 216 -35.58 5.42 -20.33
C ASN C 216 -34.20 5.31 -20.94
N MSE C 217 -34.16 4.87 -22.18
CA MSE C 217 -32.94 4.69 -22.94
C MSE C 217 -33.24 4.93 -24.41
O MSE C 217 -34.31 4.57 -24.91
CB MSE C 217 -32.40 3.26 -22.73
CG MSE C 217 -31.17 2.90 -23.57
SE MSE C 217 -30.44 1.17 -23.00
CE MSE C 217 -29.66 1.70 -21.32
N PHE C 218 -32.32 5.60 -25.09
CA PHE C 218 -32.46 5.82 -26.52
C PHE C 218 -31.19 5.39 -27.23
N GLN C 219 -31.26 5.27 -28.55
CA GLN C 219 -30.14 4.92 -29.36
C GLN C 219 -29.90 6.01 -30.41
N SER C 220 -28.86 6.81 -30.20
CA SER C 220 -28.55 7.92 -31.10
C SER C 220 -27.68 7.50 -32.27
N GLY C 221 -26.91 6.41 -32.11
CA GLY C 221 -26.06 5.92 -33.20
C GLY C 221 -26.92 5.52 -34.38
N HIS C 222 -26.36 5.49 -35.59
CA HIS C 222 -24.94 5.75 -35.85
C HIS C 222 -24.80 6.60 -37.13
N ARG C 223 -25.88 7.26 -37.54
CA ARG C 223 -25.87 8.06 -38.75
C ARG C 223 -25.40 9.47 -38.48
N ARG C 224 -24.84 10.10 -39.51
CA ARG C 224 -24.41 11.49 -39.43
C ARG C 224 -25.55 12.37 -39.93
N TYR C 225 -25.41 13.68 -39.73
CA TYR C 225 -26.40 14.66 -40.21
C TYR C 225 -26.81 14.39 -41.66
N GLY C 226 -28.11 14.34 -41.89
CA GLY C 226 -28.66 14.21 -43.26
C GLY C 226 -28.47 12.87 -43.94
N GLN C 227 -28.08 11.86 -43.20
CA GLN C 227 -27.80 10.57 -43.81
C GLN C 227 -29.03 9.68 -43.82
N ARG C 228 -29.60 9.50 -45.00
CA ARG C 228 -30.77 8.66 -45.19
C ARG C 228 -30.46 7.58 -46.21
N PHE C 229 -31.20 6.50 -46.15
CA PHE C 229 -31.05 5.42 -47.12
C PHE C 229 -32.40 5.09 -47.72
N GLY C 230 -33.28 6.08 -47.72
CA GLY C 230 -34.65 5.93 -48.21
C GLY C 230 -35.43 7.20 -47.91
N ASP C 231 -36.67 7.26 -48.39
CA ASP C 231 -37.50 8.46 -48.19
C ASP C 231 -38.81 8.18 -47.43
N GLY C 232 -38.86 7.04 -46.75
CA GLY C 232 -40.03 6.67 -45.95
C GLY C 232 -40.09 7.43 -44.63
N ASP C 233 -40.96 6.97 -43.73
CA ASP C 233 -41.10 7.60 -42.41
C ASP C 233 -39.76 7.68 -41.70
N TYR C 234 -39.57 8.73 -40.91
CA TYR C 234 -38.34 8.93 -40.19
C TYR C 234 -38.72 9.39 -38.78
N PRO C 235 -38.19 8.73 -37.75
CA PRO C 235 -38.57 9.01 -36.39
C PRO C 235 -38.01 10.29 -35.83
N ILE C 236 -37.19 10.99 -36.61
CA ILE C 236 -36.63 12.26 -36.19
C ILE C 236 -36.71 13.25 -37.30
N GLU C 237 -36.48 14.51 -36.97
CA GLU C 237 -36.47 15.57 -37.96
C GLU C 237 -35.21 15.50 -38.84
N GLU C 238 -35.37 15.78 -40.13
CA GLU C 238 -34.26 15.80 -41.08
CA GLU C 238 -34.25 15.75 -41.07
C GLU C 238 -33.08 16.61 -40.54
N ASN C 239 -31.86 16.16 -40.81
CA ASN C 239 -30.63 16.85 -40.38
C ASN C 239 -30.46 17.06 -38.89
N THR C 240 -30.97 16.13 -38.08
CA THR C 240 -30.78 16.21 -36.64
C THR C 240 -30.15 14.92 -36.07
N GLU C 241 -29.64 14.06 -36.95
CA GLU C 241 -29.06 12.75 -36.52
C GLU C 241 -28.08 12.87 -35.38
N GLU C 242 -27.14 13.80 -35.48
CA GLU C 242 -26.09 13.92 -34.46
C GLU C 242 -26.50 14.72 -33.20
N ASP C 243 -27.72 15.27 -33.20
CA ASP C 243 -28.18 16.04 -32.04
C ASP C 243 -28.80 15.12 -30.99
N ASN C 244 -27.96 14.31 -30.34
CA ASN C 244 -28.50 13.35 -29.40
C ASN C 244 -29.10 14.02 -28.17
N TRP C 245 -28.81 15.32 -27.97
CA TRP C 245 -29.43 16.09 -26.87
C TRP C 245 -30.95 16.21 -27.07
N ARG C 246 -31.41 16.12 -28.33
CA ARG C 246 -32.86 16.21 -28.62
C ARG C 246 -33.64 15.03 -28.01
N PHE C 247 -33.03 13.82 -28.05
CA PHE C 247 -33.69 12.62 -27.47
C PHE C 247 -33.89 12.75 -25.96
N VAL C 248 -32.91 13.37 -25.29
CA VAL C 248 -32.99 13.57 -23.84
C VAL C 248 -34.13 14.52 -23.51
N GLU C 249 -34.21 15.59 -24.28
CA GLU C 249 -35.22 16.62 -24.12
C GLU C 249 -36.62 16.00 -24.27
N ARG C 250 -36.83 15.34 -25.40
CA ARG C 250 -38.12 14.76 -25.70
C ARG C 250 -38.52 13.65 -24.75
N SER C 251 -37.53 12.92 -24.23
CA SER C 251 -37.82 11.82 -23.30
C SER C 251 -38.27 12.34 -21.96
N MSE C 252 -37.55 13.32 -21.43
CA MSE C 252 -37.83 13.82 -20.09
C MSE C 252 -39.07 14.77 -20.03
O MSE C 252 -39.62 14.98 -18.98
CB MSE C 252 -36.57 14.49 -19.51
CG MSE C 252 -35.33 13.55 -19.50
SE MSE C 252 -33.80 14.25 -18.58
CE MSE C 252 -34.19 13.68 -16.84
N ALA C 253 -39.48 15.29 -21.18
CA ALA C 253 -40.69 16.12 -21.26
C ALA C 253 -41.92 15.23 -21.09
N MSE C 254 -41.69 13.93 -21.15
CA MSE C 254 -42.72 12.92 -21.04
C MSE C 254 -42.95 12.67 -19.54
O MSE C 254 -42.00 12.41 -18.82
CB MSE C 254 -42.21 11.69 -21.75
CG MSE C 254 -43.14 10.80 -22.21
SE MSE C 254 -42.72 10.43 -24.07
CE MSE C 254 -43.62 12.09 -24.71
N LYS C 255 -44.21 12.76 -19.08
CA LYS C 255 -44.50 12.72 -17.62
C LYS C 255 -45.38 11.55 -17.18
N PRO C 256 -45.23 11.14 -15.90
CA PRO C 256 -44.23 11.67 -14.95
C PRO C 256 -42.79 11.40 -15.44
N MSE C 257 -41.90 12.36 -15.19
CA MSE C 257 -40.52 12.29 -15.67
C MSE C 257 -39.71 11.15 -15.07
O MSE C 257 -39.81 10.85 -13.91
CB MSE C 257 -39.80 13.63 -15.38
CG MSE C 257 -38.40 13.73 -15.95
SE MSE C 257 -37.72 15.55 -15.72
CE MSE C 257 -37.65 15.49 -13.84
N LYS C 258 -38.94 10.49 -15.91
CA LYS C 258 -38.02 9.44 -15.48
C LYS C 258 -36.63 9.74 -16.02
N PRO C 259 -35.59 9.19 -15.39
CA PRO C 259 -34.23 9.39 -15.92
C PRO C 259 -34.10 8.80 -17.32
N VAL C 260 -33.14 9.31 -18.09
CA VAL C 260 -32.90 8.83 -19.43
C VAL C 260 -31.39 8.76 -19.71
N ILE C 261 -30.99 7.87 -20.62
CA ILE C 261 -29.58 7.70 -20.96
C ILE C 261 -29.42 7.29 -22.40
N ASP C 262 -28.33 7.73 -23.04
CA ASP C 262 -28.03 7.28 -24.38
C ASP C 262 -27.38 5.90 -24.23
N GLY C 263 -28.14 4.86 -24.48
CA GLY C 263 -27.66 3.47 -24.35
C GLY C 263 -26.86 2.99 -25.52
N GLU C 264 -26.87 3.75 -26.60
CA GLU C 264 -26.11 3.39 -27.75
C GLU C 264 -25.92 4.55 -28.70
N PRO C 265 -24.90 5.36 -28.43
CA PRO C 265 -24.53 6.43 -29.32
C PRO C 265 -23.71 5.87 -30.42
N ILE C 266 -23.09 6.72 -31.19
CA ILE C 266 -22.14 6.27 -32.18
C ILE C 266 -21.04 5.46 -31.48
N TYR C 267 -20.56 4.42 -32.14
CA TYR C 267 -19.43 3.64 -31.63
C TYR C 267 -18.12 4.13 -32.27
N GLU C 268 -17.06 4.12 -31.50
CA GLU C 268 -15.78 4.53 -31.98
C GLU C 268 -15.32 3.57 -33.08
N GLU C 269 -14.81 4.15 -34.18
CA GLU C 269 -14.29 3.41 -35.34
CA GLU C 269 -14.27 3.37 -35.34
C GLU C 269 -15.37 2.68 -36.16
N ILE C 270 -16.64 3.00 -35.92
CA ILE C 270 -17.70 2.42 -36.74
C ILE C 270 -18.00 3.43 -37.84
N PRO C 271 -18.34 2.95 -39.05
CA PRO C 271 -18.58 3.85 -40.18
C PRO C 271 -19.86 4.67 -40.06
N HIS C 272 -19.82 5.90 -40.57
CA HIS C 272 -21.00 6.77 -40.62
C HIS C 272 -22.12 6.05 -41.29
N GLY C 273 -23.19 5.76 -40.55
CA GLY C 273 -24.38 5.14 -41.12
C GLY C 273 -24.37 3.62 -41.17
N LEU C 274 -23.23 3.01 -40.79
CA LEU C 274 -23.08 1.51 -40.72
C LEU C 274 -22.96 0.76 -42.07
N HIS C 275 -23.81 1.08 -43.01
CA HIS C 275 -23.91 0.30 -44.26
C HIS C 275 -22.67 0.27 -45.16
N ASP C 276 -22.00 1.39 -45.29
CA ASP C 276 -20.82 1.46 -46.15
C ASP C 276 -19.52 1.43 -45.31
N GLU C 277 -18.79 0.33 -45.39
CA GLU C 277 -17.58 0.16 -44.58
C GLU C 277 -16.45 1.09 -45.01
N ASN C 278 -16.58 1.71 -46.15
CA ASN C 278 -15.56 2.65 -46.63
C ASN C 278 -15.87 4.10 -46.29
N GLU C 279 -16.96 4.33 -45.57
CA GLU C 279 -17.31 5.68 -45.15
C GLU C 279 -16.38 6.15 -44.05
N LEU C 280 -16.44 7.44 -43.75
CA LEU C 280 -15.69 7.99 -42.65
C LEU C 280 -16.07 7.23 -41.37
N LEU C 281 -15.12 7.12 -40.46
CA LEU C 281 -15.35 6.47 -39.21
C LEU C 281 -15.52 7.50 -38.09
N TRP C 282 -16.39 7.20 -37.14
CA TRP C 282 -16.57 8.06 -35.98
C TRP C 282 -15.29 7.98 -35.14
N LYS C 283 -14.78 9.14 -34.72
CA LYS C 283 -13.53 9.20 -33.99
C LYS C 283 -13.75 9.58 -32.54
N ASP C 284 -12.65 9.67 -31.78
CA ASP C 284 -12.73 9.97 -30.36
C ASP C 284 -13.40 11.31 -30.08
N TYR C 285 -13.12 12.31 -30.91
CA TYR C 285 -13.74 13.63 -30.71
C TYR C 285 -15.29 13.53 -30.87
N ASP C 286 -15.74 12.71 -31.81
CA ASP C 286 -17.17 12.49 -32.01
C ASP C 286 -17.75 11.79 -30.78
N VAL C 287 -17.06 10.76 -30.32
CA VAL C 287 -17.48 9.98 -29.16
C VAL C 287 -17.64 10.85 -27.92
N ARG C 288 -16.74 11.80 -27.74
CA ARG C 288 -16.82 12.73 -26.63
C ARG C 288 -18.03 13.66 -26.80
N ARG C 289 -18.21 14.18 -28.01
CA ARG C 289 -19.33 15.10 -28.26
C ARG C 289 -20.69 14.48 -27.87
N TYR C 290 -20.93 13.23 -28.30
CA TYR C 290 -22.20 12.54 -27.97
C TYR C 290 -22.35 12.35 -26.48
N ALA C 291 -21.25 12.06 -25.81
CA ALA C 291 -21.28 11.82 -24.37
C ALA C 291 -21.64 13.07 -23.57
N TYR C 292 -20.96 14.17 -23.85
CA TYR C 292 -21.21 15.42 -23.14
C TYR C 292 -22.54 16.06 -23.56
N TRP C 293 -22.89 15.97 -24.84
CA TRP C 293 -24.16 16.48 -25.30
C TRP C 293 -25.33 15.78 -24.58
N SER C 294 -25.24 14.46 -24.43
CA SER C 294 -26.33 13.70 -23.76
C SER C 294 -26.40 14.00 -22.26
N VAL C 295 -25.26 13.94 -21.59
CA VAL C 295 -25.21 14.19 -20.14
C VAL C 295 -25.63 15.66 -19.80
N PHE C 296 -25.11 16.60 -20.54
CA PHE C 296 -25.41 18.02 -20.30
C PHE C 296 -26.85 18.37 -20.67
N ALA C 297 -27.47 17.57 -21.53
CA ALA C 297 -28.86 17.76 -21.89
C ALA C 297 -29.77 17.23 -20.77
N GLY C 298 -29.22 16.41 -19.87
CA GLY C 298 -30.00 15.88 -18.74
C GLY C 298 -29.87 14.37 -18.45
N SER C 299 -29.17 13.62 -19.31
CA SER C 299 -29.01 12.18 -19.08
C SER C 299 -28.27 11.93 -17.77
N PHE C 300 -28.59 10.83 -17.11
CA PHE C 300 -28.04 10.52 -15.80
C PHE C 300 -26.69 9.84 -15.87
N GLY C 301 -26.25 9.54 -17.08
CA GLY C 301 -25.00 8.84 -17.32
C GLY C 301 -24.80 8.69 -18.80
N HIS C 302 -23.91 7.78 -19.21
CA HIS C 302 -23.69 7.56 -20.64
C HIS C 302 -23.08 6.22 -20.93
N THR C 303 -23.49 5.63 -22.04
CA THR C 303 -22.90 4.40 -22.48
C THR C 303 -22.06 4.66 -23.69
N TYR C 304 -20.81 4.16 -23.64
CA TYR C 304 -19.87 4.23 -24.75
C TYR C 304 -19.84 2.88 -25.45
N GLY C 305 -19.42 2.87 -26.71
CA GLY C 305 -19.25 1.65 -27.45
C GLY C 305 -18.14 1.77 -28.51
N HIS C 306 -17.50 0.65 -28.83
CA HIS C 306 -16.44 0.60 -29.84
C HIS C 306 -16.77 -0.50 -30.85
N ASN C 307 -16.65 -0.19 -32.14
CA ASN C 307 -16.96 -1.15 -33.21
C ASN C 307 -16.33 -2.56 -32.99
N SER C 308 -15.03 -2.59 -32.68
CA SER C 308 -14.31 -3.87 -32.47
C SER C 308 -14.65 -4.54 -31.15
N ILE C 309 -14.80 -3.75 -30.10
CA ILE C 309 -15.03 -4.31 -28.76
C ILE C 309 -16.43 -4.96 -28.65
N MSE C 310 -17.46 -4.25 -29.11
CA MSE C 310 -18.85 -4.73 -28.96
C MSE C 310 -19.11 -6.08 -29.66
O MSE C 310 -19.94 -6.86 -29.21
CB MSE C 310 -19.86 -3.65 -29.41
CG MSE C 310 -19.83 -3.28 -30.89
SE MSE C 310 -21.04 -4.32 -31.97
CE MSE C 310 -20.71 -3.46 -33.65
N GLN C 311 -18.36 -6.38 -30.71
CA GLN C 311 -18.48 -7.69 -31.40
C GLN C 311 -17.33 -8.62 -31.06
N PHE C 312 -16.45 -8.18 -30.18
CA PHE C 312 -15.28 -8.93 -29.79
C PHE C 312 -14.58 -9.58 -30.98
N ILE C 313 -14.09 -8.71 -31.87
CA ILE C 313 -13.34 -9.13 -33.07
C ILE C 313 -12.08 -9.82 -32.69
N LYS C 314 -11.84 -10.99 -33.26
CA LYS C 314 -10.57 -11.73 -33.05
C LYS C 314 -10.00 -12.07 -34.43
N PRO C 315 -8.68 -12.20 -34.53
CA PRO C 315 -8.14 -12.62 -35.81
C PRO C 315 -8.78 -13.94 -36.25
N GLY C 316 -9.11 -14.05 -37.54
CA GLY C 316 -9.69 -15.25 -38.09
C GLY C 316 -11.20 -15.17 -38.26
N VAL C 317 -11.79 -14.07 -37.79
CA VAL C 317 -13.23 -13.89 -37.88
C VAL C 317 -13.56 -12.56 -38.57
N GLY C 318 -14.56 -12.59 -39.42
CA GLY C 318 -14.95 -11.43 -40.16
C GLY C 318 -15.70 -10.45 -39.31
N GLY C 319 -15.19 -9.22 -39.23
CA GLY C 319 -15.84 -8.21 -38.46
C GLY C 319 -16.97 -7.58 -39.23
N ALA C 320 -18.04 -7.24 -38.53
CA ALA C 320 -19.13 -6.50 -39.14
C ALA C 320 -18.71 -5.02 -39.18
N TYR C 321 -19.29 -4.27 -40.10
CA TYR C 321 -19.05 -2.79 -40.21
C TYR C 321 -17.58 -2.42 -40.40
N GLY C 322 -16.83 -3.28 -41.09
CA GLY C 322 -15.44 -3.00 -41.41
C GLY C 322 -14.45 -3.14 -40.29
N ALA C 323 -14.88 -3.67 -39.15
CA ALA C 323 -13.98 -3.84 -38.00
C ALA C 323 -12.87 -4.84 -38.32
N LYS C 324 -11.63 -4.46 -38.08
CA LYS C 324 -10.51 -5.38 -38.29
C LYS C 324 -9.63 -5.47 -37.06
N LYS C 325 -9.44 -4.35 -36.39
CA LYS C 325 -8.65 -4.32 -35.20
C LYS C 325 -9.28 -5.26 -34.12
N PRO C 326 -8.47 -6.17 -33.57
CA PRO C 326 -8.97 -7.07 -32.54
C PRO C 326 -9.48 -6.29 -31.32
N TRP C 327 -10.50 -6.82 -30.66
CA TRP C 327 -11.08 -6.16 -29.50
C TRP C 327 -10.02 -5.81 -28.45
N TYR C 328 -9.03 -6.68 -28.26
CA TYR C 328 -8.00 -6.46 -27.21
C TYR C 328 -7.02 -5.36 -27.57
N ASP C 329 -6.91 -5.06 -28.87
CA ASP C 329 -6.11 -3.92 -29.31
C ASP C 329 -6.92 -2.64 -29.22
N ALA C 330 -8.24 -2.75 -29.42
CA ALA C 330 -9.14 -1.60 -29.35
C ALA C 330 -9.20 -0.98 -27.92
N LEU C 331 -8.79 -1.76 -26.93
CA LEU C 331 -8.73 -1.28 -25.55
C LEU C 331 -7.79 -0.09 -25.42
N ASN C 332 -6.95 0.11 -26.41
CA ASN C 332 -5.99 1.23 -26.40
C ASN C 332 -6.43 2.43 -27.20
N ASP C 333 -7.63 2.39 -27.77
CA ASP C 333 -8.13 3.52 -28.58
C ASP C 333 -8.54 4.68 -27.67
N PRO C 334 -8.36 5.91 -28.16
CA PRO C 334 -8.54 7.12 -27.34
C PRO C 334 -9.93 7.30 -26.71
N GLY C 335 -10.98 7.15 -27.48
CA GLY C 335 -12.36 7.34 -26.96
C GLY C 335 -12.64 6.46 -25.75
N TYR C 336 -12.36 5.19 -25.88
CA TYR C 336 -12.55 4.22 -24.81
C TYR C 336 -11.82 4.65 -23.53
N ASN C 337 -10.70 5.35 -23.71
CA ASN C 337 -9.87 5.79 -22.61
C ASN C 337 -10.15 7.19 -22.11
N GLN C 338 -11.15 7.85 -22.68
CA GLN C 338 -11.49 9.24 -22.32
C GLN C 338 -12.82 9.37 -21.53
N MSE C 339 -13.61 8.31 -21.52
CA MSE C 339 -14.91 8.36 -20.88
C MSE C 339 -14.78 8.57 -19.39
O MSE C 339 -15.64 9.19 -18.78
CB MSE C 339 -15.69 7.07 -21.17
CG MSE C 339 -16.10 6.89 -22.64
SE MSE C 339 -17.27 8.30 -23.32
CE MSE C 339 -15.99 9.56 -23.98
N LYS C 340 -13.70 8.09 -18.81
CA LYS C 340 -13.49 8.25 -17.39
C LYS C 340 -13.46 9.72 -17.00
N TYR C 341 -13.06 10.59 -17.92
CA TYR C 341 -12.96 12.01 -17.61
C TYR C 341 -14.35 12.64 -17.47
N LEU C 342 -15.33 12.06 -18.15
CA LEU C 342 -16.71 12.49 -18.01
C LEU C 342 -17.23 12.10 -16.61
N LYS C 343 -16.96 10.85 -16.21
CA LYS C 343 -17.40 10.34 -14.92
C LYS C 343 -16.78 11.14 -13.77
N ASN C 344 -15.46 11.33 -13.81
CA ASN C 344 -14.76 12.11 -12.78
C ASN C 344 -15.37 13.50 -12.63
N LEU C 345 -15.62 14.15 -13.77
CA LEU C 345 -16.19 15.48 -13.78
C LEU C 345 -17.53 15.56 -13.03
N MSE C 346 -18.48 14.73 -13.44
CA MSE C 346 -19.83 14.79 -12.90
C MSE C 346 -19.88 14.41 -11.43
O MSE C 346 -20.68 14.94 -10.67
CB MSE C 346 -20.80 13.93 -13.73
CG MSE C 346 -20.74 14.18 -15.22
SE MSE C 346 -20.89 16.01 -15.73
CE MSE C 346 -22.76 16.35 -15.08
N LEU C 347 -18.99 13.53 -10.99
CA LEU C 347 -18.96 13.13 -9.58
C LEU C 347 -18.22 14.14 -8.67
N THR C 348 -17.73 15.23 -9.26
CA THR C 348 -17.00 16.25 -8.47
C THR C 348 -17.95 17.32 -7.91
N PHE C 349 -19.14 17.44 -8.48
CA PHE C 349 -20.09 18.47 -8.08
C PHE C 349 -21.43 17.91 -7.54
N PRO C 350 -22.18 18.74 -6.77
CA PRO C 350 -23.48 18.34 -6.27
C PRO C 350 -24.25 17.63 -7.35
N PHE C 351 -24.62 16.40 -7.07
CA PHE C 351 -25.13 15.48 -8.09
C PHE C 351 -26.63 15.62 -8.42
N PHE C 352 -27.48 15.50 -7.40
CA PHE C 352 -28.95 15.42 -7.62
C PHE C 352 -29.67 16.72 -7.97
N GLU C 353 -29.09 17.87 -7.63
CA GLU C 353 -29.72 19.14 -7.96
C GLU C 353 -29.33 19.66 -9.32
N ARG C 354 -28.64 18.86 -10.11
CA ARG C 354 -28.24 19.29 -11.44
C ARG C 354 -29.38 19.25 -12.39
N VAL C 355 -29.44 20.25 -13.27
CA VAL C 355 -30.45 20.31 -14.28
C VAL C 355 -29.83 20.85 -15.54
N PRO C 356 -30.45 20.56 -16.68
CA PRO C 356 -30.00 21.18 -17.91
C PRO C 356 -30.54 22.60 -17.96
N ASP C 357 -29.83 23.52 -18.59
CA ASP C 357 -30.28 24.92 -18.62
C ASP C 357 -29.55 25.74 -19.67
N GLN C 358 -30.16 25.84 -20.84
CA GLN C 358 -29.56 26.56 -21.91
C GLN C 358 -29.56 28.08 -21.68
N SER C 359 -30.33 28.58 -20.69
CA SER C 359 -30.38 30.02 -20.42
C SER C 359 -29.07 30.48 -19.79
N VAL C 360 -28.24 29.52 -19.36
CA VAL C 360 -26.91 29.83 -18.87
C VAL C 360 -26.08 30.42 -20.01
N ILE C 361 -26.45 30.07 -21.24
CA ILE C 361 -25.80 30.55 -22.43
C ILE C 361 -26.56 31.76 -22.99
N ALA C 362 -25.92 32.93 -22.95
CA ALA C 362 -26.54 34.17 -23.41
C ALA C 362 -26.12 34.48 -24.83
N GLY C 363 -26.74 35.46 -25.42
CA GLY C 363 -26.43 35.84 -26.78
C GLY C 363 -26.93 34.83 -27.79
N GLN C 364 -26.31 34.82 -28.95
CA GLN C 364 -26.68 33.93 -30.02
C GLN C 364 -25.84 32.66 -29.94
N ASN C 365 -26.47 31.53 -29.60
CA ASN C 365 -25.76 30.25 -29.53
C ASN C 365 -25.55 29.72 -30.93
N GLY C 366 -24.55 28.87 -31.09
CA GLY C 366 -24.25 28.32 -32.40
C GLY C 366 -25.18 27.17 -32.80
N GLU C 367 -25.07 26.76 -34.05
CA GLU C 367 -25.83 25.63 -34.58
C GLU C 367 -24.92 24.42 -34.77
N ARG C 368 -25.55 23.24 -34.87
CA ARG C 368 -24.84 21.96 -35.03
C ARG C 368 -23.70 21.80 -34.02
N TYR C 369 -22.47 21.62 -34.51
CA TYR C 369 -21.32 21.41 -33.60
C TYR C 369 -21.01 22.65 -32.77
N ASP C 370 -21.41 23.82 -33.26
CA ASP C 370 -21.20 25.10 -32.56
C ASP C 370 -22.24 25.37 -31.45
N ARG C 371 -23.17 24.45 -31.25
CA ARG C 371 -24.18 24.62 -30.20
C ARG C 371 -23.62 24.28 -28.84
N ALA C 372 -23.30 25.32 -28.08
CA ALA C 372 -22.83 25.13 -26.73
C ALA C 372 -23.97 24.56 -25.90
N ILE C 373 -23.64 23.77 -24.90
CA ILE C 373 -24.65 23.16 -24.11
C ILE C 373 -24.29 23.29 -22.63
N ALA C 374 -25.30 23.55 -21.78
CA ALA C 374 -25.05 23.88 -20.36
C ALA C 374 -25.91 23.16 -19.39
N THR C 375 -25.37 22.94 -18.23
CA THR C 375 -26.06 22.30 -17.16
C THR C 375 -25.59 22.96 -15.90
N ARG C 376 -26.38 22.89 -14.84
CA ARG C 376 -26.02 23.55 -13.60
C ARG C 376 -26.70 22.99 -12.39
N GLY C 377 -26.09 23.21 -11.24
CA GLY C 377 -26.72 22.95 -9.96
C GLY C 377 -27.20 24.31 -9.42
N ASN C 378 -27.18 24.48 -8.10
CA ASN C 378 -27.57 25.74 -7.47
C ASN C 378 -26.38 26.71 -7.32
N ASP C 379 -25.18 26.13 -7.13
CA ASP C 379 -23.96 26.92 -6.88
C ASP C 379 -22.83 26.63 -7.93
N TYR C 380 -23.17 25.99 -9.05
CA TYR C 380 -22.18 25.71 -10.11
C TYR C 380 -22.85 25.53 -11.45
N LEU C 381 -22.10 25.77 -12.51
CA LEU C 381 -22.57 25.57 -13.86
C LEU C 381 -21.41 25.09 -14.74
N MSE C 382 -21.77 24.45 -15.87
CA MSE C 382 -20.81 23.90 -16.79
C MSE C 382 -21.31 24.14 -18.18
O MSE C 382 -22.48 23.94 -18.46
CB MSE C 382 -20.66 22.40 -16.58
CG MSE C 382 -20.07 22.00 -15.24
SE MSE C 382 -20.02 20.04 -15.08
CE MSE C 382 -19.18 19.88 -13.40
N VAL C 383 -20.44 24.60 -19.06
CA VAL C 383 -20.81 24.81 -20.44
C VAL C 383 -19.85 24.07 -21.34
N TYR C 384 -20.37 23.09 -22.08
CA TYR C 384 -19.56 22.28 -22.98
C TYR C 384 -19.51 22.91 -24.37
N ASN C 385 -18.31 23.24 -24.81
CA ASN C 385 -18.11 23.87 -26.09
C ASN C 385 -17.22 22.98 -26.92
N TYR C 386 -17.78 22.44 -27.99
CA TYR C 386 -17.10 21.49 -28.83
C TYR C 386 -16.15 22.13 -29.85
N THR C 387 -16.55 23.25 -30.43
CA THR C 387 -15.76 23.89 -31.47
C THR C 387 -14.82 25.00 -30.99
N GLY C 388 -15.12 25.59 -29.85
CA GLY C 388 -14.31 26.69 -29.33
C GLY C 388 -14.88 28.06 -29.71
N ARG C 389 -15.97 28.06 -30.44
CA ARG C 389 -16.66 29.32 -30.82
C ARG C 389 -16.91 30.16 -29.59
N PRO C 390 -16.55 31.47 -29.65
CA PRO C 390 -16.77 32.39 -28.53
C PRO C 390 -18.17 32.26 -28.00
N MSE C 391 -18.31 32.28 -26.68
CA MSE C 391 -19.61 32.18 -26.04
C MSE C 391 -19.77 33.16 -24.87
O MSE C 391 -18.79 33.61 -24.27
CB MSE C 391 -19.83 30.74 -25.54
CG MSE C 391 -18.82 30.29 -24.55
SE MSE C 391 -19.15 28.49 -23.92
CE MSE C 391 -17.63 28.29 -22.86
N GLU C 392 -21.01 33.47 -24.56
CA GLU C 392 -21.35 34.35 -23.44
C GLU C 392 -22.11 33.55 -22.41
N VAL C 393 -21.64 33.60 -21.17
CA VAL C 393 -22.20 32.79 -20.11
C VAL C 393 -22.73 33.67 -18.97
N ASP C 394 -23.96 33.38 -18.54
CA ASP C 394 -24.63 34.18 -17.50
C ASP C 394 -24.41 33.57 -16.14
N PHE C 395 -23.50 34.16 -15.39
CA PHE C 395 -23.16 33.66 -14.06
C PHE C 395 -24.28 33.87 -13.05
N SER C 396 -25.24 34.72 -13.38
CA SER C 396 -26.32 35.03 -12.42
C SER C 396 -27.33 33.87 -12.25
N LYS C 397 -27.17 32.80 -13.05
CA LYS C 397 -28.09 31.65 -12.98
C LYS C 397 -27.76 30.77 -11.79
N ILE C 398 -26.61 31.00 -11.19
CA ILE C 398 -26.23 30.27 -9.99
C ILE C 398 -25.92 31.27 -8.89
N SER C 399 -25.72 30.78 -7.67
CA SER C 399 -25.52 31.65 -6.53
C SER C 399 -24.11 32.20 -6.47
N GLY C 400 -23.89 33.19 -5.57
CA GLY C 400 -22.56 33.78 -5.36
C GLY C 400 -22.37 35.16 -5.99
N ALA C 401 -21.89 36.11 -5.18
CA ALA C 401 -21.60 37.46 -5.68
C ALA C 401 -20.39 37.37 -6.61
N LYS C 402 -19.43 36.52 -6.24
CA LYS C 402 -18.27 36.25 -7.08
C LYS C 402 -18.24 34.78 -7.51
N LYS C 403 -17.64 34.52 -8.67
CA LYS C 403 -17.52 33.16 -9.22
C LYS C 403 -16.06 32.85 -9.57
N ASN C 404 -15.68 31.59 -9.41
CA ASN C 404 -14.38 31.10 -9.89
C ASN C 404 -14.64 30.31 -11.15
N ALA C 405 -13.78 30.45 -12.15
CA ALA C 405 -13.95 29.74 -13.42
C ALA C 405 -12.69 28.97 -13.79
N TRP C 406 -12.90 27.79 -14.41
CA TRP C 406 -11.83 26.91 -14.86
C TRP C 406 -12.13 26.38 -16.25
N TRP C 407 -11.10 25.93 -16.96
CA TRP C 407 -11.27 25.22 -18.22
C TRP C 407 -10.99 23.76 -17.96
N TYR C 408 -11.84 22.88 -18.47
CA TYR C 408 -11.65 21.43 -18.36
C TYR C 408 -11.56 20.87 -19.76
N THR C 409 -10.41 20.27 -20.09
CA THR C 409 -10.22 19.66 -21.39
C THR C 409 -10.61 18.19 -21.31
N THR C 410 -11.63 17.82 -22.07
CA THR C 410 -12.24 16.49 -21.97
C THR C 410 -11.39 15.34 -22.46
N LYS C 411 -10.40 15.60 -23.34
CA LYS C 411 -9.57 14.49 -23.85
C LYS C 411 -8.48 14.03 -22.85
N ASP C 412 -8.19 14.85 -21.82
CA ASP C 412 -7.11 14.50 -20.85
C ASP C 412 -7.45 14.71 -19.38
N GLY C 413 -8.63 15.27 -19.11
CA GLY C 413 -9.07 15.49 -17.74
C GLY C 413 -8.31 16.61 -17.02
N LYS C 414 -7.59 17.41 -17.80
CA LYS C 414 -6.80 18.51 -17.24
C LYS C 414 -7.64 19.74 -16.96
N LEU C 415 -7.30 20.41 -15.88
CA LEU C 415 -8.04 21.54 -15.38
C LEU C 415 -7.14 22.78 -15.36
N GLU C 416 -7.64 23.89 -15.88
CA GLU C 416 -6.88 25.13 -15.91
C GLU C 416 -7.70 26.29 -15.31
N TYR C 417 -7.19 26.88 -14.23
CA TYR C 417 -7.89 27.97 -13.55
C TYR C 417 -7.84 29.24 -14.38
N ILE C 418 -8.99 29.88 -14.58
CA ILE C 418 -9.07 31.10 -15.35
C ILE C 418 -8.96 32.33 -14.46
N GLY C 419 -9.75 32.37 -13.39
CA GLY C 419 -9.75 33.51 -12.48
C GLY C 419 -11.10 33.73 -11.83
N GLU C 420 -11.20 34.86 -11.11
CA GLU C 420 -12.40 35.21 -10.38
C GLU C 420 -13.19 36.23 -11.18
N PHE C 421 -14.53 36.17 -11.08
CA PHE C 421 -15.41 37.04 -11.87
C PHE C 421 -16.57 37.59 -11.06
N ASP C 422 -17.14 38.69 -11.52
CA ASP C 422 -18.30 39.25 -10.87
C ASP C 422 -19.54 38.50 -11.41
N ASN C 423 -20.68 38.78 -10.84
CA ASN C 423 -21.88 38.01 -11.14
C ASN C 423 -22.72 38.47 -12.34
N GLY C 424 -22.06 38.78 -13.44
CA GLY C 424 -22.78 39.17 -14.66
C GLY C 424 -22.59 38.16 -15.80
N VAL C 425 -22.81 38.63 -17.02
CA VAL C 425 -22.61 37.85 -18.22
C VAL C 425 -21.19 38.08 -18.73
N HIS C 426 -20.45 37.00 -18.94
CA HIS C 426 -19.05 37.09 -19.37
C HIS C 426 -18.79 36.33 -20.68
N LYS C 427 -17.89 36.86 -21.49
CA LYS C 427 -17.55 36.29 -22.79
C LYS C 427 -16.31 35.41 -22.65
N PHE C 428 -16.35 34.22 -23.25
CA PHE C 428 -15.23 33.26 -23.15
C PHE C 428 -14.87 32.66 -24.49
N GLN C 429 -13.58 32.33 -24.62
CA GLN C 429 -13.06 31.71 -25.81
C GLN C 429 -11.76 31.00 -25.43
N HIS C 430 -11.79 29.68 -25.47
CA HIS C 430 -10.64 28.87 -25.07
C HIS C 430 -9.50 29.02 -26.05
N ASP C 431 -8.28 28.94 -25.55
CA ASP C 431 -7.09 29.07 -26.38
C ASP C 431 -6.77 27.74 -27.06
N SER C 432 -7.44 27.46 -28.16
CA SER C 432 -7.21 26.24 -28.92
C SER C 432 -7.75 26.39 -30.32
N GLY C 433 -7.36 25.49 -31.20
CA GLY C 433 -7.79 25.54 -32.56
C GLY C 433 -9.30 25.47 -32.65
N TYR C 434 -9.87 26.27 -33.55
CA TYR C 434 -11.31 26.28 -33.74
C TYR C 434 -11.74 25.03 -34.45
N SER C 435 -12.76 24.38 -33.93
CA SER C 435 -13.31 23.20 -34.54
C SER C 435 -12.20 22.16 -34.83
N SER C 436 -11.38 21.89 -33.83
CA SER C 436 -10.24 21.02 -33.99
C SER C 436 -10.36 19.76 -33.15
N GLY C 437 -11.52 19.53 -32.57
CA GLY C 437 -11.70 18.36 -31.71
C GLY C 437 -11.02 18.55 -30.37
N ASN C 438 -10.84 19.79 -29.98
CA ASN C 438 -10.30 20.09 -28.66
C ASN C 438 -11.41 20.66 -27.77
N ASP C 439 -12.46 19.86 -27.63
CA ASP C 439 -13.61 20.24 -26.85
C ASP C 439 -13.24 20.49 -25.39
N HIS C 440 -14.00 21.37 -24.74
CA HIS C 440 -13.71 21.80 -23.40
C HIS C 440 -14.96 22.16 -22.64
N VAL C 441 -14.86 22.14 -21.32
CA VAL C 441 -15.94 22.53 -20.47
C VAL C 441 -15.53 23.75 -19.63
N LEU C 442 -16.34 24.80 -19.68
CA LEU C 442 -16.15 25.93 -18.80
C LEU C 442 -16.82 25.59 -17.48
N ILE C 443 -16.03 25.47 -16.43
CA ILE C 443 -16.56 25.20 -15.11
C ILE C 443 -16.60 26.51 -14.32
N VAL C 444 -17.79 26.88 -13.85
CA VAL C 444 -17.98 28.11 -13.08
C VAL C 444 -18.62 27.74 -11.73
N VAL C 445 -17.99 28.17 -10.64
CA VAL C 445 -18.47 27.84 -9.32
C VAL C 445 -18.57 29.08 -8.42
N ASP C 446 -19.56 29.04 -7.52
CA ASP C 446 -19.76 30.06 -6.51
C ASP C 446 -18.49 30.16 -5.70
N SER C 447 -17.92 31.37 -5.62
CA SER C 447 -16.59 31.57 -4.97
C SER C 447 -16.50 31.04 -3.54
N SER C 448 -17.64 30.89 -2.87
CA SER C 448 -17.65 30.41 -1.47
C SER C 448 -17.63 28.89 -1.38
N LYS C 449 -17.70 28.20 -2.52
CA LYS C 449 -17.69 26.73 -2.54
C LYS C 449 -16.36 26.25 -3.06
N ASP C 450 -15.90 25.09 -2.60
CA ASP C 450 -14.60 24.57 -3.04
C ASP C 450 -14.67 23.14 -3.61
N TYR C 451 -15.57 22.92 -4.56
CA TYR C 451 -15.67 21.63 -5.20
C TYR C 451 -14.40 21.39 -6.02
N VAL C 452 -13.86 22.47 -6.56
CA VAL C 452 -12.60 22.42 -7.32
C VAL C 452 -11.64 23.52 -6.79
N LYS C 453 -10.39 23.13 -6.52
CA LYS C 453 -9.38 24.07 -5.99
C LYS C 453 -8.74 24.91 -7.09
N LYS C 454 -8.42 26.17 -6.76
CA LYS C 454 -7.76 27.09 -7.73
C LYS C 454 -6.39 26.54 -8.15
N ASP C 455 -5.74 25.87 -7.23
CA ASP C 455 -4.43 25.29 -7.47
C ASP C 455 -4.55 23.88 -8.12
N CYS C 456 -5.77 23.46 -8.42
CA CYS C 456 -6.03 22.14 -9.02
C CYS C 456 -5.68 22.16 -10.50
N TYR C 457 -4.90 21.16 -10.95
CA TYR C 457 -4.45 21.06 -12.35
CA TYR C 457 -4.48 21.07 -12.36
C TYR C 457 -5.17 19.92 -13.12
N GLN C 458 -5.95 19.12 -12.40
CA GLN C 458 -6.71 18.03 -13.03
C GLN C 458 -7.74 17.45 -12.07
N ILE C 459 -8.84 16.91 -12.60
CA ILE C 459 -9.83 16.25 -11.78
C ILE C 459 -9.40 14.79 -11.62
N ASP C 460 -9.13 14.39 -10.38
CA ASP C 460 -8.66 13.03 -10.11
C ASP C 460 -9.75 11.98 -10.30
N THR C 461 -9.33 10.73 -10.32
CA THR C 461 -10.23 9.61 -10.52
C THR C 461 -11.20 9.43 -9.37
N HIS C 462 -12.48 9.48 -9.68
CA HIS C 462 -13.51 9.23 -8.67
CA HIS C 462 -13.51 9.25 -8.69
C HIS C 462 -14.03 7.81 -8.86
N GLU C 463 -13.84 6.98 -7.83
CA GLU C 463 -14.27 5.58 -7.88
C GLU C 463 -15.76 5.47 -8.15
N GLN D 7 -33.98 -6.39 49.15
N GLN D 7 -30.30 -0.10 45.44
CA GLN D 7 -34.41 -5.33 48.20
CA GLN D 7 -30.21 0.98 44.42
C GLN D 7 -34.47 -5.86 46.77
C GLN D 7 -29.82 0.40 43.06
N LYS D 8 -35.39 -5.32 45.98
N LYS D 8 -30.80 0.34 42.15
CA LYS D 8 -35.52 -5.74 44.60
CA LYS D 8 -30.61 -0.25 40.83
C LYS D 8 -34.35 -5.22 43.76
C LYS D 8 -29.35 0.27 40.13
N THR D 9 -34.05 -5.93 42.67
N THR D 9 -28.80 -0.57 39.23
CA THR D 9 -32.97 -5.54 41.77
CA THR D 9 -27.59 -0.24 38.50
C THR D 9 -33.51 -4.58 40.71
C THR D 9 -27.91 0.59 37.25
N TYR D 10 -32.69 -3.63 40.29
N TYR D 10 -27.06 1.55 36.95
CA TYR D 10 -33.11 -2.68 39.27
CA TYR D 10 -27.25 2.40 35.79
C TYR D 10 -32.92 -3.22 37.86
C TYR D 10 -26.89 1.65 34.52
N ILE D 11 -34.02 -3.36 37.13
N ILE D 11 -27.86 1.54 33.61
CA ILE D 11 -33.98 -3.85 35.76
CA ILE D 11 -27.63 0.88 32.33
C ILE D 11 -34.24 -2.68 34.80
C ILE D 11 -27.52 1.93 31.24
N PRO D 12 -33.18 -2.21 34.13
N PRO D 12 -26.31 2.10 30.69
CA PRO D 12 -33.23 -1.04 33.22
CA PRO D 12 -26.01 3.12 29.67
C PRO D 12 -34.26 -1.16 32.10
C PRO D 12 -26.89 3.02 28.41
N TRP D 13 -34.20 -2.25 31.34
N TRP D 13 -27.06 1.82 27.87
CA TRP D 13 -35.08 -2.44 30.19
CA TRP D 13 -27.83 1.64 26.63
C TRP D 13 -36.57 -2.48 30.56
C TRP D 13 -29.33 1.88 26.80
N SER D 14 -36.88 -2.53 31.84
N SER D 14 -29.76 2.24 28.00
CA SER D 14 -38.28 -2.49 32.26
CA SER D 14 -31.15 2.57 28.24
C SER D 14 -38.88 -1.19 31.75
C SER D 14 -31.43 3.91 27.59
N ASN D 15 -38.03 -0.18 31.57
N ASN D 15 -30.34 4.63 27.27
CA ASN D 15 -38.44 1.13 31.07
CA ASN D 15 -30.43 5.93 26.61
C ASN D 15 -38.49 1.16 29.53
C ASN D 15 -30.36 5.80 25.10
N GLY D 16 -38.19 0.02 28.92
N GLY D 16 -30.23 4.57 24.63
CA GLY D 16 -38.20 -0.09 27.47
CA GLY D 16 -30.10 4.32 23.21
C GLY D 16 -36.81 -0.38 26.91
C GLY D 16 -28.70 3.83 22.88
N LYS D 17 -36.71 -0.40 25.59
N LYS D 17 -28.50 3.42 21.63
CA LYS D 17 -35.45 -0.66 24.93
CA LYS D 17 -27.20 2.94 21.22
C LYS D 17 -34.60 0.58 24.96
C LYS D 17 -26.18 4.08 21.13
N LEU D 18 -33.31 0.42 24.70
N LEU D 18 -24.90 3.73 21.01
CA LEU D 18 -32.41 1.55 24.63
CA LEU D 18 -23.84 4.72 20.93
C LEU D 18 -32.65 2.32 23.35
C LEU D 18 -23.76 5.35 19.53
N VAL D 19 -32.67 3.64 23.44
N VAL D 19 -23.47 6.65 19.49
CA VAL D 19 -32.92 4.47 22.29
CA VAL D 19 -23.38 7.36 18.23
C VAL D 19 -32.14 5.77 22.40
C VAL D 19 -22.23 8.37 18.27
N VAL D 20 -31.56 6.21 21.29
N VAL D 20 -21.73 8.75 17.09
CA VAL D 20 -30.84 7.48 21.27
CA VAL D 20 -20.65 9.73 17.00
C VAL D 20 -31.83 8.62 21.56
C VAL D 20 -21.24 11.14 17.03
N SER D 21 -31.40 9.58 22.38
N SER D 21 -21.29 11.71 18.22
CA SER D 21 -32.27 10.70 22.79
CA SER D 21 -21.88 13.04 18.40
C SER D 21 -32.38 11.79 21.70
C SER D 21 -21.69 13.90 17.16
N GLU D 22 -33.43 12.60 21.80
N GLU D 22 -22.61 14.85 16.97
CA GLU D 22 -33.69 13.67 20.85
CA GLU D 22 -22.61 15.72 15.81
C GLU D 22 -32.42 14.48 20.51
C GLU D 22 -21.27 16.44 15.58
N GLU D 23 -31.87 15.19 21.50
N GLU D 23 -20.76 17.11 16.61
CA GLU D 23 -30.69 16.03 21.26
CA GLU D 23 -19.51 17.89 16.47
C GLU D 23 -29.57 15.26 20.55
C GLU D 23 -18.34 17.02 15.94
N GLY D 24 -29.70 13.94 20.50
N GLY D 24 -18.49 15.70 16.08
CA GLY D 24 -28.73 13.09 19.82
CA GLY D 24 -17.47 14.76 15.60
C GLY D 24 -27.39 13.03 20.52
C GLY D 24 -16.23 14.71 16.48
N ARG D 25 -27.40 13.20 21.84
N ARG D 25 -16.45 14.53 17.79
CA ARG D 25 -26.17 13.18 22.62
CA ARG D 25 -15.35 14.46 18.74
C ARG D 25 -26.12 12.00 23.58
C ARG D 25 -15.65 13.48 19.86
N TYR D 26 -27.25 11.68 24.20
N TYR D 26 -16.90 13.47 20.31
CA TYR D 26 -27.29 10.66 25.23
CA TYR D 26 -17.29 12.62 21.43
C TYR D 26 -28.20 9.48 24.89
C TYR D 26 -18.38 11.64 21.03
N LEU D 27 -28.17 8.47 25.75
N LEU D 27 -18.63 10.67 21.90
CA LEU D 27 -29.03 7.31 25.61
CA LEU D 27 -19.68 9.70 21.66
C LEU D 27 -30.14 7.36 26.64
C LEU D 27 -20.92 10.07 22.46
N LYS D 28 -31.32 6.93 26.22
N LYS D 28 -22.04 9.43 22.15
CA LYS D 28 -32.47 6.90 27.09
CA LYS D 28 -23.29 9.73 22.81
C LYS D 28 -33.19 5.60 26.90
C LYS D 28 -24.29 8.63 22.56
N HIS D 29 -34.20 5.35 27.72
N HIS D 29 -25.42 8.71 23.24
CA HIS D 29 -35.05 4.20 27.55
CA HIS D 29 -26.51 7.78 23.01
C HIS D 29 -36.22 4.62 26.69
C HIS D 29 -27.53 8.47 22.10
N GLU D 30 -37.02 3.65 26.28
N GLU D 30 -28.46 7.70 21.53
CA GLU D 30 -38.11 3.91 25.37
CA GLU D 30 -29.43 8.26 20.60
C GLU D 30 -39.20 4.80 25.98
C GLU D 30 -30.08 9.55 21.13
N ASN D 31 -39.31 4.79 27.31
N ASN D 31 -30.48 9.54 22.41
CA ASN D 31 -40.32 5.59 28.03
CA ASN D 31 -31.18 10.70 23.00
C ASN D 31 -39.80 6.97 28.41
C ASN D 31 -30.26 11.84 23.45
N GLY D 32 -38.54 7.24 28.09
N GLY D 32 -29.03 11.85 22.97
CA GLY D 32 -37.94 8.53 28.39
CA GLY D 32 -28.08 12.94 23.29
C GLY D 32 -36.92 8.47 29.51
C GLY D 32 -27.29 12.74 24.58
N THR D 33 -36.88 7.35 30.22
N THR D 33 -27.68 11.74 25.38
CA THR D 33 -35.94 7.19 31.34
CA THR D 33 -26.97 11.44 26.62
C THR D 33 -34.50 7.26 30.86
C THR D 33 -25.48 11.17 26.33
N PRO D 34 -33.67 8.00 31.60
N PRO D 34 -24.59 11.83 27.07
CA PRO D 34 -32.27 8.13 31.26
CA PRO D 34 -23.17 11.64 26.86
C PRO D 34 -31.47 6.87 31.55
C PRO D 34 -22.68 10.29 27.40
N PHE D 35 -30.42 6.66 30.78
N PHE D 35 -21.66 9.73 26.76
CA PHE D 35 -29.56 5.53 30.97
CA PHE D 35 -21.07 8.48 27.21
C PHE D 35 -28.12 5.98 30.93
C PHE D 35 -19.57 8.59 27.27
N PHE D 36 -27.49 6.02 32.10
N PHE D 36 -19.05 8.98 28.42
CA PHE D 36 -26.10 6.38 32.16
CA PHE D 36 -17.61 9.10 28.60
C PHE D 36 -25.27 5.11 32.08
C PHE D 36 -17.02 7.72 28.75
N TRP D 37 -24.50 5.02 31.01
N TRP D 37 -16.15 7.39 27.81
CA TRP D 37 -23.68 3.86 30.74
CA TRP D 37 -15.53 6.06 27.77
C TRP D 37 -22.44 3.81 31.65
C TRP D 37 -14.38 5.92 28.77
N LEU D 38 -22.36 2.76 32.46
N LEU D 38 -14.53 4.96 29.68
CA LEU D 38 -21.19 2.52 33.29
CA LEU D 38 -13.46 4.62 30.64
C LEU D 38 -20.67 1.14 32.95
C LEU D 38 -13.33 3.11 30.61
N GLY D 39 -19.79 1.08 31.96
N GLY D 39 -12.34 2.63 29.87
CA GLY D 39 -19.30 -0.19 31.45
CA GLY D 39 -12.19 1.20 29.67
C GLY D 39 -18.17 -0.79 32.24
C GLY D 39 -11.19 0.50 30.57
N GLU D 40 -18.12 -2.11 32.25
N GLU D 40 -11.49 -0.75 30.88
CA GLU D 40 -17.05 -2.86 32.90
CA GLU D 40 -10.62 -1.60 31.66
C GLU D 40 -16.45 -3.71 31.78
C GLU D 40 -10.03 -2.60 30.66
N THR D 41 -15.16 -3.97 31.85
N THR D 41 -8.86 -3.15 30.95
CA THR D 41 -14.47 -4.69 30.75
CA THR D 41 -8.21 -4.08 30.01
C THR D 41 -14.15 -6.15 31.07
C THR D 41 -8.18 -5.53 30.52
N GLY D 42 -15.00 -7.06 30.59
N GLY D 42 -9.05 -6.37 29.95
CA GLY D 42 -14.80 -8.51 30.79
CA GLY D 42 -9.10 -7.79 30.29
C GLY D 42 -14.66 -9.25 29.46
C GLY D 42 -9.00 -8.67 29.06
N TRP D 43 -13.73 -8.77 28.63
N TRP D 43 -7.93 -8.45 28.29
CA TRP D 43 -13.51 -9.34 27.31
CA TRP D 43 -7.74 -9.18 27.03
C TRP D 43 -13.59 -10.87 27.28
C TRP D 43 -8.08 -10.66 27.16
N LEU D 44 -12.85 -11.53 28.15
N LEU D 44 -7.60 -11.30 28.23
CA LEU D 44 -12.77 -13.01 28.11
CA LEU D 44 -7.77 -12.75 28.41
C LEU D 44 -13.66 -13.72 29.12
C LEU D 44 -8.95 -13.11 29.30
N LEU D 45 -14.75 -13.07 29.49
N LEU D 45 -9.89 -12.20 29.46
CA LEU D 45 -15.71 -13.66 30.41
CA LEU D 45 -11.05 -12.44 30.30
C LEU D 45 -16.32 -14.94 29.82
C LEU D 45 -11.82 -13.71 29.88
N PRO D 46 -16.55 -14.94 28.50
N PRO D 46 -12.08 -13.86 28.57
CA PRO D 46 -17.19 -16.07 27.83
CA PRO D 46 -12.84 -15.00 28.07
C PRO D 46 -16.24 -17.24 27.53
C PRO D 46 -12.07 -16.34 28.12
N GLU D 47 -14.95 -16.95 27.46
N GLU D 47 -10.75 -16.29 28.10
CA GLU D 47 -13.97 -17.99 27.11
CA GLU D 47 -9.93 -17.51 28.03
C GLU D 47 -13.24 -18.60 28.33
C GLU D 47 -9.53 -18.10 29.42
N ARG D 48 -13.28 -17.94 29.48
N ARG D 48 -9.32 -17.24 30.42
CA ARG D 48 -12.50 -18.40 30.63
CA ARG D 48 -8.79 -17.72 31.72
C ARG D 48 -13.27 -18.59 31.96
C ARG D 48 -9.75 -17.66 32.93
N LEU D 49 -14.47 -18.03 32.06
N LEU D 49 -10.85 -16.92 32.81
CA LEU D 49 -15.24 -18.14 33.30
CA LEU D 49 -11.79 -16.80 33.92
C LEU D 49 -16.33 -19.22 33.23
C LEU D 49 -13.05 -17.66 33.73
N ASN D 50 -16.44 -20.01 34.30
N ASN D 50 -13.57 -18.18 34.82
CA ASN D 50 -17.47 -21.04 34.39
CA ASN D 50 -14.78 -18.95 34.79
C ASN D 50 -18.77 -20.45 34.93
C ASN D 50 -15.97 -18.03 35.08
N ARG D 51 -19.80 -21.30 35.06
N ARG D 51 -17.14 -18.62 35.34
CA ARG D 51 -21.12 -20.85 35.53
CA ARG D 51 -18.34 -17.84 35.57
C ARG D 51 -21.06 -20.25 36.96
C ARG D 51 -18.24 -16.98 36.84
N ASP D 52 -20.26 -20.85 37.84
N ASP D 52 -17.79 -17.58 37.94
CA ASP D 52 -20.08 -20.32 39.18
CA ASP D 52 -17.65 -16.86 39.21
C ASP D 52 -19.37 -18.96 39.11
C ASP D 52 -16.63 -15.74 39.10
N GLU D 53 -18.20 -18.96 38.46
N GLU D 53 -15.42 -16.10 38.68
CA GLU D 53 -17.38 -17.75 38.33
CA GLU D 53 -14.34 -15.14 38.56
C GLU D 53 -18.11 -16.59 37.65
C GLU D 53 -14.73 -14.00 37.63
N ALA D 54 -18.80 -16.88 36.55
N ALA D 54 -15.34 -14.35 36.49
CA ALA D 54 -19.50 -15.84 35.78
CA ALA D 54 -15.74 -13.35 35.51
C ALA D 54 -20.57 -15.15 36.62
C ALA D 54 -16.72 -12.34 36.10
N GLU D 55 -21.26 -15.91 37.47
N GLU D 55 -17.64 -12.84 36.91
CA GLU D 55 -22.32 -15.37 38.32
CA GLU D 55 -18.67 -12.00 37.55
C GLU D 55 -21.74 -14.46 39.40
C GLU D 55 -18.02 -11.05 38.55
N TYR D 56 -20.61 -14.87 39.95
N TYR D 56 -17.09 -11.56 39.34
CA TYR D 56 -19.94 -14.11 41.00
CA TYR D 56 -16.38 -10.75 40.33
C TYR D 56 -19.38 -12.80 40.45
C TYR D 56 -15.60 -9.62 39.66
N TYR D 57 -18.80 -12.86 39.25
N TYR D 57 -14.78 -9.96 38.67
CA TYR D 57 -18.24 -11.66 38.62
CA TYR D 57 -14.00 -8.97 37.94
C TYR D 57 -19.32 -10.62 38.29
C TYR D 57 -14.89 -7.84 37.44
N LEU D 58 -20.47 -11.09 37.80
N LEU D 58 -15.97 -8.19 36.76
CA LEU D 58 -21.58 -10.20 37.45
CA LEU D 58 -16.89 -7.20 36.22
C LEU D 58 -22.24 -9.58 38.70
C LEU D 58 -17.51 -6.35 37.31
N GLU D 59 -22.43 -10.40 39.74
N GLU D 59 -17.98 -6.99 38.37
CA GLU D 59 -23.02 -9.90 40.98
CA GLU D 59 -18.61 -6.27 39.46
C GLU D 59 -22.13 -8.84 41.60
C GLU D 59 -17.64 -5.21 40.02
N GLN D 60 -20.82 -8.98 41.39
N GLN D 60 -16.39 -5.63 40.24
CA GLN D 60 -19.84 -8.04 41.93
CA GLN D 60 -15.36 -4.72 40.76
C GLN D 60 -19.79 -6.75 41.13
C GLN D 60 -15.12 -3.55 39.80
N CYS D 61 -20.09 -6.84 39.84
N CYS D 61 -15.03 -3.84 38.50
CA CYS D 61 -20.13 -5.64 39.00
CA CYS D 61 -14.82 -2.79 37.49
C CYS D 61 -21.45 -4.89 39.24
C CYS D 61 -15.98 -1.79 37.55
N LYS D 62 -22.51 -5.63 39.54
N LYS D 62 -17.19 -2.29 37.74
CA LYS D 62 -23.83 -5.04 39.81
CA LYS D 62 -18.37 -1.44 37.82
C LYS D 62 -23.80 -4.21 41.08
C LYS D 62 -18.24 -0.44 38.96
N ARG D 63 -23.17 -4.74 42.11
N ARG D 63 -17.99 -0.96 40.15
CA ARG D 63 -23.09 -4.07 43.40
CA ARG D 63 -17.86 -0.13 41.33
C ARG D 63 -22.23 -2.81 43.35
C ARG D 63 -16.82 0.95 41.14
N ARG D 64 -21.66 -2.52 42.19
N ARG D 64 -15.87 0.71 40.24
CA ARG D 64 -20.78 -1.36 42.05
CA ARG D 64 -14.77 1.65 40.00
C ARG D 64 -21.26 -0.35 40.98
C ARG D 64 -14.94 2.52 38.76
N GLY D 65 -22.51 -0.49 40.54
N GLY D 65 -16.19 2.67 38.30
CA GLY D 65 -23.11 0.46 39.60
CA GLY D 65 -16.53 3.59 37.20
C GLY D 65 -22.94 0.13 38.13
C GLY D 65 -16.29 3.10 35.77
N TYR D 66 -22.07 -0.83 37.82
N TYR D 66 -15.57 2.00 35.62
CA TYR D 66 -21.86 -1.22 36.42
CA TYR D 66 -15.29 1.46 34.28
C TYR D 66 -23.12 -1.83 35.84
C TYR D 66 -16.60 1.01 33.61
N ASN D 67 -23.57 -1.28 34.71
N ASN D 67 -16.72 1.33 32.32
CA ASN D 67 -24.78 -1.76 34.06
CA ASN D 67 -17.93 0.98 31.56
C ASN D 67 -24.51 -2.27 32.62
C ASN D 67 -17.62 0.38 30.19
N VAL D 68 -23.24 -2.24 32.21
N VAL D 68 -16.37 -0.02 29.98
CA VAL D 68 -22.84 -2.71 30.88
CA VAL D 68 -15.97 -0.64 28.73
C VAL D 68 -21.55 -3.51 30.97
C VAL D 68 -14.82 -1.62 28.97
N ILE D 69 -21.60 -4.77 30.55
N ILE D 69 -15.13 -2.91 28.87
CA ILE D 69 -20.43 -5.65 30.62
CA ILE D 69 -14.12 -3.95 29.06
C ILE D 69 -19.93 -5.96 29.22
C ILE D 69 -13.56 -4.44 27.73
N GLN D 70 -18.76 -5.43 28.88
N GLN D 70 -12.31 -4.08 27.45
CA GLN D 70 -18.19 -5.65 27.57
CA GLN D 70 -11.65 -4.49 26.21
C GLN D 70 -17.42 -6.97 27.54
C GLN D 70 -11.03 -5.86 26.38
N VAL D 71 -17.75 -7.81 26.58
N VAL D 71 -11.51 -6.82 25.61
CA VAL D 71 -17.12 -9.10 26.46
CA VAL D 71 -11.02 -8.17 25.71
C VAL D 71 -16.74 -9.38 25.02
C VAL D 71 -10.75 -8.75 24.34
N GLN D 72 -15.83 -10.33 24.84
N GLN D 72 -9.92 -9.79 24.30
CA GLN D 72 -15.45 -10.77 23.51
CA GLN D 72 -9.63 -10.47 23.07
C GLN D 72 -16.21 -12.02 23.18
C GLN D 72 -10.58 -11.66 22.96
N THR D 73 -17.34 -11.86 22.52
N THR D 73 -11.60 -11.51 22.11
CA THR D 73 -18.14 -12.98 22.13
CA THR D 73 -12.56 -12.57 21.91
C THR D 73 -17.23 -14.05 21.56
C THR D 73 -11.82 -13.84 21.57
N LEU D 74 -16.33 -13.63 20.67
N LEU D 74 -10.77 -13.69 20.76
CA LEU D 74 -15.35 -14.51 20.07
CA LEU D 74 -9.91 -14.80 20.37
C LEU D 74 -14.00 -13.82 20.00
C LEU D 74 -8.46 -14.33 20.35
N ASN D 75 -12.94 -14.53 20.39
N ASN D 75 -7.58 -15.14 20.93
CA ASN D 75 -11.58 -13.98 20.32
CA ASN D 75 -6.16 -14.84 20.91
C ASN D 75 -10.77 -14.64 19.23
C ASN D 75 -5.40 -15.86 20.05
N ASN D 76 -11.24 -15.80 18.78
N ASN D 76 -6.02 -17.01 19.83
CA ASN D 76 -10.59 -16.55 17.71
CA ASN D 76 -5.43 -18.07 19.02
C ASN D 76 -11.62 -17.30 16.91
C ASN D 76 -6.48 -18.72 18.13
N VAL D 77 -11.20 -17.82 15.77
N VAL D 77 -6.02 -19.38 17.08
CA VAL D 77 -12.06 -18.61 14.93
CA VAL D 77 -6.92 -20.09 16.19
C VAL D 77 -11.44 -19.97 14.76
C VAL D 77 -6.61 -21.57 16.23
N PRO D 78 -11.95 -20.96 15.49
N PRO D 78 -7.39 -22.32 17.02
CA PRO D 78 -13.05 -20.77 16.43
CA PRO D 78 -8.48 -21.78 17.83
C PRO D 78 -12.55 -20.41 17.82
C PRO D 78 -8.03 -21.33 19.23
N SER D 79 -13.47 -20.17 18.74
N SER D 79 -8.98 -20.90 20.05
CA SER D 79 -13.12 -19.86 20.12
CA SER D 79 -8.69 -20.48 21.42
C SER D 79 -13.43 -21.06 21.02
C SER D 79 -9.20 -21.51 22.42
N MSE D 80 -12.70 -21.16 22.14
N MSE D 80 -8.58 -21.55 23.61
CA MSE D 80 -12.87 -22.25 23.09
CA MSE D 80 -8.99 -22.48 24.66
C MSE D 80 -13.27 -21.69 24.46
C MSE D 80 -9.37 -21.70 25.92
O MSE D 80 -12.79 -20.61 24.84
O MSE D 80 -8.65 -20.81 26.34
CB MSE D 80 -11.56 -23.02 23.24
CB MSE D 80 -7.86 -23.44 24.99
CG MSE D 80 -11.69 -24.37 23.96
CG MSE D 80 -8.26 -24.58 25.93
SE MSE D 80 -12.33 -25.78 22.75
SE MSE D 80 -9.28 -25.99 25.02
CE MSE D 80 -10.92 -25.67 21.42
CE MSE D 80 -7.95 -26.50 23.69
N ASN D 81 -14.14 -22.38 25.19
N ASN D 81 -10.51 -22.03 26.51
CA ASN D 81 -14.54 -21.91 26.53
CA ASN D 81 -10.93 -21.36 27.75
C ASN D 81 -13.92 -22.78 27.64
C ASN D 81 -10.66 -22.25 28.94
N ILE D 82 -14.17 -22.40 28.88
N ILE D 82 -10.81 -21.70 30.13
CA ILE D 82 -13.57 -23.09 30.02
CA ILE D 82 -10.49 -22.41 31.36
C ILE D 82 -13.93 -24.60 30.06
C ILE D 82 -11.24 -23.77 31.48
N TYR D 83 -15.05 -24.97 29.43
N TYR D 83 -12.48 -23.82 30.98
CA TYR D 83 -15.49 -26.38 29.45
CA TYR D 83 -13.27 -25.07 31.04
C TYR D 83 -14.88 -27.17 28.31
C TYR D 83 -12.75 -26.13 30.07
N GLY D 84 -14.21 -26.48 27.40
N GLY D 84 -11.84 -25.74 29.19
CA GLY D 84 -13.58 -27.14 26.26
CA GLY D 84 -11.28 -26.65 28.21
C GLY D 84 -14.52 -27.29 25.07
C GLY D 84 -12.18 -26.78 27.00
N GLN D 85 -15.47 -26.35 24.95
N GLN D 85 -12.65 -25.66 26.48
CA GLN D 85 -16.43 -26.37 23.83
CA GLN D 85 -13.51 -25.63 25.28
C GLN D 85 -16.01 -25.42 22.71
C GLN D 85 -12.82 -24.89 24.14
N TYR D 86 -16.22 -25.86 21.47
N TYR D 86 -12.81 -25.49 22.96
CA TYR D 86 -15.92 -25.04 20.29
CA TYR D 86 -12.22 -24.86 21.76
C TYR D 86 -17.08 -24.10 20.00
C TYR D 86 -13.15 -23.78 21.25
N SER D 87 -16.77 -22.85 19.64
N SER D 87 -12.58 -22.75 20.65
CA SER D 87 -17.79 -21.88 19.28
CA SER D 87 -13.37 -21.68 20.05
C SER D 87 -18.41 -22.25 17.92
C SER D 87 -14.00 -22.19 18.75
N MSE D 88 -17.64 -22.94 17.08
N MSE D 88 -13.23 -22.96 17.98
CA MSE D 88 -18.13 -23.44 15.80
CA MSE D 88 -13.73 -23.57 16.73
C MSE D 88 -17.66 -24.88 15.57
C MSE D 88 -13.51 -25.08 16.75
O MSE D 88 -16.46 -25.17 15.59
O MSE D 88 -12.38 -25.55 16.99
CB MSE D 88 -17.66 -22.55 14.64
CB MSE D 88 -13.05 -22.95 15.50
CG MSE D 88 -18.45 -21.25 14.46
CG MSE D 88 -13.60 -21.58 15.07
SE MSE D 88 -17.74 -19.74 15.46
SE MSE D 88 -13.00 -20.10 16.19
CE MSE D 88 -16.00 -19.60 14.56
CE MSE D 88 -11.10 -20.15 15.78
N THR D 89 -18.62 -25.78 15.34
N THR D 89 -14.57 -25.84 16.49
CA THR D 89 -18.30 -27.20 15.13
CA THR D 89 -14.50 -27.30 16.50
C THR D 89 -18.40 -27.58 13.65
C THR D 89 -14.44 -27.87 15.08
N ASP D 90 -18.84 -26.64 12.81
N ASP D 90 -14.50 -26.97 14.09
CA ASP D 90 -18.93 -26.89 11.38
CA ASP D 90 -14.42 -27.38 12.69
C ASP D 90 -18.86 -25.57 10.59
C ASP D 90 -13.99 -26.20 11.82
N GLY D 91 -17.73 -24.87 10.72
N GLY D 91 -12.90 -25.55 12.21
CA GLY D 91 -17.54 -23.59 10.03
CA GLY D 91 -12.40 -24.41 11.48
C GLY D 91 -18.60 -22.57 10.41
C GLY D 91 -13.34 -23.23 11.56
N TYR D 92 -19.01 -21.76 9.45
N TYR D 92 -13.47 -22.51 10.45
CA TYR D 92 -20.02 -20.74 9.70
CA TYR D 92 -14.30 -21.32 10.39
C TYR D 92 -21.43 -21.28 9.42
C TYR D 92 -15.73 -21.66 9.98
N ASN D 93 -21.58 -22.59 9.57
N ASN D 93 -16.15 -22.88 10.28
CA ASN D 93 -22.87 -23.23 9.44
CA ASN D 93 -17.51 -23.31 10.01
C ASN D 93 -23.40 -23.51 10.84
C ASN D 93 -18.27 -23.42 11.34
N PHE D 94 -24.37 -22.69 11.29
N PHE D 94 -19.11 -22.44 11.63
CA PHE D 94 -24.90 -22.81 12.64
CA PHE D 94 -19.84 -22.40 12.88
C PHE D 94 -26.20 -23.61 12.68
C PHE D 94 -21.23 -23.03 12.76
N LYS D 95 -26.57 -24.22 11.56
N LYS D 95 -21.43 -23.84 11.73
CA LYS D 95 -27.81 -24.99 11.48
CA LYS D 95 -22.72 -24.48 11.51
C LYS D 95 -27.92 -26.00 12.62
C LYS D 95 -23.23 -25.13 12.79
N ASN D 96 -26.86 -26.78 12.82
N ASN D 96 -22.44 -26.06 13.34
CA ASN D 96 -26.85 -27.79 13.87
CA ASN D 96 -22.83 -26.79 14.54
C ASN D 96 -25.90 -27.44 14.99
C ASN D 96 -22.00 -26.39 15.77
N ILE D 97 -25.76 -26.15 15.27
N ILE D 97 -21.56 -25.14 15.80
CA ILE D 97 -24.86 -25.70 16.31
CA ILE D 97 -20.76 -24.64 16.92
C ILE D 97 -25.33 -26.21 17.67
C ILE D 97 -21.52 -24.82 18.25
N ASN D 98 -26.64 -26.22 17.88
N ASN D 98 -22.84 -24.57 18.21
CA ASN D 98 -27.21 -26.72 19.14
CA ASN D 98 -23.67 -24.74 19.40
C ASN D 98 -27.32 -28.24 19.14
C ASN D 98 -24.04 -26.20 19.61
N GLN D 99 -26.84 -28.86 20.20
N GLN D 99 -23.85 -26.69 20.82
CA GLN D 99 -26.89 -30.31 20.34
CA GLN D 99 -24.19 -28.06 21.14
C GLN D 99 -27.52 -30.70 21.68
C GLN D 99 -24.98 -28.12 22.44
N LYS D 100 -28.63 -31.43 21.61
N LYS D 100 -26.26 -28.42 22.33
CA LYS D 100 -29.34 -31.84 22.84
CA LYS D 100 -27.13 -28.51 23.48
C LYS D 100 -28.40 -32.59 23.77
C LYS D 100 -26.50 -29.42 24.56
N GLY D 101 -28.56 -32.36 25.07
N GLY D 101 -26.68 -29.04 25.82
CA GLY D 101 -27.74 -33.04 26.09
CA GLY D 101 -26.15 -29.83 26.94
C GLY D 101 -26.30 -32.56 26.09
C GLY D 101 -24.66 -29.64 27.15
N VAL D 102 -26.02 -31.50 25.37
N VAL D 102 -24.04 -28.87 26.26
CA VAL D 102 -24.67 -30.95 25.29
CA VAL D 102 -22.61 -28.60 26.36
C VAL D 102 -24.67 -29.45 25.58
C VAL D 102 -22.36 -27.11 26.45
N TYR D 103 -24.12 -29.07 26.75
N TYR D 103 -21.76 -26.69 27.57
CA TYR D 103 -24.01 -27.67 27.14
CA TYR D 103 -21.44 -25.28 27.79
C TYR D 103 -22.93 -27.01 26.28
C TYR D 103 -20.12 -24.98 27.10
N GLY D 104 -23.33 -26.58 25.09
N GLY D 104 -20.20 -24.50 25.87
CA GLY D 104 -22.38 -26.02 24.11
CA GLY D 104 -19.01 -24.26 25.05
C GLY D 104 -21.80 -24.65 24.45
C GLY D 104 -18.35 -22.92 25.25
N TYR D 105 -20.90 -24.19 23.59
N TYR D 105 -17.31 -22.69 24.46
CA TYR D 105 -20.25 -22.90 23.76
CA TYR D 105 -16.54 -21.45 24.50
C TYR D 105 -21.28 -21.78 23.91
C TYR D 105 -17.46 -20.24 24.30
N TRP D 106 -22.33 -21.83 23.08
N TRP D 106 -18.26 -20.28 23.24
CA TRP D 106 -23.36 -20.78 23.09
CA TRP D 106 -19.14 -19.17 22.89
C TRP D 106 -24.40 -20.98 24.22
C TRP D 106 -20.33 -19.09 23.85
N ASP D 107 -24.51 -22.20 24.71
N ASP D 107 -20.67 -20.20 24.47
CA ASP D 107 -25.39 -22.49 25.83
CA ASP D 107 -21.71 -20.21 25.48
C ASP D 107 -24.88 -21.76 27.06
C ASP D 107 -21.20 -19.45 26.69
N HIS D 108 -23.57 -21.69 27.18
N HIS D 108 -19.87 -19.47 26.87
CA HIS D 108 -22.93 -20.98 28.28
CA HIS D 108 -19.25 -18.77 27.98
C HIS D 108 -23.06 -19.47 28.03
C HIS D 108 -19.08 -17.28 27.61
N MSE D 109 -22.93 -19.07 26.77
N MSE D 109 -18.78 -17.02 26.34
CA MSE D 109 -23.11 -17.69 26.39
CA MSE D 109 -18.65 -15.66 25.84
C MSE D 109 -24.54 -17.26 26.80
C MSE D 109 -19.99 -14.94 26.03
O MSE D 109 -24.73 -16.22 27.42
O MSE D 109 -20.03 -13.77 26.45
CB MSE D 109 -22.91 -17.51 24.88
CB MSE D 109 -18.26 -15.67 24.35
CG MSE D 109 -22.94 -16.02 24.38
CG MSE D 109 -17.95 -14.27 23.74
SE MSE D 109 -21.35 -14.94 24.92
SE MSE D 109 -16.29 -13.44 24.43
CE MSE D 109 -21.62 -14.96 26.84
CE MSE D 109 -16.86 -13.06 26.26
N ASP D 110 -25.52 -18.10 26.45
N ASP D 110 -21.08 -15.66 25.74
CA ASP D 110 -26.92 -17.83 26.82
CA ASP D 110 -22.44 -15.12 25.89
C ASP D 110 -27.02 -17.59 28.32
C ASP D 110 -22.68 -14.68 27.34
N TYR D 111 -26.41 -18.50 29.09
N TYR D 111 -22.30 -15.55 28.27
CA TYR D 111 -26.43 -18.42 30.54
CA TYR D 111 -22.45 -15.28 29.70
C TYR D 111 -25.85 -17.11 31.04
C TYR D 111 -21.69 -14.02 30.11
N ILE D 112 -24.67 -16.76 30.56
N ILE D 112 -20.45 -13.92 29.65
CA ILE D 112 -24.01 -15.54 30.96
CA ILE D 112 -19.63 -12.77 29.98
C ILE D 112 -24.94 -14.35 30.76
C ILE D 112 -20.24 -11.49 29.44
N ILE D 113 -25.54 -14.29 29.58
N ILE D 113 -20.93 -11.58 28.32
CA ILE D 113 -26.43 -13.21 29.23
CA ILE D 113 -21.54 -10.42 27.68
C ILE D 113 -27.67 -13.19 30.14
C ILE D 113 -22.78 -9.93 28.41
N ARG D 114 -28.24 -14.34 30.40
N ARG D 114 -23.65 -10.87 28.80
CA ARG D 114 -29.43 -14.43 31.26
CA ARG D 114 -24.90 -10.50 29.50
C ARG D 114 -29.10 -14.23 32.74
C ARG D 114 -24.65 -10.26 30.98
N THR D 115 -27.90 -14.65 33.14
N THR D 115 -23.58 -10.85 31.51
CA THR D 115 -27.46 -14.44 34.50
CA THR D 115 -23.22 -10.63 32.90
C THR D 115 -27.21 -12.94 34.71
C THR D 115 -22.74 -9.18 33.05
N ALA D 116 -26.89 -12.25 33.61
N ALA D 116 -21.96 -8.72 32.09
CA ALA D 116 -26.68 -10.81 33.65
CA ALA D 116 -21.51 -7.35 32.07
C ALA D 116 -28.03 -10.08 33.64
C ALA D 116 -22.71 -6.44 31.82
N ALA D 117 -29.01 -10.65 32.94
N ALA D 117 -23.65 -6.94 31.03
CA ALA D 117 -30.34 -10.08 32.87
CA ALA D 117 -24.86 -6.18 30.69
C ALA D 117 -30.95 -10.02 34.26
C ALA D 117 -25.63 -5.80 31.96
N LYS D 118 -30.81 -11.11 35.01
N LYS D 118 -25.85 -6.77 32.84
CA LYS D 118 -31.34 -11.19 36.37
CA LYS D 118 -26.56 -6.53 34.10
C LYS D 118 -30.80 -10.07 37.25
C LYS D 118 -25.87 -5.44 34.90
N LYS D 119 -29.53 -9.73 37.05
N LYS D 119 -24.55 -5.37 34.76
CA LYS D 119 -28.89 -8.71 37.88
CA LYS D 119 -23.75 -4.39 35.48
C LYS D 119 -29.05 -7.31 37.26
C LYS D 119 -23.54 -3.12 34.65
N GLY D 120 -29.76 -7.23 36.13
N GLY D 120 -24.28 -3.01 33.56
CA GLY D 120 -30.02 -5.94 35.46
CA GLY D 120 -24.21 -1.83 32.67
C GLY D 120 -28.82 -5.37 34.71
C GLY D 120 -22.83 -1.62 32.08
N LEU D 121 -27.96 -6.25 34.20
N LEU D 121 -22.20 -2.71 31.64
CA LEU D 121 -26.78 -5.81 33.45
CA LEU D 121 -20.87 -2.62 31.05
C LEU D 121 -26.90 -6.12 31.97
C LEU D 121 -20.87 -3.07 29.59
N TYR D 122 -26.48 -5.18 31.14
N TYR D 122 -19.99 -2.45 28.81
CA TYR D 122 -26.43 -5.40 29.71
CA TYR D 122 -19.82 -2.81 27.43
C TYR D 122 -25.09 -6.03 29.38
C TYR D 122 -18.64 -3.74 27.31
N ILE D 123 -25.03 -6.75 28.27
N ILE D 123 -18.63 -4.56 26.29
CA ILE D 123 -23.79 -7.34 27.83
CA ILE D 123 -17.52 -5.43 26.03
C ILE D 123 -23.33 -6.71 26.53
C ILE D 123 -16.86 -5.03 24.74
N GLY D 124 -22.11 -6.18 26.53
N GLY D 124 -15.61 -4.58 24.83
CA GLY D 124 -21.52 -5.60 25.32
CA GLY D 124 -14.84 -4.22 23.66
C GLY D 124 -20.96 -6.72 24.46
C GLY D 124 -14.39 -5.50 22.98
N MSE D 125 -21.80 -7.21 23.55
N MSE D 125 -15.25 -6.05 22.15
CA MSE D 125 -21.44 -8.33 22.69
CA MSE D 125 -15.00 -7.33 21.50
C MSE D 125 -20.54 -7.95 21.53
C MSE D 125 -13.90 -7.24 20.46
O MSE D 125 -21.02 -7.58 20.47
O MSE D 125 -14.13 -6.83 19.33
CB MSE D 125 -22.71 -8.98 22.13
CB MSE D 125 -16.28 -7.86 20.85
CG MSE D 125 -23.55 -9.68 23.17
CG MSE D 125 -17.37 -8.26 21.85
SE MSE D 125 -22.80 -11.37 23.72
SE MSE D 125 -16.98 -9.95 22.74
CE MSE D 125 -23.30 -12.46 22.16
CE MSE D 125 -17.30 -11.16 21.22
N VAL D 126 -19.23 -8.07 21.73
N VAL D 126 -12.69 -7.61 20.85
CA VAL D 126 -18.30 -7.86 20.64
CA VAL D 126 -11.60 -7.69 19.94
C VAL D 126 -18.29 -9.12 19.79
C VAL D 126 -11.72 -9.05 19.24
N CYS D 127 -19.22 -9.18 18.84
N CYS D 127 -12.46 -9.05 18.13
CA CYS D 127 -19.39 -10.32 17.98
CA CYS D 127 -12.76 -10.29 17.36
C CYS D 127 -18.10 -11.12 17.77
C CYS D 127 -11.66 -11.36 17.44
N ILE D 128 -17.09 -10.46 17.23
N ILE D 128 -10.53 -11.07 16.83
CA ILE D 128 -15.81 -11.11 17.02
CA ILE D 128 -9.39 -11.99 16.85
C ILE D 128 -14.69 -10.09 17.07
C ILE D 128 -8.08 -11.20 16.95
N TRP D 129 -13.58 -10.47 17.70
N TRP D 129 -7.20 -11.62 17.86
CA TRP D 129 -12.43 -9.56 17.86
CA TRP D 129 -5.94 -10.92 18.07
C TRP D 129 -11.69 -9.36 16.52
C TRP D 129 -5.04 -10.96 16.82
N GLY D 130 -11.18 -8.16 16.32
N GLY D 130 -4.31 -9.88 16.60
CA GLY D 130 -10.53 -7.78 15.05
CA GLY D 130 -3.47 -9.74 15.39
C GLY D 130 -9.47 -8.74 14.51
C GLY D 130 -2.52 -10.89 15.11
N SER D 131 -8.54 -9.12 15.36
N SER D 131 -1.81 -11.35 16.12
CA SER D 131 -7.41 -9.97 14.94
CA SER D 131 -0.79 -12.41 15.94
C SER D 131 -7.81 -11.07 13.93
C SER D 131 -1.21 -13.54 14.98
N PRO D 132 -8.73 -11.95 14.31
N PRO D 132 -2.27 -14.28 15.34
CA PRO D 132 -9.13 -13.05 13.41
CA PRO D 132 -2.71 -15.39 14.49
C PRO D 132 -9.67 -12.55 12.06
C PRO D 132 -2.91 -14.97 13.03
N VAL D 133 -10.47 -11.50 12.09
N VAL D 133 -3.55 -13.82 12.83
CA VAL D 133 -11.05 -10.94 10.87
CA VAL D 133 -3.81 -13.31 11.48
C VAL D 133 -9.98 -10.30 10.00
C VAL D 133 -2.51 -13.07 10.70
N SER D 134 -9.05 -9.58 10.63
N SER D 134 -1.60 -12.28 11.30
CA SER D 134 -7.98 -8.92 9.90
CA SER D 134 -0.32 -11.99 10.67
C SER D 134 -7.10 -9.95 9.21
C SER D 134 0.34 -13.27 10.21
N HIS D 135 -7.05 -11.15 9.81
N HIS D 135 0.15 -14.34 10.99
CA HIS D 135 -6.28 -12.25 9.25
CA HIS D 135 0.69 -15.63 10.63
C HIS D 135 -7.09 -13.03 8.21
C HIS D 135 -0.29 -16.38 9.75
N GLY D 136 -8.33 -12.58 8.00
N GLY D 136 -1.13 -15.62 9.05
CA GLY D 136 -9.19 -13.17 6.97
CA GLY D 136 -2.09 -16.17 8.10
C GLY D 136 -9.88 -14.45 7.36
C GLY D 136 -2.89 -17.35 8.60
N GLU D 137 -10.22 -14.58 8.64
N GLU D 137 -3.58 -17.17 9.72
CA GLU D 137 -10.90 -15.79 9.12
CA GLU D 137 -4.43 -18.22 10.25
C GLU D 137 -12.42 -15.61 9.13
C GLU D 137 -5.90 -17.92 9.96
N MSE D 138 -12.88 -14.54 8.48
N MSE D 138 -6.15 -16.74 9.37
CA MSE D 138 -14.31 -14.28 8.34
CA MSE D 138 -7.51 -16.33 8.99
C MSE D 138 -14.57 -13.43 7.11
C MSE D 138 -7.50 -15.67 7.62
O MSE D 138 -14.54 -12.19 7.17
O MSE D 138 -7.36 -14.44 7.52
CB MSE D 138 -14.89 -13.57 9.57
CB MSE D 138 -8.10 -15.35 10.02
CG MSE D 138 -16.43 -13.37 9.49
CG MSE D 138 -9.57 -14.92 9.71
SE MSE D 138 -17.23 -12.31 10.96
SE MSE D 138 -10.30 -13.50 10.88
CE MSE D 138 -16.62 -10.52 10.44
CE MSE D 138 -9.19 -12.01 10.31
N ASN D 139 -14.82 -14.08 5.97
N ASN D 139 -7.64 -16.47 6.56
CA ASN D 139 -15.15 -13.37 4.74
CA ASN D 139 -7.65 -15.94 5.21
C ASN D 139 -16.56 -12.77 4.85
C ASN D 139 -8.87 -15.01 5.01
N VAL D 140 -16.95 -11.97 3.87
N VAL D 140 -8.98 -14.43 3.81
CA VAL D 140 -18.28 -11.34 3.90
CA VAL D 140 -10.07 -13.48 3.52
C VAL D 140 -19.40 -12.38 4.01
C VAL D 140 -11.46 -14.12 3.63
N ASP D 141 -19.27 -13.49 3.30
N ASP D 141 -11.57 -15.37 3.19
CA ASP D 141 -20.25 -14.58 3.35
CA ASP D 141 -12.85 -16.08 3.23
C ASP D 141 -20.37 -15.14 4.75
C ASP D 141 -13.21 -16.51 4.65
N GLN D 142 -19.23 -15.37 5.38
N GLN D 142 -12.19 -16.80 5.44
CA GLN D 142 -19.18 -15.90 6.71
CA GLN D 142 -12.42 -17.20 6.81
C GLN D 142 -19.74 -14.88 7.71
C GLN D 142 -12.84 -15.99 7.63
N ALA D 143 -19.55 -13.59 7.41
N ALA D 143 -12.32 -14.81 7.26
CA ALA D 143 -20.06 -12.50 8.26
CA ALA D 143 -12.68 -13.57 7.94
C ALA D 143 -21.61 -12.49 8.29
C ALA D 143 -14.16 -13.24 7.70
N LYS D 144 -22.24 -12.58 7.11
N LYS D 144 -14.63 -13.49 6.48
CA LYS D 144 -23.71 -12.61 7.01
CA LYS D 144 -16.03 -13.23 6.14
C LYS D 144 -24.27 -13.80 7.77
C LYS D 144 -16.96 -14.17 6.91
N ALA D 145 -23.69 -14.97 7.56
N ALA D 145 -16.53 -15.41 7.07
CA ALA D 145 -24.14 -16.18 8.22
CA ALA D 145 -17.32 -16.40 7.82
C ALA D 145 -24.09 -15.99 9.73
C ALA D 145 -17.38 -16.04 9.30
N TYR D 146 -22.91 -15.67 10.25
N TYR D 146 -16.22 -15.74 9.88
CA TYR D 146 -22.72 -15.47 11.69
CA TYR D 146 -16.15 -15.38 11.30
C TYR D 146 -23.62 -14.35 12.21
C TYR D 146 -16.95 -14.11 11.57
N GLY D 147 -23.82 -13.33 11.38
N GLY D 147 -16.87 -13.16 10.65
CA GLY D 147 -24.70 -12.22 11.74
CA GLY D 147 -17.60 -11.89 10.78
C GLY D 147 -26.13 -12.68 11.99
C GLY D 147 -19.11 -12.12 10.83
N LYS D 148 -26.62 -13.59 11.13
N LYS D 148 -19.60 -13.01 9.98
CA LYS D 148 -27.99 -14.11 11.24
CA LYS D 148 -21.03 -13.31 9.94
C LYS D 148 -28.12 -15.03 12.46
C LYS D 148 -21.43 -14.02 11.22
N PHE D 149 -27.09 -15.84 12.70
N PHE D 149 -20.54 -14.86 11.72
CA PHE D 149 -27.07 -16.74 13.85
CA PHE D 149 -20.78 -15.60 12.97
C PHE D 149 -27.21 -15.98 15.16
C PHE D 149 -21.00 -14.64 14.14
N LEU D 150 -26.43 -14.90 15.30
N LEU D 150 -20.06 -13.74 14.36
CA LEU D 150 -26.45 -14.09 16.52
CA LEU D 150 -20.16 -12.78 15.46
C LEU D 150 -27.82 -13.45 16.74
C LEU D 150 -21.39 -11.89 15.32
N ALA D 151 -28.26 -12.63 15.79
N ALA D 151 -21.62 -11.38 14.11
CA ALA D 151 -29.55 -11.96 15.90
CA ALA D 151 -22.73 -10.46 13.84
C ALA D 151 -30.65 -12.96 16.16
C ALA D 151 -24.09 -11.07 14.12
N GLU D 152 -30.60 -14.07 15.43
N GLU D 152 -24.26 -12.35 13.79
CA GLU D 152 -31.59 -15.11 15.57
CA GLU D 152 -25.55 -13.03 13.93
C GLU D 152 -31.62 -15.66 16.97
C GLU D 152 -25.83 -13.43 15.38
N ARG D 153 -30.45 -15.87 17.54
N ARG D 153 -24.77 -13.67 16.14
CA ARG D 153 -30.35 -16.48 18.86
CA ARG D 153 -24.91 -14.13 17.52
C ARG D 153 -30.65 -15.51 20.01
C ARG D 153 -25.04 -12.97 18.51
N TYR D 154 -30.30 -14.22 19.84
N TYR D 154 -24.42 -11.84 18.21
CA TYR D 154 -30.45 -13.26 20.97
CA TYR D 154 -24.41 -10.73 19.16
C TYR D 154 -31.32 -12.04 20.69
C TYR D 154 -24.93 -9.40 18.60
N LYS D 155 -32.06 -12.06 19.59
N LYS D 155 -25.56 -9.44 17.44
CA LYS D 155 -32.90 -10.91 19.26
CA LYS D 155 -26.11 -8.21 16.85
C LYS D 155 -34.01 -10.68 20.30
C LYS D 155 -27.21 -7.64 17.73
N ASP D 156 -34.40 -11.75 20.98
N ASP D 156 -27.92 -8.53 18.44
CA ASP D 156 -35.48 -11.67 21.98
CA ASP D 156 -29.03 -8.12 19.31
C ASP D 156 -34.94 -11.57 23.41
C ASP D 156 -28.61 -7.98 20.78
N GLU D 157 -33.61 -11.45 23.54
N GLU D 157 -27.30 -8.06 21.03
CA GLU D 157 -32.97 -11.26 24.83
CA GLU D 157 -26.77 -7.87 22.37
C GLU D 157 -32.76 -9.77 25.04
C GLU D 157 -26.34 -6.41 22.51
N PRO D 158 -33.26 -9.23 26.15
N PRO D 158 -27.07 -5.65 23.33
CA PRO D 158 -33.24 -7.79 26.45
CA PRO D 158 -26.87 -4.21 23.53
C PRO D 158 -31.84 -7.18 26.61
C PRO D 158 -25.40 -3.81 23.77
N ASN D 159 -31.10 -7.65 27.62
N ASN D 159 -24.82 -4.29 24.86
CA ASN D 159 -29.77 -7.07 27.96
CA ASN D 159 -23.45 -3.89 25.26
C ASN D 159 -28.68 -7.33 26.93
C ASN D 159 -22.34 -4.54 24.44
N ILE D 160 -28.84 -6.74 25.73
N ILE D 160 -22.12 -4.03 23.23
CA ILE D 160 -27.84 -6.91 24.68
CA ILE D 160 -21.04 -4.54 22.38
C ILE D 160 -27.52 -5.59 23.95
C ILE D 160 -20.38 -3.42 21.57
N ILE D 161 -26.24 -5.39 23.67
N ILE D 161 -19.05 -3.48 21.49
CA ILE D 161 -25.77 -4.23 22.90
CA ILE D 161 -18.27 -2.56 20.68
C ILE D 161 -24.66 -4.74 22.00
C ILE D 161 -17.23 -3.37 19.93
N TRP D 162 -24.84 -4.60 20.69
N TRP D 162 -17.24 -3.28 18.59
CA TRP D 162 -23.89 -5.14 19.73
CA TRP D 162 -16.33 -4.08 17.77
C TRP D 162 -22.65 -4.27 19.55
C TRP D 162 -14.94 -3.47 17.63
N PHE D 163 -21.50 -4.91 19.58
N PHE D 163 -13.93 -4.28 17.94
CA PHE D 163 -20.23 -4.24 19.36
CA PHE D 163 -12.54 -3.90 17.79
C PHE D 163 -19.61 -4.73 18.06
C PHE D 163 -11.91 -4.75 16.69
N ILE D 164 -19.74 -3.95 17.00
N ILE D 164 -11.64 -4.14 15.54
CA ILE D 164 -19.11 -4.30 15.75
CA ILE D 164 -11.00 -4.86 14.45
C ILE D 164 -17.63 -3.94 15.84
C ILE D 164 -9.50 -4.95 14.73
N GLY D 165 -16.78 -4.69 15.16
N GLY D 165 -8.83 -5.90 14.09
CA GLY D 165 -15.34 -4.44 15.19
CA GLY D 165 -7.40 -6.09 14.29
C GLY D 165 -14.66 -5.15 16.36
C GLY D 165 -7.06 -6.40 15.74
N GLY D 166 -13.59 -4.53 16.88
N GLY D 166 -5.86 -5.99 16.15
CA GLY D 166 -12.82 -5.11 17.99
CA GLY D 166 -5.39 -6.24 17.52
C GLY D 166 -11.35 -4.72 17.91
C GLY D 166 -3.88 -6.22 17.57
N ASP D 167 -11.02 -3.55 18.44
N ASP D 167 -3.33 -5.17 18.19
CA ASP D 167 -9.65 -3.03 18.40
CA ASP D 167 -1.86 -5.00 18.28
C ASP D 167 -9.10 -3.16 16.98
C ASP D 167 -1.22 -5.24 16.92
N ILE D 168 -9.84 -2.65 16.02
N ILE D 168 -1.83 -4.68 15.89
CA ILE D 168 -9.43 -2.70 14.63
CA ILE D 168 -1.34 -4.88 14.54
C ILE D 168 -9.81 -1.41 13.92
C ILE D 168 -1.65 -3.64 13.69
N ARG D 169 -9.01 -1.01 12.95
N ARG D 169 -0.82 -3.38 12.68
CA ARG D 169 -9.26 0.20 12.18
CA ARG D 169 -1.01 -2.24 11.80
C ARG D 169 -10.57 0.06 11.39
C ARG D 169 -2.08 -2.52 10.77
N GLY D 170 -11.30 1.15 11.27
N GLY D 170 -2.66 -1.44 10.23
CA GLY D 170 -12.60 1.14 10.58
CA GLY D 170 -3.71 -1.56 9.22
C GLY D 170 -12.51 0.89 9.08
C GLY D 170 -3.18 -1.97 7.85
N ASP D 171 -11.36 1.20 8.49
N ASP D 171 -1.87 -1.87 7.67
CA ASP D 171 -11.17 0.99 7.05
CA ASP D 171 -1.25 -2.23 6.40
C ASP D 171 -10.54 -0.38 6.76
C ASP D 171 -0.70 -3.65 6.45
N VAL D 172 -10.48 -1.23 7.78
N VAL D 172 -1.22 -4.44 7.40
CA VAL D 172 -9.95 -2.58 7.62
CA VAL D 172 -0.82 -5.83 7.55
C VAL D 172 -11.09 -3.60 7.61
C VAL D 172 -2.08 -6.69 7.55
N LYS D 173 -11.13 -4.43 6.56
N LYS D 173 -2.36 -7.38 6.44
CA LYS D 173 -12.18 -5.44 6.43
CA LYS D 173 -3.54 -8.20 6.32
C LYS D 173 -13.55 -4.78 6.51
C LYS D 173 -4.79 -7.31 6.22
N THR D 174 -13.62 -3.54 6.04
N THR D 174 -4.66 -6.20 5.50
CA THR D 174 -14.87 -2.77 6.06
CA THR D 174 -5.75 -5.22 5.38
C THR D 174 -16.04 -3.58 5.49
C THR D 174 -6.97 -5.85 4.72
N ALA D 175 -15.83 -4.21 4.33
N ALA D 175 -6.74 -6.74 3.77
CA ALA D 175 -16.88 -5.01 3.69
CA ALA D 175 -7.82 -7.43 3.09
C ALA D 175 -17.41 -6.09 4.64
C ALA D 175 -8.62 -8.25 4.09
N GLU D 176 -16.50 -6.72 5.38
N GLU D 176 -7.90 -9.00 4.92
CA GLU D 176 -16.88 -7.78 6.32
CA GLU D 176 -8.53 -9.83 5.95
C GLU D 176 -17.73 -7.23 7.47
C GLU D 176 -9.34 -8.98 6.94
N TRP D 177 -17.24 -6.15 8.09
N TRP D 177 -8.78 -7.85 7.40
CA TRP D 177 -17.96 -5.54 9.21
CA TRP D 177 -9.48 -6.97 8.32
C TRP D 177 -19.35 -5.07 8.78
C TRP D 177 -10.66 -6.32 7.60
N GLU D 178 -19.43 -4.43 7.61
N GLU D 178 -10.42 -5.83 6.39
CA GLU D 178 -20.70 -3.92 7.08
CA GLU D 178 -11.46 -5.25 5.57
C GLU D 178 -21.73 -5.04 6.95
C GLU D 178 -12.65 -6.22 5.46
N ALA D 179 -21.29 -6.18 6.42
N ALA D 179 -12.34 -7.49 5.21
CA ALA D 179 -22.18 -7.32 6.26
CA ALA D 179 -13.36 -8.52 5.05
C ALA D 179 -22.66 -7.81 7.63
C ALA D 179 -14.11 -8.77 6.36
N LEU D 180 -21.71 -7.99 8.56
N LEU D 180 -13.39 -8.78 7.47
CA LEU D 180 -22.04 -8.47 9.92
CA LEU D 180 -13.99 -9.03 8.79
C LEU D 180 -23.05 -7.55 10.61
C LEU D 180 -14.90 -7.89 9.20
N ALA D 181 -22.87 -6.25 10.45
N ALA D 181 -14.48 -6.66 8.92
CA ALA D 181 -23.76 -5.28 11.07
CA ALA D 181 -15.25 -5.48 9.30
C ALA D 181 -25.14 -5.29 10.43
C ALA D 181 -16.58 -5.40 8.55
N THR D 182 -25.18 -5.21 9.11
N THR D 182 -16.50 -5.31 7.23
CA THR D 182 -26.45 -5.18 8.36
CA THR D 182 -17.70 -5.18 6.39
C THR D 182 -27.27 -6.46 8.53
C THR D 182 -18.71 -6.32 6.66
N SER D 183 -26.59 -7.61 8.58
N SER D 183 -18.20 -7.54 6.87
CA SER D 183 -27.27 -8.88 8.77
CA SER D 183 -19.05 -8.71 7.12
C SER D 183 -27.97 -8.87 10.12
C SER D 183 -19.93 -8.53 8.35
N ILE D 184 -27.21 -8.58 11.17
N ILE D 184 -19.36 -7.92 9.40
CA ILE D 184 -27.75 -8.51 12.52
CA ILE D 184 -20.10 -7.69 10.65
C ILE D 184 -28.97 -7.61 12.57
C ILE D 184 -21.08 -6.54 10.50
N LYS D 185 -28.78 -6.34 12.22
N LYS D 185 -20.62 -5.43 9.91
CA LYS D 185 -29.88 -5.35 12.25
CA LYS D 185 -21.48 -4.28 9.70
C LYS D 185 -31.09 -5.81 11.42
C LYS D 185 -22.66 -4.61 8.78
N ALA D 186 -30.83 -6.43 10.29
N ALA D 186 -22.45 -5.59 7.90
CA ALA D 186 -31.92 -6.85 9.41
CA ALA D 186 -23.49 -5.99 6.95
C ALA D 186 -32.87 -7.79 10.14
C ALA D 186 -24.68 -6.61 7.66
N ILE D 187 -32.34 -8.54 11.11
N ILE D 187 -24.44 -7.13 8.87
CA ILE D 187 -33.13 -9.49 11.88
CA ILE D 187 -25.50 -7.77 9.64
C ILE D 187 -33.47 -8.98 13.27
C ILE D 187 -25.80 -6.99 10.93
N ASP D 188 -32.49 -8.36 13.93
N ASP D 188 -24.77 -6.40 11.50
CA ASP D 188 -32.66 -7.85 15.30
CA ASP D 188 -24.92 -5.66 12.74
C ASP D 188 -32.93 -6.36 15.30
C ASP D 188 -24.95 -4.16 12.48
N LYS D 189 -34.17 -6.01 15.61
N LYS D 189 -26.11 -3.55 12.72
CA LYS D 189 -34.61 -4.62 15.63
CA LYS D 189 -26.28 -2.11 12.54
C LYS D 189 -34.73 -4.12 17.08
C LYS D 189 -26.53 -1.49 13.93
N ASN D 190 -34.11 -4.84 18.02
N ASN D 190 -26.18 -2.23 14.98
CA ASN D 190 -34.31 -4.56 19.43
CA ASN D 190 -26.47 -1.82 16.35
C ASN D 190 -33.07 -4.14 20.24
C ASN D 190 -25.24 -1.46 17.21
N HIS D 191 -31.94 -3.97 19.58
N HIS D 191 -24.03 -1.60 16.66
CA HIS D 191 -30.73 -3.59 20.28
CA HIS D 191 -22.81 -1.32 17.45
C HIS D 191 -29.96 -2.52 19.57
C HIS D 191 -21.74 -0.55 16.67
N LEU D 192 -29.28 -1.67 20.35
N LEU D 192 -20.94 0.23 17.40
CA LEU D 192 -28.46 -0.62 19.78
CA LEU D 192 -19.84 0.98 16.80
C LEU D 192 -27.13 -1.20 19.35
C LEU D 192 -18.65 0.06 16.57
N MSE D 193 -26.43 -0.49 18.47
N MSE D 193 -17.68 0.54 15.80
CA MSE D 193 -25.19 -0.99 17.92
CA MSE D 193 -16.54 -0.27 15.44
C MSE D 193 -24.10 0.10 17.86
C MSE D 193 -15.27 0.58 15.37
O MSE D 193 -24.41 1.30 17.79
O MSE D 193 -15.31 1.74 14.97
CB MSE D 193 -25.44 -1.56 16.53
CB MSE D 193 -16.82 -0.95 14.10
CG MSE D 193 -24.25 -2.25 15.90
CG MSE D 193 -15.73 -1.84 13.62
SE MSE D 193 -24.75 -3.11 14.21
SE MSE D 193 -16.31 -2.84 12.04
CE MSE D 193 -25.99 -4.45 14.89
CE MSE D 193 -17.63 -4.02 12.88
N THR D 194 -22.84 -0.33 17.90
N THR D 194 -14.15 -0.01 15.79
CA THR D 194 -21.73 0.58 17.85
CA THR D 194 -12.86 0.68 15.77
C THR D 194 -20.51 -0.14 17.27
C THR D 194 -11.75 -0.29 15.41
N PHE D 195 -19.37 0.58 17.18
N PHE D 195 -10.51 0.19 15.48
CA PHE D 195 -18.13 0.01 16.62
CA PHE D 195 -9.35 -0.64 15.14
C PHE D 195 -16.91 0.30 17.50
C PHE D 195 -8.21 -0.43 16.14
N HIS D 196 -16.23 -0.77 17.94
N HIS D 196 -7.85 -1.50 16.85
CA HIS D 196 -15.05 -0.64 18.79
CA HIS D 196 -6.75 -1.46 17.82
C HIS D 196 -13.80 -0.54 17.90
C HIS D 196 -5.43 -1.70 17.07
N PRO D 197 -13.18 0.65 17.85
N PRO D 197 -4.59 -0.66 16.97
CA PRO D 197 -12.07 0.94 16.95
CA PRO D 197 -3.36 -0.74 16.18
C PRO D 197 -10.68 0.63 17.50
C PRO D 197 -2.13 -1.13 16.96
N ARG D 198 -9.67 1.01 16.72
N ARG D 198 -1.01 -1.19 16.25
CA ARG D 198 -8.28 0.80 17.06
CA ARG D 198 0.27 -1.49 16.82
C ARG D 198 -7.86 1.82 18.12
C ARG D 198 0.70 -0.31 17.69
N GLY D 199 -6.73 1.57 18.76
N GLY D 199 1.45 -0.59 18.76
CA GLY D 199 -6.22 2.49 19.78
CA GLY D 199 1.95 0.47 19.62
C GLY D 199 -5.95 3.89 19.23
C GLY D 199 2.64 1.58 18.80
N ARG D 200 -6.56 4.91 19.85
N ARG D 200 2.55 2.81 19.28
CA ARG D 200 -6.36 6.30 19.44
CA ARG D 200 3.18 3.95 18.59
C ARG D 200 -7.21 6.68 18.23
C ARG D 200 2.62 4.14 17.19
N THR D 201 -8.27 5.92 18.01
N THR D 201 1.31 3.89 17.05
CA THR D 201 -9.17 6.19 16.89
CA THR D 201 0.61 4.02 15.79
C THR D 201 -10.62 6.17 17.34
C THR D 201 -0.87 4.31 16.04
N THR D 202 -11.48 6.87 16.61
N THR D 202 -1.55 4.85 15.03
CA THR D 202 -12.89 6.91 16.90
CA THR D 202 -2.98 5.18 15.15
C THR D 202 -13.66 6.32 15.75
C THR D 202 -3.79 4.58 14.01
N SER D 203 -14.71 5.56 16.07
N SER D 203 -5.08 4.36 14.27
CA SER D 203 -15.56 4.95 15.06
CA SER D 203 -5.98 3.77 13.28
C SER D 203 -16.13 6.01 14.13
C SER D 203 -6.36 4.76 12.17
N ALA D 204 -16.43 7.18 14.69
N ALA D 204 -6.24 6.05 12.47
CA ALA D 204 -17.00 8.28 13.92
CA ALA D 204 -6.56 7.10 11.49
C ALA D 204 -16.25 8.48 12.62
C ALA D 204 -5.56 7.08 10.35
N THR D 205 -14.92 8.47 12.70
N THR D 205 -4.38 6.55 10.62
CA THR D 205 -14.07 8.68 11.54
CA THR D 205 -3.33 6.47 9.64
C THR D 205 -14.49 7.85 10.32
C THR D 205 -3.76 5.69 8.42
N TRP D 206 -15.16 6.72 10.57
N TRP D 206 -4.53 4.62 8.64
CA TRP D 206 -15.55 5.84 9.47
CA TRP D 206 -4.94 3.76 7.55
C TRP D 206 -17.07 5.63 9.34
C TRP D 206 -6.45 3.81 7.28
N PHE D 207 -17.76 5.50 10.46
N PHE D 207 -7.25 3.78 8.36
CA PHE D 207 -19.18 5.13 10.41
CA PHE D 207 -8.70 3.68 8.20
C PHE D 207 -20.14 6.16 11.03
C PHE D 207 -9.47 4.93 8.63
N ASN D 208 -19.71 7.40 11.17
N ASN D 208 -8.83 6.08 8.58
CA ASN D 208 -20.59 8.41 11.72
CA ASN D 208 -9.51 7.31 8.96
C ASN D 208 -21.92 8.43 10.94
C ASN D 208 -10.73 7.53 8.08
N ASN D 209 -21.84 8.18 9.63
N ASN D 209 -10.59 7.25 6.78
CA ASN D 209 -23.02 8.22 8.76
CA ASN D 209 -11.67 7.45 5.81
C ASN D 209 -23.63 6.84 8.55
C ASN D 209 -12.56 6.22 5.65
N ALA D 210 -22.98 5.81 9.07
N ALA D 210 -12.15 5.10 6.23
CA ALA D 210 -23.48 4.44 8.94
CA ALA D 210 -12.94 3.86 6.13
C ALA D 210 -24.81 4.30 9.68
C ALA D 210 -14.36 4.08 6.64
N PRO D 211 -25.90 4.05 8.94
N PRO D 211 -15.35 3.54 5.92
CA PRO D 211 -27.22 3.91 9.55
CA PRO D 211 -16.75 3.70 6.28
C PRO D 211 -27.26 2.84 10.64
C PRO D 211 -17.13 2.89 7.53
N TRP D 212 -26.49 1.78 10.46
N TRP D 212 -16.52 1.73 7.70
CA TRP D 212 -26.47 0.69 11.44
CA TRP D 212 -16.85 0.85 8.84
C TRP D 212 -25.73 1.06 12.71
C TRP D 212 -16.25 1.31 10.19
N LEU D 213 -24.97 2.16 12.67
N LEU D 213 -15.25 2.21 10.13
CA LEU D 213 -24.22 2.61 13.86
CA LEU D 213 -14.62 2.69 11.36
C LEU D 213 -25.04 3.62 14.67
C LEU D 213 -15.34 3.93 11.92
N ASP D 214 -25.52 3.18 15.84
N ASP D 214 -15.99 3.76 13.06
CA ASP D 214 -26.34 4.02 16.71
CA ASP D 214 -16.73 4.84 13.70
C ASP D 214 -25.51 5.08 17.44
C ASP D 214 -15.80 5.83 14.41
N PHE D 215 -24.33 4.70 17.90
N PHE D 215 -14.74 5.32 15.04
CA PHE D 215 -23.47 5.61 18.64
CA PHE D 215 -13.78 6.18 15.75
C PHE D 215 -22.00 5.30 18.40
C PHE D 215 -12.37 5.60 15.73
N ASN D 216 -21.17 6.32 18.53
N ASN D 216 -11.39 6.48 15.76
CA ASN D 216 -19.74 6.19 18.29
CA ASN D 216 -9.99 6.08 15.74
C ASN D 216 -18.98 5.72 19.53
C ASN D 216 -9.51 5.62 17.13
N MSE D 217 -17.81 5.17 19.29
N MSE D 217 -8.48 4.78 17.13
CA MSE D 217 -16.96 4.67 20.37
CA MSE D 217 -7.89 4.28 18.37
C MSE D 217 -15.52 4.86 19.98
C MSE D 217 -6.39 4.13 18.18
O MSE D 217 -15.17 4.81 18.79
O MSE D 217 -5.92 3.81 17.07
CB MSE D 217 -17.26 3.19 20.63
CB MSE D 217 -8.53 2.93 18.76
CG MSE D 217 -16.28 2.52 21.60
CG MSE D 217 -7.84 2.21 19.95
SE MSE D 217 -16.90 0.71 22.17
SE MSE D 217 -8.82 0.59 20.55
CE MSE D 217 -18.48 1.25 23.17
CE MSE D 217 -10.38 1.46 21.29
N PHE D 218 -14.67 5.09 20.97
N PHE D 218 -5.63 4.40 19.23
CA PHE D 218 -13.25 5.24 20.72
CA PHE D 218 -4.18 4.31 19.18
C PHE D 218 -12.45 4.53 21.81
C PHE D 218 -3.62 3.60 20.42
N GLN D 219 -11.16 4.38 21.56
N GLN D 219 -2.39 3.11 20.30
CA GLN D 219 -10.27 3.76 22.53
CA GLN D 219 -1.71 2.45 21.42
C GLN D 219 -9.11 4.71 22.78
C GLN D 219 -0.43 3.21 21.73
N SER D 220 -9.10 5.32 23.98
N SER D 220 -0.43 3.92 22.87
CA SER D 220 -8.08 6.30 24.33
CA SER D 220 0.72 4.75 23.26
C SER D 220 -6.86 5.63 24.97
C SER D 220 1.79 3.98 24.05
N GLY D 221 -7.02 4.39 25.41
N GLY D 221 1.40 2.87 24.69
CA GLY D 221 -5.90 3.66 26.02
CA GLY D 221 2.36 2.04 25.47
C GLY D 221 -4.87 3.27 24.97
C GLY D 221 3.37 1.38 24.54
N HIS D 222 -3.63 3.04 25.41
N HIS D 222 4.51 0.92 25.10
CA HIS D 222 -3.26 3.12 26.82
CA HIS D 222 4.80 1.04 26.54
C HIS D 222 -1.91 3.82 26.96
C HIS D 222 6.26 1.48 26.78
N ARG D 223 -1.53 4.61 25.96
N ARG D 223 6.85 2.13 25.80
CA ARG D 223 -0.25 5.32 25.96
CA ARG D 223 8.23 2.60 25.90
C ARG D 223 -0.33 6.64 26.70
C ARG D 223 8.30 3.99 26.50
N ARG D 224 0.80 7.03 27.29
N ARG D 224 9.42 4.27 27.16
CA ARG D 224 0.89 8.31 27.99
CA ARG D 224 9.67 5.60 27.69
C ARG D 224 1.28 9.40 27.02
C ARG D 224 10.37 6.43 26.62
N TYR D 225 1.30 10.63 27.51
N TYR D 225 10.51 7.73 26.87
CA TYR D 225 1.67 11.78 26.68
CA TYR D 225 11.17 8.63 25.92
C TYR D 225 2.94 11.52 25.88
C TYR D 225 12.50 8.04 25.43
N GLY D 226 2.85 11.71 24.56
N GLY D 226 12.76 8.20 24.13
CA GLY D 226 3.99 11.60 23.66
CA GLY D 226 14.02 7.76 23.54
C GLY D 226 4.78 10.30 23.70
C GLY D 226 14.36 6.30 23.72
N GLN D 227 4.10 9.20 23.99
N GLN D 227 13.38 5.49 24.11
CA GLN D 227 4.77 7.88 24.02
CA GLN D 227 13.63 4.07 24.31
C GLN D 227 4.66 7.18 22.67
C GLN D 227 13.54 3.34 22.98
N ARG D 228 5.66 7.40 21.81
N ARG D 228 14.69 2.93 22.45
CA ARG D 228 5.66 6.82 20.47
CA ARG D 228 14.74 2.24 21.19
C ARG D 228 6.59 5.62 20.36
C ARG D 228 15.52 0.95 21.30
N PHE D 229 6.27 4.73 19.43
N PHE D 229 15.02 -0.10 20.66
CA PHE D 229 7.09 3.55 19.16
CA PHE D 229 15.71 -1.38 20.65
C PHE D 229 7.43 3.50 17.68
C PHE D 229 16.21 -1.65 19.25
N GLY D 230 7.97 4.61 17.18
N GLY D 230 16.22 -0.59 18.44
CA GLY D 230 8.31 4.76 15.76
CA GLY D 230 16.67 -0.71 17.07
C GLY D 230 7.96 6.16 15.29
C GLY D 230 17.08 0.63 16.49
N ASP D 231 8.26 6.46 14.03
N ASP D 231 17.44 0.63 15.21
CA ASP D 231 7.97 7.79 13.48
CA ASP D 231 17.88 1.83 14.53
C ASP D 231 7.04 7.69 12.27
C ASP D 231 17.10 2.02 13.24
N GLY D 232 6.21 6.65 12.26
N GLY D 232 16.21 1.08 12.95
CA GLY D 232 5.25 6.44 11.18
CA GLY D 232 15.44 1.12 11.73
C GLY D 232 4.02 7.31 11.33
C GLY D 232 14.29 2.11 11.77
N ASP D 233 2.98 7.02 10.57
N ASP D 233 13.40 1.98 10.80
CA ASP D 233 1.75 7.79 10.61
CA ASP D 233 12.24 2.86 10.70
C ASP D 233 1.09 7.67 11.99
C ASP D 233 11.60 3.06 12.06
N TYR D 234 0.54 8.78 12.49
N TYR D 234 10.77 4.09 12.17
CA TYR D 234 -0.07 8.80 13.81
CA TYR D 234 10.12 4.42 13.42
C TYR D 234 -1.48 9.40 13.74
C TYR D 234 8.92 5.33 13.10
N PRO D 235 -2.48 8.66 14.25
N PRO D 235 7.72 4.98 13.62
CA PRO D 235 -3.90 9.06 14.24
CA PRO D 235 6.45 5.68 13.32
C PRO D 235 -4.21 10.34 15.02
C PRO D 235 6.21 6.99 14.10
N ILE D 236 -3.30 10.74 15.92
N ILE D 236 7.07 7.30 15.07
CA ILE D 236 -3.47 11.96 16.70
CA ILE D 236 6.90 8.53 15.85
C ILE D 236 -2.21 12.82 16.63
C ILE D 236 8.16 9.35 15.91
N GLU D 237 -2.24 13.97 17.30
N GLU D 237 8.01 10.63 16.18
CA GLU D 237 -1.09 14.88 17.31
CA GLU D 237 9.14 11.50 16.30
C GLU D 237 -0.14 14.54 18.47
C GLU D 237 9.95 11.12 17.51
N GLU D 238 1.17 14.51 18.18
N GLU D 238 11.25 11.22 17.37
CA GLU D 238 2.18 14.18 19.20
CA GLU D 238 12.17 10.85 18.41
C GLU D 238 1.85 14.90 20.52
C GLU D 238 11.85 11.48 19.75
N ASN D 239 1.82 14.14 21.61
N ASN D 239 12.28 10.82 20.83
CA ASN D 239 1.57 14.71 22.97
CA ASN D 239 12.06 11.32 22.19
C ASN D 239 0.09 14.99 23.29
C ASN D 239 10.65 11.88 22.39
N THR D 240 -0.81 14.18 22.74
N THR D 240 9.66 11.18 21.85
CA THR D 240 -2.24 14.34 22.99
CA THR D 240 8.28 11.61 21.98
C THR D 240 -2.84 13.05 23.56
C THR D 240 7.37 10.42 22.34
N GLU D 241 -2.00 12.03 23.69
N GLU D 241 7.97 9.37 22.90
CA GLU D 241 -2.46 10.71 24.14
CA GLU D 241 7.22 8.16 23.28
C GLU D 241 -3.48 10.74 25.28
C GLU D 241 6.08 8.42 24.28
N GLU D 242 -3.07 11.29 26.43
N GLU D 242 6.38 9.17 25.34
CA GLU D 242 -3.92 11.27 27.64
CA GLU D 242 5.39 9.41 26.41
C GLU D 242 -5.12 12.21 27.58
C GLU D 242 4.42 10.57 26.12
N ASP D 243 -5.18 13.03 26.55
N ASP D 243 4.50 11.15 24.93
CA ASP D 243 -6.31 13.95 26.39
CA ASP D 243 3.61 12.27 24.55
C ASP D 243 -7.47 13.24 25.70
C ASP D 243 2.39 11.74 23.77
N ASN D 244 -8.05 12.25 26.40
N ASN D 244 1.51 11.01 24.46
CA ASN D 244 -9.15 11.48 25.84
CA ASN D 244 0.35 10.40 23.81
C ASN D 244 -10.38 12.36 25.51
C ASN D 244 -0.65 11.43 23.29
N TRP D 245 -10.35 13.62 25.95
N TRP D 245 -0.59 12.65 23.80
CA TRP D 245 -11.46 14.54 25.68
CA TRP D 245 -1.46 13.71 23.32
C TRP D 245 -11.40 15.08 24.25
C TRP D 245 -1.20 13.99 21.84
N ARG D 246 -10.27 14.89 23.59
N ARG D 246 0.03 13.67 21.40
CA ARG D 246 -10.11 15.36 22.20
CA ARG D 246 0.42 13.89 20.03
C ARG D 246 -10.87 14.44 21.24
C ARG D 246 -0.42 13.02 19.09
N PHE D 247 -10.94 13.15 21.59
N PHE D 247 -0.72 11.80 19.52
CA PHE D 247 -11.66 12.19 20.79
CA PHE D 247 -1.54 10.91 18.72
C PHE D 247 -13.13 12.50 20.79
C PHE D 247 -2.93 11.49 18.53
N VAL D 248 -13.64 12.88 21.96
N VAL D 248 -3.42 12.18 19.56
CA VAL D 248 -15.05 13.22 22.12
CA VAL D 248 -4.75 12.78 19.50
C VAL D 248 -15.44 14.40 21.24
C VAL D 248 -4.81 13.91 18.49
N GLU D 249 -14.64 15.46 21.28
N GLU D 249 -3.80 14.77 18.49
CA GLU D 249 -14.90 16.65 20.48
CA GLU D 249 -3.76 15.90 17.58
C GLU D 249 -14.97 16.30 19.01
C GLU D 249 -3.72 15.45 16.11
N ARG D 250 -13.91 15.68 18.49
N ARG D 250 -2.66 14.76 15.73
CA ARG D 250 -13.80 15.36 17.07
CA ARG D 250 -2.45 14.35 14.34
C ARG D 250 -14.78 14.29 16.61
C ARG D 250 -3.47 13.32 13.83
N SER D 251 -15.46 13.63 17.55
N SER D 251 -4.18 12.67 14.76
CA SER D 251 -16.44 12.62 17.20
CA SER D 251 -5.24 11.73 14.38
C SER D 251 -17.82 13.25 17.08
C SER D 251 -6.48 12.52 14.03
N MSE D 252 -18.22 14.02 18.10
N MSE D 252 -6.83 13.46 14.89
CA MSE D 252 -19.53 14.66 18.11
CA MSE D 252 -7.98 14.29 14.68
C MSE D 252 -19.54 15.87 17.18
C MSE D 252 -7.65 15.37 13.65
O MSE D 252 -20.60 16.47 16.94
O MSE D 252 -8.52 16.12 13.22
CB MSE D 252 -19.87 15.09 19.53
CB MSE D 252 -8.44 14.93 16.00
CG MSE D 252 -19.65 13.99 20.57
CG MSE D 252 -8.68 13.92 17.13
SE MSE D 252 -20.41 14.43 22.31
SE MSE D 252 -9.48 14.70 18.76
CE MSE D 252 -22.31 14.34 21.82
CE MSE D 252 -11.29 15.01 18.09
N ALA D 253 -18.36 16.24 16.66
N ALA D 253 -6.39 15.42 13.26
CA ALA D 253 -18.24 17.38 15.75
CA ALA D 253 -5.95 16.37 12.26
C ALA D 253 -18.74 17.02 14.36
C ALA D 253 -6.35 15.88 10.86
N MSE D 254 -18.79 15.72 14.08
N MSE D 254 -6.73 14.60 10.78
CA MSE D 254 -19.22 15.24 12.78
CA MSE D 254 -7.14 14.00 9.53
C MSE D 254 -20.75 15.15 12.74
C MSE D 254 -8.67 14.12 9.36
O MSE D 254 -21.36 14.40 13.52
O MSE D 254 -9.43 13.68 10.22
CB MSE D 254 -18.60 13.88 12.51
CB MSE D 254 -6.72 12.53 9.50
CG MSE D 254 -17.09 13.86 12.77
CG MSE D 254 -5.21 12.30 9.72
SE MSE D 254 -16.27 12.16 12.36
SE MSE D 254 -4.71 10.40 9.74
CE MSE D 254 -14.54 12.45 13.20
CE MSE D 254 -2.80 10.60 10.14
N LYS D 255 -21.36 15.93 11.86
N LYS D 255 -9.09 14.73 8.25
CA LYS D 255 -22.80 15.95 11.72
CA LYS D 255 -10.50 14.96 7.99
C LYS D 255 -23.26 15.00 10.60
C LYS D 255 -11.02 14.06 6.87
N PRO D 256 -24.46 14.41 10.77
N PRO D 256 -12.35 13.80 6.87
CA PRO D 256 -25.29 14.64 11.96
CA PRO D 256 -13.23 14.32 7.91
C PRO D 256 -24.63 14.08 13.22
C PRO D 256 -12.79 13.88 9.29
N MSE D 257 -24.93 14.69 14.35
N MSE D 257 -13.02 14.73 10.29
CA MSE D 257 -24.30 14.30 15.60
CA MSE D 257 -12.58 14.44 11.66
C MSE D 257 -24.86 13.00 16.16
C MSE D 257 -13.47 13.42 12.33
O MSE D 257 -26.05 12.73 16.06
O MSE D 257 -14.70 13.46 12.20
CB MSE D 257 -24.45 15.41 16.64
CB MSE D 257 -12.55 15.71 12.49
CG MSE D 257 -23.65 15.18 17.90
CG MSE D 257 -12.04 15.49 13.92
SE MSE D 257 -23.61 16.73 19.10
SE MSE D 257 -11.99 17.14 14.97
CE MSE D 257 -25.49 16.75 19.65
CE MSE D 257 -13.89 17.51 15.04
N LYS D 258 -23.97 12.20 16.73
N LYS D 258 -12.85 12.51 13.07
CA LYS D 258 -24.35 10.96 17.38
CA LYS D 258 -13.56 11.50 13.84
C LYS D 258 -23.59 10.84 18.70
C LYS D 258 -13.00 11.46 15.25
N PRO D 259 -24.23 10.24 19.72
N PRO D 259 -13.78 10.96 16.21
CA PRO D 259 -23.57 10.08 21.01
CA PRO D 259 -13.29 10.88 17.58
C PRO D 259 -22.25 9.34 20.89
C PRO D 259 -12.09 9.95 17.67
N VAL D 260 -21.33 9.61 21.81
N VAL D 260 -11.33 10.07 18.75
CA VAL D 260 -20.03 8.96 21.80
CA VAL D 260 -10.19 9.22 18.96
C VAL D 260 -19.65 8.52 23.19
C VAL D 260 -9.98 8.94 20.44
N ILE D 261 -18.76 7.52 23.28
N ILE D 261 -9.31 7.84 20.74
CA ILE D 261 -18.32 7.02 24.55
CA ILE D 261 -9.05 7.46 22.10
C ILE D 261 -16.94 6.39 24.43
C ILE D 261 -7.78 6.65 22.18
N ASP D 262 -16.15 6.52 25.49
N ASP D 262 -7.11 6.70 23.33
CA ASP D 262 -14.84 5.91 25.53
CA ASP D 262 -5.93 5.90 23.56
C ASP D 262 -15.02 4.45 25.93
C ASP D 262 -6.41 4.53 24.00
N GLY D 263 -15.01 3.57 24.93
N GLY D 263 -6.44 3.59 23.05
CA GLY D 263 -15.24 2.14 25.15
CA GLY D 263 -6.96 2.23 23.31
C GLY D 263 -14.03 1.37 25.66
C GLY D 263 -6.05 1.36 24.16
N GLU D 264 -12.88 2.05 25.72
N GLU D 264 -4.76 1.68 24.16
CA GLU D 264 -11.65 1.43 26.21
CA GLU D 264 -3.80 0.92 24.96
C GLU D 264 -10.54 2.44 26.45
C GLU D 264 -2.57 1.73 25.32
N PRO D 265 -10.56 3.08 27.63
N PRO D 265 -2.63 2.50 26.42
CA PRO D 265 -9.53 3.99 28.02
CA PRO D 265 -1.50 3.26 26.90
C PRO D 265 -8.40 3.21 28.66
C PRO D 265 -0.63 2.38 27.76
N ILE D 266 -7.52 3.89 29.36
N ILE D 266 0.35 2.97 28.43
CA ILE D 266 -6.45 3.21 30.07
CA ILE D 266 1.20 2.22 29.33
C ILE D 266 -7.06 2.24 31.06
C ILE D 266 0.34 1.54 30.38
N TYR D 267 -6.50 1.05 31.16
N TYR D 267 0.64 0.28 30.68
CA TYR D 267 -6.97 0.09 32.14
CA TYR D 267 -0.10 -0.46 31.71
C TYR D 267 -6.19 0.24 33.43
C TYR D 267 0.56 -0.30 33.07
N GLU D 268 -6.88 0.09 34.55
N GLU D 268 -0.25 -0.34 34.12
CA GLU D 268 -6.23 0.23 35.84
CA GLU D 268 0.27 -0.18 35.46
C GLU D 268 -5.21 -0.88 36.04
C GLU D 268 1.09 -1.41 35.87
N GLU D 269 -3.99 -0.49 36.39
N GLU D 269 2.30 -1.15 36.37
CA GLU D 269 -2.92 -1.44 36.69
CA GLU D 269 3.21 -2.20 36.84
C GLU D 269 -2.27 -2.06 35.45
C GLU D 269 3.82 -3.02 35.69
N ILE D 270 -2.48 -1.44 34.29
N ILE D 270 3.85 -2.45 34.50
CA ILE D 270 -1.83 -1.89 33.06
CA ILE D 270 4.50 -3.08 33.37
C ILE D 270 -0.65 -0.93 32.81
C ILE D 270 5.82 -2.33 33.12
N PRO D 271 0.45 -1.46 32.27
N PRO D 271 6.87 -3.07 32.73
CA PRO D 271 1.68 -0.68 32.04
CA PRO D 271 8.22 -2.51 32.54
C PRO D 271 1.53 0.43 30.99
C PRO D 271 8.33 -1.49 31.40
N HIS D 272 2.13 1.60 31.29
N HIS D 272 9.30 -0.58 31.53
CA HIS D 272 2.13 2.73 30.35
CA HIS D 272 9.60 0.41 30.50
C HIS D 272 2.66 2.31 28.98
C HIS D 272 10.11 -0.29 29.23
N GLY D 273 1.79 2.28 27.98
N GLY D 273 9.23 -0.52 28.26
CA GLY D 273 2.18 1.91 26.61
CA GLY D 273 9.61 -1.18 27.01
C GLY D 273 1.99 0.42 26.33
C GLY D 273 9.12 -2.62 26.91
N LEU D 274 1.75 -0.36 27.39
N LEU D 274 8.53 -3.11 28.01
CA LEU D 274 1.48 -1.80 27.25
CA LEU D 274 7.97 -4.48 28.04
C LEU D 274 2.73 -2.63 26.95
C LEU D 274 9.04 -5.56 28.14
N HIS D 275 3.54 -2.15 26.01
N HIS D 275 10.01 -5.51 27.23
CA HIS D 275 4.70 -2.93 25.50
CA HIS D 275 11.06 -6.53 27.18
C HIS D 275 5.82 -3.20 26.54
C HIS D 275 11.73 -6.72 28.55
N ASP D 276 5.94 -2.35 27.55
N ASP D 276 12.93 -6.15 28.70
CA ASP D 276 6.98 -2.56 28.57
CA ASP D 276 13.65 -6.26 29.96
C ASP D 276 6.34 -2.87 29.94
C ASP D 276 12.68 -6.23 31.13
N GLU D 277 6.47 -4.12 30.37
N GLU D 277 12.72 -7.29 31.94
CA GLU D 277 5.88 -4.59 31.62
CA GLU D 277 11.83 -7.40 33.10
C GLU D 277 6.48 -3.90 32.84
C GLU D 277 12.39 -6.66 34.32
N ASN D 278 7.73 -3.45 32.71
N ASN D 278 13.65 -6.28 34.25
CA ASN D 278 8.44 -2.82 33.81
CA ASN D 278 14.28 -5.56 35.35
C ASN D 278 8.13 -1.31 33.90
C ASN D 278 14.24 -4.04 35.14
N GLU D 279 7.29 -0.83 32.99
N GLU D 279 13.54 -3.61 34.10
CA GLU D 279 6.91 0.58 32.98
CA GLU D 279 13.39 -2.18 33.82
C GLU D 279 5.94 0.90 34.10
C GLU D 279 12.49 -1.53 34.85
N LEU D 280 5.71 2.20 34.30
N LEU D 280 12.47 -0.20 34.85
CA LEU D 280 4.77 2.65 35.31
CA LEU D 280 11.60 0.54 35.73
C LEU D 280 3.37 2.17 34.94
C LEU D 280 10.17 0.13 35.42
N LEU D 281 2.54 1.97 35.95
N LEU D 281 9.34 0.04 36.46
CA LEU D 281 1.19 1.46 35.73
CA LEU D 281 7.95 -0.32 36.28
C LEU D 281 0.13 2.53 35.99
C LEU D 281 7.06 0.93 36.26
N TRP D 282 -0.90 2.54 35.15
N TRP D 282 6.14 0.99 35.30
CA TRP D 282 -2.00 3.47 35.33
CA TRP D 282 5.21 2.11 35.21
C TRP D 282 -2.67 3.19 36.67
C TRP D 282 4.36 2.15 36.48
N LYS D 283 -2.83 4.23 37.48
N LYS D 283 4.20 3.34 37.04
CA LYS D 283 -3.42 4.06 38.81
CA LYS D 283 3.47 3.50 38.30
C LYS D 283 -4.88 4.53 38.87
C LYS D 283 2.17 4.23 38.11
N ASP D 284 -5.46 4.49 40.08
N ASP D 284 1.39 4.35 39.18
CA ASP D 284 -6.87 4.83 40.27
CA ASP D 284 0.09 5.01 39.10
C ASP D 284 -7.20 6.30 39.97
C ASP D 284 0.23 6.43 38.56
N TYR D 285 -6.25 7.19 40.22
N TYR D 285 1.17 7.21 39.11
CA TYR D 285 -6.47 8.62 39.94
CA TYR D 285 1.36 8.57 38.67
C TYR D 285 -6.46 8.87 38.44
C TYR D 285 1.54 8.65 37.15
N ASP D 286 -5.69 8.06 37.71
N ASP D 286 2.14 7.61 36.58
CA ASP D 286 -5.62 8.16 36.25
CA ASP D 286 2.31 7.54 35.13
C ASP D 286 -6.94 7.69 35.64
C ASP D 286 0.97 7.27 34.45
N VAL D 287 -7.42 6.54 36.09
N VAL D 287 0.19 6.37 35.04
CA VAL D 287 -8.68 6.01 35.62
CA VAL D 287 -1.11 6.02 34.50
C VAL D 287 -9.79 7.06 35.80
C VAL D 287 -1.99 7.26 34.35
N ARG D 288 -9.85 7.67 36.98
N ARG D 288 -2.00 8.11 35.38
CA ARG D 288 -10.86 8.70 37.25
CA ARG D 288 -2.81 9.32 35.35
C ARG D 288 -10.72 9.88 36.29
C ARG D 288 -2.33 10.25 34.24
N ARG D 289 -9.47 10.30 36.01
N ARG D 289 -1.02 10.47 34.16
CA ARG D 289 -9.23 11.42 35.10
CA ARG D 289 -0.47 11.35 33.13
C ARG D 289 -9.84 11.16 33.72
C ARG D 289 -1.07 11.02 31.77
N TYR D 290 -9.54 9.98 33.16
N TYR D 290 -0.91 9.77 31.34
CA TYR D 290 -10.08 9.60 31.87
CA TYR D 290 -1.43 9.33 30.06
C TYR D 290 -11.60 9.55 31.91
C TYR D 290 -2.93 9.63 29.93
N ALA D 291 -12.15 9.05 33.02
N ALA D 291 -3.69 9.27 30.96
CA ALA D 291 -13.58 8.92 33.18
CA ALA D 291 -5.15 9.47 30.97
C ALA D 291 -14.31 10.27 33.13
C ALA D 291 -5.53 10.93 30.65
N TYR D 292 -13.91 11.19 34.00
N TYR D 292 -5.15 11.84 31.52
CA TYR D 292 -14.57 12.50 34.09
CA TYR D 292 -5.47 13.25 31.35
C TYR D 292 -14.26 13.40 32.89
C TYR D 292 -4.77 13.85 30.12
N TRP D 293 -13.07 13.27 32.33
N TRP D 293 -3.54 13.42 29.87
CA TRP D 293 -12.68 14.07 31.15
CA TRP D 293 -2.78 13.90 28.71
C TRP D 293 -13.59 13.72 29.97
C TRP D 293 -3.49 13.55 27.39
N SER D 294 -13.74 12.42 29.69
N SER D 294 -4.29 12.49 27.40
CA SER D 294 -14.58 11.97 28.59
CA SER D 294 -5.01 12.07 26.20
C SER D 294 -16.04 12.39 28.77
C SER D 294 -6.41 12.71 26.12
N VAL D 295 -16.57 12.20 29.98
N VAL D 295 -7.08 12.79 27.25
CA VAL D 295 -17.97 12.54 30.26
CA VAL D 295 -8.42 13.39 27.29
C VAL D 295 -18.16 14.06 30.20
C VAL D 295 -8.32 14.88 27.00
N PHE D 296 -17.33 14.79 30.94
N PHE D 296 -7.49 15.59 27.76
CA PHE D 296 -17.40 16.25 30.93
CA PHE D 296 -7.31 17.03 27.57
C PHE D 296 -17.06 16.80 29.56
C PHE D 296 -6.77 17.35 26.18
N ALA D 297 -16.69 15.91 28.64
N ALA D 297 -6.32 16.33 25.47
CA ALA D 297 -16.38 16.30 27.28
CA ALA D 297 -5.79 16.50 24.12
C ALA D 297 -17.64 16.20 26.42
C ALA D 297 -6.92 16.42 23.08
N GLY D 298 -18.57 15.35 26.84
N GLY D 298 -8.04 15.80 23.45
CA GLY D 298 -19.84 15.20 26.14
CA GLY D 298 -9.19 15.69 22.55
C GLY D 298 -20.29 13.75 25.96
C GLY D 298 -9.91 14.33 22.62
N SER D 299 -19.52 12.80 26.50
N SER D 299 -9.23 13.31 23.13
CA SER D 299 -19.88 11.39 26.40
CA SER D 299 -9.80 11.97 23.21
C SER D 299 -21.13 11.07 27.25
C SER D 299 -11.18 12.00 23.88
N PHE D 300 -21.91 10.07 26.81
N PHE D 300 -12.11 11.22 23.33
CA PHE D 300 -23.16 9.70 27.50
CA PHE D 300 -13.49 11.18 23.86
C PHE D 300 -22.91 8.73 28.66
C PHE D 300 -13.57 10.34 25.13
N GLY D 301 -21.66 8.36 28.85
N GLY D 301 -12.45 9.79 25.53
CA GLY D 301 -21.28 7.44 29.91
CA GLY D 301 -12.40 8.96 26.73
C GLY D 301 -19.81 7.17 29.86
C GLY D 301 -11.01 8.40 26.92
N HIS D 302 -19.39 6.02 30.38
N HIS D 302 -10.92 7.28 27.62
CA HIS D 302 -17.98 5.66 30.36
CA HIS D 302 -9.64 6.66 27.86
C HIS D 302 -17.78 4.19 30.65
C HIS D 302 -9.80 5.27 28.45
N THR D 303 -16.77 3.59 30.02
N THR D 303 -8.97 4.34 27.98
CA THR D 303 -16.45 2.18 30.23
CA THR D 303 -8.97 2.98 28.48
C THR D 303 -15.14 2.04 30.96
C THR D 303 -7.75 2.77 29.37
N TYR D 304 -15.19 1.37 32.11
N TYR D 304 -7.94 2.04 30.46
CA TYR D 304 -14.00 1.15 32.92
CA TYR D 304 -6.86 1.75 31.39
C TYR D 304 -13.30 -0.13 32.51
C TYR D 304 -6.50 0.28 31.34
N GLY D 305 -12.03 -0.25 32.87
N GLY D 305 -5.28 -0.03 31.73
CA GLY D 305 -11.24 -1.42 32.56
CA GLY D 305 -4.81 -1.41 31.75
C GLY D 305 -10.11 -1.65 33.56
C GLY D 305 -3.84 -1.68 32.89
N HIS D 306 -9.80 -2.91 33.82
N HIS D 306 -3.82 -2.92 33.36
CA HIS D 306 -8.74 -3.29 34.72
CA HIS D 306 -2.90 -3.31 34.43
C HIS D 306 -7.89 -4.37 34.03
C HIS D 306 -2.19 -4.60 34.02
N ASN D 307 -6.57 -4.18 33.99
N ASN D 307 -0.87 -4.62 34.22
CA ASN D 307 -5.67 -5.12 33.34
CA ASN D 307 -0.05 -5.76 33.84
C ASN D 307 -5.90 -6.61 33.73
C ASN D 307 -0.65 -7.11 34.29
N SER D 308 -6.20 -6.85 35.00
N SER D 308 -1.06 -7.20 35.56
CA SER D 308 -6.41 -8.23 35.49
CA SER D 308 -1.59 -8.46 36.13
C SER D 308 -7.82 -8.75 35.19
C SER D 308 -3.01 -8.79 35.67
N ILE D 309 -8.81 -7.89 35.35
N ILE D 309 -3.84 -7.76 35.54
CA ILE D 309 -10.19 -8.28 35.14
CA ILE D 309 -5.25 -7.94 35.19
C ILE D 309 -10.51 -8.59 33.67
C ILE D 309 -5.46 -8.29 33.72
N MSE D 310 -10.14 -7.67 32.77
N MSE D 310 -4.78 -7.57 32.84
CA MSE D 310 -10.47 -7.82 31.34
CA MSE D 310 -4.97 -7.74 31.40
C MSE D 310 -9.95 -9.13 30.71
C MSE D 310 -4.61 -9.16 30.92
O MSE D 310 -10.49 -9.59 29.71
O MSE D 310 -5.09 -9.61 29.88
CB MSE D 310 -10.01 -6.58 30.52
CB MSE D 310 -4.17 -6.68 30.63
CG MSE D 310 -8.48 -6.37 30.43
CG MSE D 310 -2.68 -6.84 30.68
SE MSE D 310 -7.65 -7.45 29.03
SE MSE D 310 -2.05 -8.11 29.38
CE MSE D 310 -5.83 -6.72 29.12
CE MSE D 310 -0.13 -7.82 29.58
N GLN D 311 -8.94 -9.73 31.32
N GLN D 311 -3.82 -9.89 31.72
CA GLN D 311 -8.40 -11.00 30.81
CA GLN D 311 -3.47 -11.28 31.39
C GLN D 311 -8.61 -12.12 31.83
C GLN D 311 -4.09 -12.25 32.40
N PHE D 312 -9.33 -11.80 32.91
N PHE D 312 -4.65 -11.68 33.47
CA PHE D 312 -9.63 -12.76 33.96
CA PHE D 312 -5.31 -12.46 34.52
C PHE D 312 -8.43 -13.63 34.28
C PHE D 312 -4.40 -13.52 35.14
N ILE D 313 -7.36 -12.99 34.75
N ILE D 313 -3.24 -13.08 35.63
CA ILE D 313 -6.14 -13.68 35.16
CA ILE D 313 -2.30 -13.97 36.28
C ILE D 313 -6.41 -14.73 36.23
C ILE D 313 -2.89 -14.57 37.55
N LYS D 314 -5.78 -15.89 36.07
N LYS D 314 -2.60 -15.84 37.78
CA LYS D 314 -5.93 -16.98 37.03
CA LYS D 314 -3.06 -16.54 38.95
C LYS D 314 -4.59 -17.58 37.38
C LYS D 314 -1.89 -17.31 39.51
N PRO D 315 -4.43 -18.02 38.64
N PRO D 315 -1.91 -17.57 40.83
CA PRO D 315 -3.21 -18.69 39.05
CA PRO D 315 -0.84 -18.37 41.35
C PRO D 315 -2.93 -19.89 38.15
C PRO D 315 -0.81 -19.69 40.60
N GLY D 316 -1.72 -19.96 37.61
N GLY D 316 0.39 -20.16 40.27
CA GLY D 316 -1.36 -21.03 36.70
CA GLY D 316 0.53 -21.41 39.54
C GLY D 316 -1.43 -20.55 35.26
C GLY D 316 0.77 -21.17 38.06
N VAL D 317 -1.95 -19.34 35.09
N VAL D 317 0.58 -19.93 37.62
CA VAL D 317 -2.07 -18.74 33.77
CA VAL D 317 0.79 -19.56 36.22
C VAL D 317 -1.35 -17.39 33.75
C VAL D 317 1.77 -18.41 36.10
N GLY D 318 -0.14 -17.37 33.19
N GLY D 318 2.87 -18.64 35.39
CA GLY D 318 0.65 -16.13 33.11
CA GLY D 318 3.89 -17.62 35.20
C GLY D 318 -0.07 -15.08 32.27
C GLY D 318 3.40 -16.50 34.31
N GLY D 319 -0.42 -13.98 32.90
N GLY D 319 3.50 -15.27 34.79
CA GLY D 319 -1.16 -12.92 32.22
CA GLY D 319 3.03 -14.11 34.04
C GLY D 319 -0.31 -12.07 31.30
C GLY D 319 4.02 -13.65 33.00
N ALA D 320 -0.99 -11.27 30.47
N ALA D 320 3.54 -12.88 32.05
CA ALA D 320 -0.31 -10.38 29.56
CA ALA D 320 4.39 -12.31 31.02
C ALA D 320 -0.18 -8.98 30.20
C ALA D 320 4.85 -10.92 31.44
N TYR D 321 0.74 -8.20 29.68
N TYR D 321 6.05 -10.55 31.01
CA TYR D 321 0.97 -6.83 30.15
CA TYR D 321 6.60 -9.22 31.29
C TYR D 321 1.26 -6.78 31.67
C TYR D 321 7.00 -9.04 32.77
N GLY D 322 1.99 -7.78 32.17
N GLY D 322 7.11 -10.14 33.50
CA GLY D 322 2.40 -7.82 33.59
CA GLY D 322 7.53 -10.09 34.90
C GLY D 322 1.34 -8.36 34.56
C GLY D 322 6.38 -9.95 35.89
N ALA D 323 0.13 -8.56 34.05
N ALA D 323 5.15 -10.06 35.40
CA ALA D 323 -0.97 -9.06 34.91
CA ALA D 323 3.98 -9.96 36.27
C ALA D 323 -0.51 -10.27 35.72
C ALA D 323 3.96 -11.10 37.27
N LYS D 324 -0.63 -10.17 37.04
N LYS D 324 3.68 -10.77 38.54
CA LYS D 324 -0.25 -11.26 37.92
CA LYS D 324 3.65 -11.77 39.60
C LYS D 324 -1.31 -11.45 38.99
C LYS D 324 2.40 -11.62 40.48
N LYS D 325 -2.01 -10.37 39.32
N LYS D 325 2.05 -10.40 40.82
CA LYS D 325 -3.05 -10.41 40.35
CA LYS D 325 0.88 -10.14 41.66
C LYS D 325 -4.32 -11.08 39.83
C LYS D 325 -0.39 -10.64 40.97
N PRO D 326 -4.79 -12.12 40.55
N PRO D 326 -1.16 -11.48 41.67
CA PRO D 326 -6.02 -12.83 40.17
CA PRO D 326 -2.42 -12.05 41.14
C PRO D 326 -7.20 -11.86 40.01
C PRO D 326 -3.42 -10.97 40.72
N TRP D 327 -7.95 -12.03 38.92
N TRP D 327 -4.12 -11.19 39.61
CA TRP D 327 -9.07 -11.13 38.64
CA TRP D 327 -5.06 -10.21 39.09
C TRP D 327 -9.99 -10.97 39.85
C TRP D 327 -6.03 -9.72 40.16
N TYR D 328 -10.22 -12.07 40.57
N TYR D 328 -6.56 -10.65 40.97
CA TYR D 328 -11.10 -12.04 41.72
CA TYR D 328 -7.54 -10.29 42.00
C TYR D 328 -10.59 -11.14 42.86
C TYR D 328 -6.93 -9.44 43.13
N ASP D 329 -9.27 -11.00 42.97
N ASP D 329 -5.61 -9.37 43.18
CA ASP D 329 -8.68 -10.14 44.01
CA ASP D 329 -4.93 -8.52 44.17
C ASP D 329 -8.68 -8.68 43.54
C ASP D 329 -4.64 -7.16 43.54
N ALA D 330 -8.61 -8.49 42.22
N ALA D 330 -4.41 -7.16 42.22
CA ALA D 330 -8.59 -7.16 41.62
CA ALA D 330 -4.14 -5.91 41.48
C ALA D 330 -9.94 -6.45 41.77
C ALA D 330 -5.37 -5.01 41.45
N LEU D 331 -10.94 -7.18 42.27
N LEU D 331 -6.51 -5.57 41.86
CA LEU D 331 -12.26 -6.60 42.50
CA LEU D 331 -7.73 -4.80 41.93
C LEU D 331 -12.21 -5.65 43.69
C LEU D 331 -7.61 -3.77 43.04
N ASN D 332 -11.09 -5.67 44.41
N ASN D 332 -6.52 -3.86 43.80
CA ASN D 332 -10.90 -4.83 45.60
CA ASN D 332 -6.28 -2.93 44.91
C ASN D 332 -10.08 -3.56 45.30
C ASN D 332 -5.14 -1.95 44.61
N ASP D 333 -9.66 -3.38 44.06
N ASP D 333 -4.58 -2.03 43.40
CA ASP D 333 -8.88 -2.20 43.68
CA ASP D 333 -3.51 -1.11 42.99
C ASP D 333 -9.77 -0.95 43.65
C ASP D 333 -4.07 0.30 42.72
N PRO D 334 -9.24 0.18 44.14
N PRO D 334 -3.34 1.33 43.19
CA PRO D 334 -9.95 1.46 44.28
CA PRO D 334 -3.75 2.75 43.10
C PRO D 334 -10.67 1.94 43.02
C PRO D 334 -4.30 3.15 41.73
N GLY D 335 -9.98 1.92 41.88
N GLY D 335 -3.46 3.14 40.70
CA GLY D 335 -10.55 2.41 40.60
CA GLY D 335 -3.87 3.54 39.34
C GLY D 335 -11.85 1.70 40.25
C GLY D 335 -5.26 3.04 38.97
N TYR D 336 -11.85 0.39 40.38
N TYR D 336 -5.43 1.73 38.98
CA TYR D 336 -13.01 -0.43 40.09
CA TYR D 336 -6.71 1.11 38.65
C TYR D 336 -14.17 -0.11 41.06
C TYR D 336 -7.87 1.76 39.43
N ASN D 337 -13.81 0.40 42.23
N ASN D 337 -7.58 2.18 40.66
CA ASN D 337 -14.80 0.73 43.27
CA ASN D 337 -8.59 2.76 41.53
C ASN D 337 -15.12 2.22 43.34
C ASN D 337 -8.66 4.29 41.44
N GLN D 338 -14.61 2.98 42.37
N GLN D 338 -8.04 4.85 40.38
CA GLN D 338 -14.82 4.41 42.36
CA GLN D 338 -8.00 6.31 40.21
C GLN D 338 -15.72 4.87 41.17
C GLN D 338 -8.67 6.78 38.92
N MSE D 339 -15.87 4.01 40.18
N MSE D 339 -8.87 5.87 37.97
CA MSE D 339 -16.68 4.35 38.99
CA MSE D 339 -9.47 6.23 36.67
C MSE D 339 -18.14 4.63 39.35
C MSE D 339 -10.88 6.79 36.83
O MSE D 339 -18.82 5.41 38.66
O MSE D 339 -11.36 7.56 35.98
CB MSE D 339 -16.61 3.22 37.96
CB MSE D 339 -9.51 5.01 35.74
CG MSE D 339 -15.22 3.02 37.32
CG MSE D 339 -8.13 4.49 35.31
SE MSE D 339 -14.55 4.62 36.37
SE MSE D 339 -7.05 5.80 34.36
CE MSE D 339 -14.34 5.81 37.90
CE MSE D 339 -6.67 7.01 35.86
N LYS D 340 -18.61 4.01 40.42
N LYS D 340 -11.57 6.41 37.91
CA LYS D 340 -20.00 4.20 40.86
CA LYS D 340 -12.94 6.87 38.14
C LYS D 340 -20.26 5.66 41.25
C LYS D 340 -13.01 8.39 38.38
N TYR D 341 -19.19 6.37 41.65
N TYR D 341 -11.97 8.95 39.00
CA TYR D 341 -19.33 7.77 42.05
CA TYR D 341 -11.93 10.40 39.26
C TYR D 341 -19.57 8.69 40.84
C TYR D 341 -11.92 11.17 37.96
N LEU D 342 -19.13 8.27 39.67
N LEU D 342 -11.35 10.55 36.92
CA LEU D 342 -19.36 9.05 38.44
CA LEU D 342 -11.30 11.15 35.58
C LEU D 342 -20.80 8.88 38.02
C LEU D 342 -12.70 11.16 34.98
N LYS D 343 -21.35 7.72 38.35
N LYS D 343 -13.41 10.04 35.11
CA LYS D 343 -22.72 7.36 38.01
CA LYS D 343 -14.77 9.91 34.59
C LYS D 343 -23.72 8.07 38.92
C LYS D 343 -15.69 10.93 35.25
N ASN D 344 -23.51 7.95 40.23
N ASN D 344 -15.63 11.01 36.58
CA ASN D 344 -24.38 8.60 41.19
CA ASN D 344 -16.45 11.94 37.35
C ASN D 344 -24.45 10.11 40.92
C ASN D 344 -16.16 13.39 36.95
N LEU D 345 -23.32 10.69 40.50
N LEU D 345 -14.88 13.71 36.81
CA LEU D 345 -23.24 12.13 40.23
CA LEU D 345 -14.47 15.06 36.47
C LEU D 345 -24.08 12.55 39.03
C LEU D 345 -15.12 15.56 35.19
N MSE D 346 -23.85 11.90 37.89
N MSE D 346 -15.00 14.78 34.13
CA MSE D 346 -24.52 12.27 36.65
CA MSE D 346 -15.50 15.20 32.81
C MSE D 346 -26.02 12.04 36.71
C MSE D 346 -17.03 15.26 32.76
O MSE D 346 -26.79 12.77 36.08
O MSE D 346 -17.60 16.20 32.19
CB MSE D 346 -23.91 11.52 35.48
CB MSE D 346 -14.96 14.26 31.73
CG MSE D 346 -22.40 11.67 35.38
CG MSE D 346 -13.44 14.01 31.81
SE MSE D 346 -21.80 13.53 35.50
SE MSE D 346 -12.38 15.67 31.84
CE MSE D 346 -22.91 14.29 34.07
CE MSE D 346 -12.79 16.35 30.04
N LEU D 347 -26.44 11.04 37.47
N LEU D 347 -17.69 14.29 33.36
CA LEU D 347 -27.88 10.74 37.62
CA LEU D 347 -19.16 14.24 33.36
C LEU D 347 -28.54 11.65 38.65
C LEU D 347 -19.78 15.30 34.29
N THR D 348 -27.79 12.60 39.18
N THR D 348 -18.98 16.27 34.72
CA THR D 348 -28.33 13.49 40.21
CA THR D 348 -19.45 17.33 35.61
C THR D 348 -28.86 14.81 39.64
C THR D 348 -19.65 18.66 34.87
N PHE D 349 -28.50 15.13 38.40
N PHE D 349 -19.04 18.79 33.69
CA PHE D 349 -28.91 16.41 37.79
CA PHE D 349 -19.13 20.03 32.89
C PHE D 349 -29.56 16.18 36.42
C PHE D 349 -19.67 19.77 31.49
N PRO D 350 -30.34 17.17 35.94
N PRO D 350 -20.21 20.82 30.84
CA PRO D 350 -30.94 17.06 34.62
CA PRO D 350 -20.69 20.68 29.47
C PRO D 350 -30.01 16.33 33.68
C PRO D 350 -19.80 19.70 28.72
N PHE D 351 -30.53 15.31 33.00
N PHE D 351 -20.41 18.73 28.06
CA PHE D 351 -29.70 14.42 32.23
CA PHE D 351 -19.66 17.64 27.47
C PHE D 351 -29.58 14.75 30.73
C PHE D 351 -19.26 17.82 25.98
N PHE D 352 -30.68 15.15 30.10
N PHE D 352 -20.23 18.14 25.13
CA PHE D 352 -30.69 15.31 28.64
CA PHE D 352 -19.99 18.14 23.68
C PHE D 352 -30.28 16.68 28.10
C PHE D 352 -19.28 19.37 23.09
N GLU D 353 -30.50 17.74 28.87
N GLU D 353 -19.36 20.52 23.76
CA GLU D 353 -30.15 19.09 28.40
CA GLU D 353 -18.68 21.72 23.24
C GLU D 353 -28.73 19.48 28.80
C GLU D 353 -17.29 21.89 23.86
N ARG D 354 -27.94 18.49 29.25
N ARG D 354 -16.77 20.82 24.48
CA ARG D 354 -26.57 18.75 29.64
CA ARG D 354 -15.41 20.87 25.03
C ARG D 354 -25.67 18.89 28.41
C ARG D 354 -14.40 20.76 23.92
N VAL D 355 -24.76 19.86 28.46
N VAL D 355 -13.39 21.62 23.94
CA VAL D 355 -23.84 20.10 27.35
CA VAL D 355 -12.35 21.60 22.90
C VAL D 355 -22.46 20.48 27.88
C VAL D 355 -10.97 21.71 23.50
N PRO D 356 -21.41 20.18 27.09
N PRO D 356 -9.98 21.10 22.83
CA PRO D 356 -20.05 20.59 27.44
CA PRO D 356 -8.60 21.25 23.28
C PRO D 356 -19.86 22.07 27.11
C PRO D 356 -8.15 22.65 22.95
N ASP D 357 -19.44 22.86 28.09
N ASP D 357 -7.35 23.25 23.83
CA ASP D 357 -19.30 24.31 27.89
CA ASP D 357 -6.94 24.62 23.60
C ASP D 357 -18.09 24.86 28.62
C ASP D 357 -5.72 25.01 24.42
N GLN D 358 -16.93 24.82 27.97
N GLN D 358 -4.54 24.89 23.82
CA GLN D 358 -15.70 25.33 28.58
CA GLN D 358 -3.30 25.24 24.50
C GLN D 358 -15.79 26.84 28.88
C GLN D 358 -3.19 26.74 24.74
N SER D 359 -16.78 27.51 28.29
N SER D 359 -3.91 27.52 23.92
CA SER D 359 -16.96 28.94 28.53
CA SER D 359 -3.90 28.97 24.05
C SER D 359 -17.29 29.17 30.01
C SER D 359 -4.36 29.37 25.45
N VAL D 360 -17.66 28.08 30.69
N VAL D 360 -4.99 28.43 26.14
CA VAL D 360 -17.97 28.14 32.12
CA VAL D 360 -5.46 28.66 27.50
C VAL D 360 -16.70 28.44 32.89
C VAL D 360 -4.28 28.89 28.42
N ILE D 361 -15.58 27.93 32.40
N ILE D 361 -3.13 28.35 28.04
CA ILE D 361 -14.31 28.17 33.02
CA ILE D 361 -1.91 28.52 28.80
C ILE D 361 -13.72 29.49 32.51
C ILE D 361 -1.13 29.71 28.28
N ALA D 362 -13.79 30.53 33.35
N ALA D 362 -0.96 30.72 29.12
CA ALA D 362 -13.27 31.84 32.99
CA ALA D 362 -0.25 31.92 28.74
C ALA D 362 -11.76 31.90 33.15
C ALA D 362 1.22 31.76 29.01
N GLY D 363 -11.19 33.06 32.85
N GLY D 363 1.99 32.80 28.70
CA GLY D 363 -9.73 33.26 32.98
CA GLY D 363 3.44 32.78 28.91
C GLY D 363 -8.93 32.37 32.07
C GLY D 363 4.12 31.64 28.18
N GLN D 364 -7.70 32.09 32.46
N GLN D 364 5.11 31.05 28.83
CA GLN D 364 -6.82 31.24 31.68
CA GLN D 364 5.86 29.94 28.23
C GLN D 364 -6.77 29.85 32.30
C GLN D 364 5.53 28.62 28.94
N ASN D 365 -7.27 28.87 31.57
N ASN D 365 5.00 27.66 28.19
CA ASN D 365 -7.31 27.51 32.04
CA ASN D 365 4.66 26.36 28.74
C ASN D 365 -5.94 26.84 31.92
C ASN D 365 5.95 25.54 28.91
N GLY D 366 -5.66 25.87 32.79
N GLY D 366 5.85 24.43 29.65
CA GLY D 366 -4.39 25.16 32.78
CA GLY D 366 7.03 23.58 29.91
C GLY D 366 -4.26 24.19 31.62
C GLY D 366 7.21 22.43 28.91
N GLU D 367 -3.08 23.61 31.45
N GLU D 367 8.35 21.74 29.01
CA GLU D 367 -2.84 22.65 30.37
CA GLU D 367 8.66 20.60 28.12
C GLU D 367 -2.62 21.22 30.90
C GLU D 367 8.43 19.26 28.83
N ARG D 368 -2.82 20.25 30.01
N ARG D 368 8.13 18.23 28.04
CA ARG D 368 -2.72 18.83 30.37
CA ARG D 368 7.87 16.88 28.54
C ARG D 368 -3.55 18.52 31.62
C ARG D 368 6.84 16.87 29.67
N TYR D 369 -2.90 18.06 32.69
N TYR D 369 7.25 16.44 30.86
CA TYR D 369 -3.63 17.70 33.92
CA TYR D 369 6.33 16.37 31.99
C TYR D 369 -4.31 18.92 34.59
C TYR D 369 5.87 17.77 32.45
N ASP D 370 -3.77 20.12 34.35
N ASP D 370 6.62 18.80 32.04
CA ASP D 370 -4.30 21.34 34.95
CA ASP D 370 6.29 20.19 32.41
C ASP D 370 -5.54 21.89 34.20
C ASP D 370 5.29 20.83 31.46
N ARG D 371 -5.87 21.28 33.08
N ARG D 371 4.84 20.06 30.48
CA ARG D 371 -7.02 21.73 32.27
CA ARG D 371 3.89 20.59 29.52
C ARG D 371 -8.35 21.36 32.92
C ARG D 371 2.48 20.49 30.04
N ALA D 372 -8.99 22.33 33.54
N ALA D 372 1.96 21.60 30.52
CA ALA D 372 -10.30 22.14 34.15
CA ALA D 372 0.61 21.66 30.97
C ALA D 372 -11.32 21.87 33.06
C ALA D 372 -0.26 21.50 29.73
N ILE D 373 -12.22 20.94 33.30
N ILE D 373 -1.48 21.00 29.92
CA ILE D 373 -13.23 20.58 32.31
CA ILE D 373 -2.38 20.79 28.80
C ILE D 373 -14.63 20.73 32.92
C ILE D 373 -3.78 21.32 29.16
N ALA D 374 -15.49 21.47 32.23
N ALA D 374 -4.34 22.13 28.27
CA ALA D 374 -16.81 21.77 32.76
CA ALA D 374 -5.62 22.76 28.56
C ALA D 374 -17.96 21.35 31.84
C ALA D 374 -6.70 22.39 27.56
N THR D 375 -19.06 20.92 32.46
N THR D 375 -7.88 22.11 28.11
CA THR D 375 -20.28 20.57 31.74
CA THR D 375 -9.06 21.86 27.32
C THR D 375 -21.43 21.22 32.48
C THR D 375 -10.14 22.78 27.87
N ARG D 376 -22.54 21.46 31.79
N ARG D 376 -11.10 23.16 27.03
CA ARG D 376 -23.68 22.13 32.40
CA ARG D 376 -12.13 24.07 27.48
C ARG D 376 -25.00 21.76 31.78
C ARG D 376 -13.44 23.94 26.73
N GLY D 377 -26.06 22.10 32.50
N GLY D 377 -14.43 24.72 27.19
CA GLY D 377 -27.40 21.98 32.00
CA GLY D 377 -15.71 24.79 26.54
C GLY D 377 -27.96 23.40 31.93
C GLY D 377 -16.04 26.26 26.28
N ASN D 378 -29.19 23.58 32.38
N ASN D 378 -17.26 26.65 26.59
CA ASN D 378 -29.81 24.89 32.39
CA ASN D 378 -17.69 28.02 26.41
C ASN D 378 -29.65 25.60 33.73
C ASN D 378 -17.65 28.80 27.72
N ASP D 379 -29.82 24.85 34.81
N ASP D 379 -18.08 28.15 28.80
CA ASP D 379 -29.76 25.42 36.15
CA ASP D 379 -18.14 28.79 30.11
C ASP D 379 -28.65 24.80 37.00
C ASP D 379 -17.32 28.03 31.18
N TYR D 380 -27.68 24.17 36.34
N TYR D 380 -16.34 27.26 30.73
CA TYR D 380 -26.57 23.55 37.06
CA TYR D 380 -15.46 26.54 31.66
C TYR D 380 -25.36 23.46 36.17
C TYR D 380 -14.17 26.14 30.97
N LEU D 381 -24.20 23.30 36.79
N LEU D 381 -13.12 25.96 31.77
CA LEU D 381 -22.95 23.16 36.06
CA LEU D 381 -11.84 25.52 31.23
C LEU D 381 -21.91 22.46 36.95
C LEU D 381 -11.09 24.69 32.27
N MSE D 382 -20.99 21.74 36.31
N MSE D 382 -10.20 23.82 31.79
CA MSE D 382 -19.99 20.99 37.04
CA MSE D 382 -9.42 22.95 32.66
C MSE D 382 -18.61 21.22 36.46
C MSE D 382 -7.97 22.93 32.23
O MSE D 382 -18.44 21.18 35.25
O MSE D 382 -7.66 23.00 31.04
CB MSE D 382 -20.31 19.51 36.99
CB MSE D 382 -9.97 21.52 32.65
CG MSE D 382 -21.64 19.13 37.56
CG MSE D 382 -11.37 21.36 33.24
SE MSE D 382 -21.97 17.23 37.30
SE MSE D 382 -11.97 19.48 33.17
CE MSE D 382 -23.65 17.06 38.29
CE MSE D 382 -13.65 19.66 34.13
N VAL D 383 -17.62 21.39 37.32
N VAL D 383 -7.05 22.83 33.19
CA VAL D 383 -16.26 21.59 36.87
CA VAL D 383 -5.63 22.75 32.91
C VAL D 383 -15.34 20.59 37.53
C VAL D 383 -4.99 21.68 33.79
N TYR D 384 -14.68 19.79 36.70
N TYR D 384 -4.36 20.70 33.16
CA TYR D 384 -13.75 18.79 37.18
CA TYR D 384 -3.72 19.61 33.88
C TYR D 384 -12.34 19.36 37.18
C TYR D 384 -2.24 19.84 34.05
N ASN D 385 -11.75 19.41 38.37
N ASN D 385 -1.80 19.85 35.29
CA ASN D 385 -10.39 19.90 38.54
CA ASN D 385 -0.41 20.05 35.60
C ASN D 385 -9.54 18.77 39.08
C ASN D 385 0.11 18.85 36.36
N TYR D 386 -8.66 18.23 38.25
N TYR D 386 1.08 18.16 35.79
CA TYR D 386 -7.87 17.07 38.60
CA TYR D 386 1.61 16.94 36.38
C TYR D 386 -6.65 17.35 39.52
C TYR D 386 2.80 17.22 37.29
N THR D 387 -6.03 18.52 39.36
N THR D 387 3.63 18.19 36.90
CA THR D 387 -4.83 18.86 40.12
CA THR D 387 4.83 18.52 37.67
C THR D 387 -5.14 19.76 41.32
C THR D 387 4.54 19.56 38.73
N GLY D 388 -6.21 20.52 41.22
N GLY D 388 3.62 20.47 38.43
CA GLY D 388 -6.60 21.44 42.28
CA GLY D 388 3.28 21.54 39.37
C GLY D 388 -6.12 22.85 42.01
C GLY D 388 4.00 22.82 39.02
N ARG D 389 -5.54 23.05 40.81
N ARG D 389 4.82 22.77 37.98
CA ARG D 389 -5.07 24.37 40.39
CA ARG D 389 5.55 23.95 37.51
C ARG D 389 -6.22 25.37 40.45
C ARG D 389 4.61 25.14 37.41
N PRO D 390 -5.98 26.54 41.07
N PRO D 390 4.99 26.29 38.04
CA PRO D 390 -7.00 27.58 41.16
CA PRO D 390 4.13 27.47 37.95
C PRO D 390 -7.76 27.76 39.85
C PRO D 390 3.64 27.71 36.53
N MSE D 391 -9.06 27.97 39.93
N MSE D 391 2.38 28.06 36.38
CA MSE D 391 -9.88 28.15 38.74
CA MSE D 391 1.79 28.27 35.05
C MSE D 391 -10.98 29.18 38.99
C MSE D 391 0.92 29.51 35.00
O MSE D 391 -11.39 29.40 40.12
O MSE D 391 0.34 29.93 36.01
CB MSE D 391 -10.50 26.81 38.31
CB MSE D 391 0.96 27.04 34.64
CG MSE D 391 -11.37 26.19 39.38
CG MSE D 391 -0.24 26.80 35.53
SE MSE D 391 -12.25 24.57 38.77
SE MSE D 391 -1.25 25.20 35.04
CE MSE D 391 -13.18 24.10 40.42
CE MSE D 391 -2.57 25.27 36.45
N GLU D 392 -11.43 29.80 37.90
N GLU D 392 0.82 30.10 33.80
CA GLU D 392 -12.49 30.80 37.99
CA GLU D 392 -0.02 31.28 33.59
C GLU D 392 -13.70 30.32 37.20
C GLU D 392 -1.23 30.89 32.75
N VAL D 393 -14.85 30.21 37.88
N VAL D 393 -2.42 31.29 33.19
CA VAL D 393 -16.08 29.72 37.26
CA VAL D 393 -3.66 30.91 32.51
C VAL D 393 -17.06 30.86 37.00
C VAL D 393 -4.49 32.12 32.08
N ASP D 394 -17.73 30.80 35.84
N ASP D 394 -4.93 32.11 30.81
CA ASP D 394 -18.69 31.83 35.45
CA ASP D 394 -5.74 33.21 30.28
C ASP D 394 -20.14 31.36 35.69
C ASP D 394 -7.23 32.92 30.43
N PHE D 395 -20.67 31.68 36.86
N PHE D 395 -7.79 33.40 31.52
CA PHE D 395 -22.01 31.26 37.27
CA PHE D 395 -9.20 33.19 31.84
C PHE D 395 -23.14 31.86 36.40
C PHE D 395 -10.14 33.86 30.79
N SER D 396 -22.78 32.80 35.51
N SER D 396 -9.56 34.66 29.89
CA SER D 396 -23.79 33.47 34.66
CA SER D 396 -10.35 35.36 28.88
C SER D 396 -24.22 32.59 33.47
C SER D 396 -10.71 34.43 27.71
N LYS D 397 -23.63 31.40 33.36
N LYS D 397 -10.45 33.14 27.88
CA LYS D 397 -23.95 30.47 32.26
CA LYS D 397 -10.77 32.16 26.85
C LYS D 397 -25.15 29.59 32.62
C LYS D 397 -12.20 31.65 26.99
N ILE D 398 -25.62 29.71 33.86
N ILE D 398 -12.86 32.02 28.08
CA ILE D 398 -26.78 28.96 34.31
CA ILE D 398 -14.24 31.62 28.32
C ILE D 398 -27.71 29.91 35.06
C ILE D 398 -15.07 32.80 28.86
N SER D 399 -29.01 29.66 34.95
N SER D 399 -16.39 32.71 28.71
CA SER D 399 -30.00 30.53 35.58
CA SER D 399 -17.28 33.79 29.13
C SER D 399 -29.75 30.65 37.08
C SER D 399 -17.20 34.06 30.64
N GLY D 400 -30.51 31.53 37.72
N GLY D 400 -17.62 35.26 31.05
CA GLY D 400 -30.41 31.71 39.16
CA GLY D 400 -17.65 35.63 32.46
C GLY D 400 -29.58 32.91 39.57
C GLY D 400 -16.74 36.80 32.82
N ALA D 401 -30.26 33.96 40.02
N ALA D 401 -17.28 37.74 33.59
CA ALA D 401 -29.57 35.17 40.49
CA ALA D 401 -16.50 38.89 34.08
C ALA D 401 -28.64 34.81 41.63
C ALA D 401 -15.62 38.41 35.23
N LYS D 402 -28.97 33.71 42.31
N LYS D 402 -16.14 37.47 35.99
CA LYS D 402 -28.14 33.20 43.39
CA LYS D 402 -15.39 36.85 37.07
C LYS D 402 -27.94 31.71 43.19
C LYS D 402 -15.52 35.34 36.97
N LYS D 403 -26.72 31.24 43.41
N LYS D 403 -14.49 34.62 37.38
CA LYS D 403 -26.39 29.83 43.21
CA LYS D 403 -14.50 33.18 37.35
C LYS D 403 -25.68 29.24 44.41
C LYS D 403 -14.04 32.59 38.68
N ASN D 404 -25.97 27.96 44.70
N ASN D 404 -14.60 31.43 39.01
CA ASN D 404 -25.28 27.24 45.77
CA ASN D 404 -14.22 30.72 40.23
C ASN D 404 -24.01 26.59 45.23
C ASN D 404 -13.18 29.65 39.90
N ALA D 405 -23.14 26.13 46.12
N ALA D 405 -12.26 29.41 40.82
CA ALA D 405 -21.88 25.55 45.70
CA ALA D 405 -11.19 28.44 40.59
C ALA D 405 -21.42 24.42 46.62
C ALA D 405 -11.12 27.38 41.71
N TRP D 406 -21.04 23.28 46.02
N TRP D 406 -10.85 26.13 41.32
CA TRP D 406 -20.59 22.11 46.78
CA TRP D 406 -10.74 25.02 42.25
C TRP D 406 -19.26 21.57 46.24
C TRP D 406 -9.50 24.19 41.96
N TRP D 407 -18.48 20.96 47.14
N TRP D 407 -8.96 23.55 42.98
CA TRP D 407 -17.27 20.23 46.74
CA TRP D 407 -7.87 22.60 42.80
C TRP D 407 -17.61 18.74 46.72
C TRP D 407 -8.44 21.20 42.86
N TYR D 408 -17.10 18.03 45.71
N TYR D 408 -8.18 20.42 41.83
CA TYR D 408 -17.41 16.61 45.54
CA TYR D 408 -8.67 19.06 41.78
C TYR D 408 -16.14 15.80 45.23
C TYR D 408 -7.52 18.08 41.63
N THR D 409 -15.72 14.95 46.19
N THR D 409 -7.20 17.38 42.72
CA THR D 409 -14.53 14.10 45.99
CA THR D 409 -6.14 16.40 42.70
C THR D 409 -14.93 12.83 45.26
C THR D 409 -6.67 15.05 42.16
N THR D 410 -14.28 12.59 44.12
N THR D 410 -5.99 14.54 41.14
CA THR D 410 -14.64 11.49 43.26
CA THR D 410 -6.44 13.35 40.41
C THR D 410 -14.09 10.12 43.71
C THR D 410 -6.33 12.01 41.16
N LYS D 411 -13.30 10.09 44.78
N LYS D 411 -5.46 11.92 42.16
CA LYS D 411 -12.74 8.80 45.25
CA LYS D 411 -5.25 10.66 42.88
C LYS D 411 -13.56 8.20 46.37
C LYS D 411 -6.34 10.36 43.93
N ASP D 412 -14.56 8.93 46.84
N ASP D 412 -7.04 11.41 44.40
CA ASP D 412 -15.40 8.46 47.94
CA ASP D 412 -8.09 11.23 45.43
C ASP D 412 -16.83 8.98 47.82
C ASP D 412 -9.43 11.90 45.07
N GLY D 413 -17.10 9.72 46.76
N GLY D 413 -9.44 12.66 43.99
CA GLY D 413 -18.44 10.25 46.52
CA GLY D 413 -10.67 13.32 43.54
C GLY D 413 -18.95 11.16 47.65
C GLY D 413 -11.19 14.38 44.49
N LYS D 414 -18.03 11.68 48.47
N LYS D 414 -10.32 14.87 45.38
CA LYS D 414 -18.41 12.59 49.56
CA LYS D 414 -10.71 15.92 46.32
C LYS D 414 -18.72 13.98 49.03
C LYS D 414 -10.70 17.28 45.65
N LEU D 415 -19.78 14.59 49.55
N LEU D 415 -11.69 18.10 45.97
CA LEU D 415 -20.20 15.91 49.12
CA LEU D 415 -11.84 19.41 45.37
C LEU D 415 -20.08 16.93 50.25
C LEU D 415 -11.52 20.52 46.38
N GLU D 416 -19.29 17.99 50.01
N GLU D 416 -10.64 21.44 45.98
CA GLU D 416 -19.12 19.06 50.98
CA GLU D 416 -10.24 22.55 46.85
C GLU D 416 -19.74 20.36 50.47
C GLU D 416 -10.57 23.91 46.20
N TYR D 417 -20.55 21.00 51.29
N TYR D 417 -11.34 24.73 46.89
CA TYR D 417 -21.20 22.25 50.92
CA TYR D 417 -11.72 26.05 46.37
C TYR D 417 -20.27 23.44 51.14
C TYR D 417 -10.63 27.07 46.63
N ILE D 418 -20.44 24.48 50.31
N ILE D 418 -10.25 27.80 45.59
CA ILE D 418 -19.60 25.69 50.42
CA ILE D 418 -9.22 28.82 45.69
C ILE D 418 -20.44 26.89 50.82
C ILE D 418 -9.86 30.18 45.94
N GLY D 419 -21.43 27.23 49.99
N GLY D 419 -10.84 30.53 45.11
CA GLY D 419 -22.32 28.36 50.27
CA GLY D 419 -11.54 31.82 45.25
C GLY D 419 -22.96 28.90 49.01
C GLY D 419 -12.02 32.33 43.90
N GLU D 420 -23.70 29.99 49.15
N GLU D 420 -12.36 33.62 43.85
CA GLU D 420 -24.36 30.62 48.01
CA GLU D 420 -12.85 34.23 42.62
C GLU D 420 -23.50 31.76 47.44
C GLU D 420 -11.77 35.11 41.97
N PHE D 421 -23.82 32.19 46.21
N PHE D 421 -11.89 35.32 40.66
CA PHE D 421 -23.04 33.23 45.56
CA PHE D 421 -10.88 36.09 39.91
C PHE D 421 -23.89 34.02 44.55
C PHE D 421 -11.48 36.92 38.78
N ASP D 422 -23.36 35.17 44.13
N ASP D 422 -10.64 37.76 38.16
CA ASP D 422 -24.03 36.01 43.15
CA ASP D 422 -11.05 38.61 37.04
C ASP D 422 -23.79 35.45 41.76
C ASP D 422 -11.24 37.76 35.79
N ASN D 423 -24.61 35.89 40.80
N ASN D 423 -10.95 38.36 34.63
CA ASN D 423 -24.49 35.41 39.42
CA ASN D 423 -11.12 37.65 33.36
C ASN D 423 -23.27 35.97 38.73
C ASN D 423 -9.85 37.60 32.52
N GLY D 424 -22.14 35.98 39.43
N GLY D 424 -8.76 38.15 33.06
CA GLY D 424 -20.90 36.49 38.88
CA GLY D 424 -7.48 38.16 32.35
C GLY D 424 -19.83 35.43 38.82
C GLY D 424 -6.59 36.97 32.70
N VAL D 425 -18.61 35.83 38.47
N VAL D 425 -5.29 37.12 32.49
CA VAL D 425 -17.49 34.90 38.39
CA VAL D 425 -4.33 36.05 32.77
C VAL D 425 -16.81 34.78 39.75
C VAL D 425 -3.94 36.04 34.25
N HIS D 426 -16.50 33.55 40.15
N HIS D 426 -3.71 34.85 34.79
CA HIS D 426 -15.85 33.29 41.43
CA HIS D 426 -3.33 34.71 36.19
C HIS D 426 -14.73 32.27 41.24
C HIS D 426 -2.31 33.59 36.37
N LYS D 427 -13.63 32.47 41.97
N LYS D 427 -1.44 33.74 37.35
CA LYS D 427 -12.48 31.54 41.90
CA LYS D 427 -0.42 32.74 37.64
C LYS D 427 -12.53 30.54 43.05
C LYS D 427 -0.89 31.81 38.74
N PHE D 428 -12.03 29.33 42.80
N PHE D 428 -0.64 30.53 38.58
CA PHE D 428 -12.05 28.27 43.80
CA PHE D 428 -1.03 29.55 39.56
C PHE D 428 -10.70 27.55 43.93
C PHE D 428 0.10 28.61 39.90
N GLN D 429 -10.50 26.93 45.09
N GLN D 429 0.10 28.14 41.14
CA GLN D 429 -9.28 26.20 45.37
CA GLN D 429 1.13 27.23 41.61
C GLN D 429 -9.56 25.22 46.51
C GLN D 429 0.56 26.44 42.78
N HIS D 430 -9.73 23.94 46.15
N HIS D 430 0.34 25.15 42.56
CA HIS D 430 -10.05 22.90 47.15
CA HIS D 430 -0.28 24.28 43.57
C HIS D 430 -8.93 22.71 48.16
C HIS D 430 0.67 24.01 44.74
N ASP D 431 -9.30 22.51 49.42
N ASP D 431 0.11 23.97 45.95
CA ASP D 431 -8.33 22.31 50.49
CA ASP D 431 0.90 23.69 47.15
C ASP D 431 -7.71 20.91 50.41
C ASP D 431 1.17 22.18 47.25
N SER D 432 -6.81 20.71 49.46
N SER D 432 2.24 21.74 46.61
CA SER D 432 -6.15 19.42 49.27
CA SER D 432 2.64 20.34 46.62
C SER D 432 -4.83 19.60 48.54
C SER D 432 4.03 20.19 46.02
N GLY D 433 -3.99 18.58 48.57
N GLY D 433 4.71 19.11 46.36
CA GLY D 433 -2.68 18.63 47.92
CA GLY D 433 6.05 18.86 45.86
C GLY D 433 -2.76 18.88 46.43
C GLY D 433 6.11 18.90 44.34
N TYR D 434 -1.89 19.75 45.92
N TYR D 434 7.12 19.59 43.81
CA TYR D 434 -1.87 20.04 44.50
CA TYR D 434 7.30 19.68 42.38
C TYR D 434 -1.25 18.89 43.73
C TYR D 434 7.76 18.35 41.80
N SER D 435 -1.93 18.46 42.67
N SER D 435 7.09 17.91 40.73
CA SER D 435 -1.44 17.35 41.85
CA SER D 435 7.41 16.64 40.09
C SER D 435 -1.17 16.13 42.74
C SER D 435 7.41 15.51 41.12
N SER D 436 -2.00 15.96 43.76
N SER D 436 6.28 15.35 41.81
CA SER D 436 -1.86 14.85 44.69
CA SER D 436 6.17 14.37 42.89
C SER D 436 -2.76 13.71 44.31
C SER D 436 4.99 13.40 42.70
N GLY D 437 -3.37 13.80 43.13
N GLY D 437 4.48 13.30 41.49
CA GLY D 437 -4.29 12.79 42.68
CA GLY D 437 3.36 12.41 41.24
C GLY D 437 -5.56 12.80 43.51
C GLY D 437 2.09 12.94 41.90
N ASN D 438 -5.92 13.98 44.00
N ASN D 438 2.10 14.22 42.22
CA ASN D 438 -7.14 14.15 44.79
CA ASN D 438 0.94 14.89 42.78
C ASN D 438 -8.15 14.99 44.00
C ASN D 438 0.20 15.68 41.70
N ASP D 439 -8.53 14.48 42.83
N ASP D 439 -0.06 15.02 40.57
CA ASP D 439 -9.44 15.19 41.94
CA ASP D 439 -0.74 15.66 39.44
C ASP D 439 -10.80 15.48 42.58
C ASP D 439 -2.08 16.26 39.85
N HIS D 440 -11.43 16.57 42.15
N HIS D 440 -2.36 17.45 39.30
CA HIS D 440 -12.71 16.97 42.70
CA HIS D 440 -3.56 18.19 39.63
C HIS D 440 -13.59 17.61 41.64
C HIS D 440 -4.14 18.91 38.42
N VAL D 441 -14.87 17.69 41.94
N VAL D 441 -5.43 19.24 38.49
CA VAL D 441 -15.83 18.29 41.07
CA VAL D 441 -6.10 19.97 37.43
C VAL D 441 -16.56 19.39 41.81
C VAL D 441 -6.70 21.27 37.93
N LEU D 442 -16.59 20.58 41.22
N LEU D 442 -6.45 22.35 37.20
CA LEU D 442 -17.30 21.69 41.82
CA LEU D 442 -7.00 23.64 37.52
C LEU D 442 -18.72 21.69 41.31
C LEU D 442 -8.37 23.76 36.93
N ILE D 443 -19.67 21.44 42.19
N ILE D 443 -9.38 23.96 37.78
CA ILE D 443 -21.08 21.42 41.81
CA ILE D 443 -10.75 24.12 37.30
C ILE D 443 -21.76 22.72 42.20
C ILE D 443 -11.21 25.57 37.43
N VAL D 444 -22.34 23.40 41.21
N VAL D 444 -11.39 26.23 36.29
CA VAL D 444 -23.06 24.65 41.46
CA VAL D 444 -11.85 27.62 36.26
C VAL D 444 -24.44 24.58 40.83
C VAL D 444 -13.23 27.66 35.58
N VAL D 445 -25.45 24.92 41.62
N VAL D 445 -14.21 28.23 36.26
CA VAL D 445 -26.81 24.83 41.16
CA VAL D 445 -15.57 28.28 35.71
C VAL D 445 -27.61 26.06 41.53
C VAL D 445 -16.20 29.68 35.81
N ASP D 446 -28.51 26.47 40.63
N ASP D 446 -17.06 29.99 34.85
CA ASP D 446 -29.39 27.57 40.90
CA ASP D 446 -17.79 31.26 34.83
C ASP D 446 -29.97 27.38 42.30
C ASP D 446 -18.55 31.41 36.14
N SER D 447 -29.90 28.41 43.12
N SER D 447 -18.31 32.51 36.84
CA SER D 447 -30.37 28.34 44.52
CA SER D 447 -18.93 32.76 38.15
C SER D 447 -31.84 27.96 44.63
C SER D 447 -20.45 32.61 38.15
N SER D 448 -32.58 28.05 43.52
N SER D 448 -21.06 32.92 37.02
CA SER D 448 -34.00 27.71 43.51
CA SER D 448 -22.53 32.84 36.89
C SER D 448 -34.23 26.21 43.30
C SER D 448 -23.01 31.39 36.77
N LYS D 449 -33.18 25.51 42.89
N LYS D 449 -22.08 30.47 36.51
CA LYS D 449 -33.28 24.07 42.65
CA LYS D 449 -22.43 29.05 36.39
C LYS D 449 -32.67 23.34 43.84
C LYS D 449 -22.24 28.32 37.71
N ASP D 450 -33.15 22.13 44.12
N ASP D 450 -22.96 27.22 37.88
CA ASP D 450 -32.62 21.35 45.23
CA ASP D 450 -22.90 26.45 39.13
C ASP D 450 -32.26 19.94 44.81
C ASP D 450 -22.49 24.99 38.89
N TYR D 451 -31.35 19.82 43.85
N TYR D 451 -21.59 24.77 37.95
CA TYR D 451 -30.88 18.52 43.41
CA TYR D 451 -21.12 23.42 37.65
C TYR D 451 -29.92 17.94 44.45
C TYR D 451 -20.44 22.80 38.87
N VAL D 452 -29.36 18.83 45.26
N VAL D 452 -19.72 23.63 39.63
CA VAL D 452 -28.43 18.43 46.31
CA VAL D 452 -19.04 23.18 40.84
C VAL D 452 -28.70 19.23 47.58
C VAL D 452 -19.28 24.17 41.98
N LYS D 453 -28.73 18.55 48.72
N LYS D 453 -19.62 23.65 43.15
CA LYS D 453 -29.02 19.20 50.00
CA LYS D 453 -19.91 24.50 44.32
C LYS D 453 -27.80 19.91 50.57
C LYS D 453 -18.65 24.97 45.04
N LYS D 454 -27.99 21.14 51.01
N LYS D 454 -18.67 26.21 45.51
CA LYS D 454 -26.90 21.91 51.62
CA LYS D 454 -17.56 26.79 46.25
C LYS D 454 -26.36 21.16 52.82
C LYS D 454 -17.36 26.02 47.54
N ASP D 455 -27.26 20.49 53.54
N ASP D 455 -18.39 25.29 47.95
CA ASP D 455 -26.88 19.72 54.71
CA ASP D 455 -18.36 24.53 49.19
C ASP D 455 -26.68 18.25 54.32
C ASP D 455 -18.16 23.04 48.92
N CYS D 456 -25.98 18.05 53.21
N CYS D 456 -18.11 22.66 47.64
CA CYS D 456 -25.74 16.71 52.70
CA CYS D 456 -17.91 21.27 47.28
C CYS D 456 -24.24 16.50 52.44
C CYS D 456 -16.52 20.83 47.71
N TYR D 457 -23.71 15.37 52.90
N TYR D 457 -16.46 19.83 48.59
CA TYR D 457 -22.28 15.09 52.73
CA TYR D 457 -15.19 19.34 49.13
C TYR D 457 -22.02 13.84 51.86
C TYR D 457 -14.75 18.03 48.50
N GLN D 458 -22.65 13.80 50.68
N GLN D 458 -15.14 17.80 47.24
CA GLN D 458 -22.43 12.68 49.75
CA GLN D 458 -14.78 16.55 46.56
C GLN D 458 -23.64 12.40 48.86
C GLN D 458 -15.86 16.10 45.54
N ILE D 459 -23.38 11.95 47.65
N ILE D 459 -15.47 16.03 44.27
CA ILE D 459 -24.44 11.57 46.72
CA ILE D 459 -16.38 15.58 43.20
C ILE D 459 -24.72 10.08 46.87
C ILE D 459 -16.82 14.14 43.46
N ASP D 460 -25.95 9.75 47.26
N ASP D 460 -18.14 13.95 43.59
CA ASP D 460 -26.32 8.34 47.44
CA ASP D 460 -18.70 12.63 43.92
C ASP D 460 -26.30 7.62 46.10
C ASP D 460 -18.87 11.74 42.69
N THR D 461 -26.04 6.31 46.14
N THR D 461 -19.27 10.49 42.94
CA THR D 461 -25.98 5.50 44.94
CA THR D 461 -19.46 9.51 41.87
C THR D 461 -27.10 5.89 43.96
C THR D 461 -20.78 9.73 41.13
N HIS D 462 -26.75 5.98 42.68
N HIS D 462 -20.72 9.60 39.81
CA HIS D 462 -27.71 6.32 41.64
CA HIS D 462 -21.90 9.76 38.96
C HIS D 462 -27.85 5.14 40.68
C HIS D 462 -22.01 8.59 37.98
N GLU D 463 -28.86 4.31 40.90
N GLU D 463 -23.18 7.97 37.94
CA GLU D 463 -29.09 3.12 40.07
CA GLU D 463 -23.43 6.83 37.06
C GLU D 463 -29.28 3.53 38.61
C GLU D 463 -22.81 7.07 35.68
S SO4 E . 45.76 1.69 -29.30
O1 SO4 E . 45.57 2.17 -30.66
O2 SO4 E . 45.25 0.35 -29.15
O3 SO4 E . 47.17 1.68 -28.99
O4 SO4 E . 45.05 2.57 -28.37
S SO4 F . 56.69 26.66 -44.07
O1 SO4 F . 56.29 28.03 -43.86
O2 SO4 F . 55.57 25.90 -44.62
O3 SO4 F . 57.80 26.62 -45.00
O4 SO4 F . 57.10 26.07 -42.80
S SO4 G . 49.45 8.35 -34.32
O1 SO4 G . 48.24 7.67 -33.85
O2 SO4 G . 50.55 7.39 -34.35
O3 SO4 G . 49.21 8.87 -35.67
O4 SO4 G . 49.81 9.45 -33.42
S SO4 H . 49.46 -2.96 -26.27
O1 SO4 H . 48.89 -1.77 -26.85
O2 SO4 H . 49.92 -3.82 -27.35
O3 SO4 H . 50.58 -2.57 -25.41
O4 SO4 H . 48.46 -3.65 -25.45
S SO4 I . 52.39 5.00 -28.03
O1 SO4 I . 52.77 5.26 -29.42
O2 SO4 I . 52.22 6.27 -27.34
O3 SO4 I . 53.46 4.25 -27.38
O4 SO4 I . 51.14 4.23 -27.98
S SO4 J . 33.99 26.51 -52.51
O1 SO4 J . 33.22 27.25 -53.64
O2 SO4 J . 34.33 27.48 -51.35
O3 SO4 J . 35.26 25.81 -53.08
O4 SO4 J . 33.10 25.45 -52.00
C1 MRD K . 39.55 8.60 -37.82
C2 MRD K . 38.88 9.48 -36.77
O2 MRD K . 38.41 10.66 -37.42
CM MRD K . 37.67 8.77 -36.16
C3 MRD K . 39.86 9.86 -35.68
C4 MRD K . 39.80 11.34 -35.32
O4 MRD K . 40.86 11.66 -34.41
C5 MRD K . 38.45 11.71 -34.70
C1 MRD L . 39.38 10.06 -31.21
C2 MRD L . 40.26 8.93 -30.65
O2 MRD L . 40.91 9.42 -29.48
CM MRD L . 39.40 7.74 -30.26
C3 MRD L . 41.31 8.54 -31.68
C4 MRD L . 42.09 7.28 -31.26
O4 MRD L . 42.73 7.48 -29.97
C5 MRD L . 43.16 6.93 -32.30
C1 MRD M . 30.25 20.85 -50.94
C2 MRD M . 29.12 21.29 -50.05
O2 MRD M . 29.66 21.67 -48.79
CM MRD M . 28.43 22.50 -50.64
C3 MRD M . 28.13 20.15 -49.83
C4 MRD M . 26.87 20.28 -50.70
O4 MRD M . 26.48 18.99 -51.20
C5 MRD M . 27.09 21.21 -51.89
S SO4 N . 6.10 -13.48 -1.94
O1 SO4 N . 4.75 -13.36 -2.45
O2 SO4 N . 6.89 -14.35 -2.81
O3 SO4 N . 6.71 -12.17 -1.88
O4 SO4 N . 6.06 -14.05 -0.61
S SO4 O . -1.37 -19.19 -0.86
O1 SO4 O . -2.29 -19.34 -1.99
O2 SO4 O . -1.01 -20.50 -0.34
O3 SO4 O . -0.16 -18.48 -1.30
O4 SO4 O . -2.01 -18.42 0.20
S SO4 P . 8.99 -10.75 3.43
O1 SO4 P . 8.02 -9.78 3.94
O2 SO4 P . 8.33 -11.61 2.47
O3 SO4 P . 10.11 -10.04 2.80
O4 SO4 P . 9.51 -11.58 4.51
S SO4 Q . 4.75 -18.38 3.62
O1 SO4 Q . 3.49 -17.65 3.77
O2 SO4 Q . 4.47 -19.72 3.11
O3 SO4 Q . 5.63 -17.66 2.68
O4 SO4 Q . 5.42 -18.51 4.91
S SO4 R . -15.73 -35.37 -1.58
O1 SO4 R . -15.54 -36.49 -2.50
O2 SO4 R . -15.64 -34.10 -2.32
O3 SO4 R . -14.70 -35.40 -0.54
O4 SO4 R . -17.05 -35.48 -0.97
C1 MRD S . -0.25 -17.23 -13.49
C2 MRD S . -0.87 -17.60 -12.16
O2 MRD S . -1.25 -16.41 -11.50
CM MRD S . -2.12 -18.44 -12.39
C3 MRD S . 0.15 -18.31 -11.29
C4 MRD S . 0.14 -19.82 -11.53
O4 MRD S . 0.73 -20.47 -10.39
C5 MRD S . 0.90 -20.18 -12.80
C1 MRD T . 4.23 -19.37 -10.62
C2 MRD T . 4.77 -18.77 -9.32
O2 MRD T . 5.66 -19.70 -8.69
CM MRD T . 5.55 -17.50 -9.63
C3 MRD T . 3.60 -18.47 -8.38
C4 MRD T . 4.01 -17.60 -7.19
O4 MRD T . 5.15 -18.19 -6.51
C5 MRD T . 2.85 -17.45 -6.22
C1 MRD U . 24.25 -8.29 -18.01
C2 MRD U . 24.97 -6.96 -18.05
O2 MRD U . 26.13 -7.09 -17.23
CM MRD U . 25.40 -6.62 -19.46
C3 MRD U . 24.06 -5.86 -17.48
C4 MRD U . 24.85 -4.84 -16.68
O4 MRD U . 23.99 -3.79 -16.24
C5 MRD U . 25.97 -4.22 -17.52
S SO4 V . -30.39 1.11 -40.45
O1 SO4 V . -31.79 0.95 -40.72
O2 SO4 V . -29.75 -0.19 -40.42
O3 SO4 V . -29.78 1.92 -41.49
O4 SO4 V . -30.22 1.78 -39.16
S SO4 W . -41.32 -24.40 -25.97
O1 SO4 W . -42.20 -23.24 -26.02
O2 SO4 W . -41.99 -25.53 -26.57
O3 SO4 W . -40.08 -24.15 -26.68
O4 SO4 W . -41.02 -24.71 -24.57
S SO4 X . -33.83 -6.74 -37.55
O1 SO4 X . -34.11 -6.40 -38.94
O2 SO4 X . -32.67 -5.97 -37.10
O3 SO4 X . -33.55 -8.17 -37.45
O4 SO4 X . -35.01 -6.43 -36.73
S SO4 Y . -34.16 5.38 -44.10
O1 SO4 Y . -33.98 4.67 -45.35
O2 SO4 Y . -33.30 6.57 -44.13
O3 SO4 Y . -33.77 4.54 -42.99
O4 SO4 Y . -35.55 5.77 -43.91
S SO4 Z . -37.92 -0.34 -38.23
O1 SO4 Z . -39.02 -0.87 -39.01
O2 SO4 Z . -36.66 -0.84 -38.77
O3 SO4 Z . -37.92 1.11 -38.29
O4 SO4 Z . -38.08 -0.78 -36.84
C1 MPD AA . -23.80 -7.18 -36.33
C2 MPD AA . -23.25 -7.75 -35.01
O2 MPD AA . -22.49 -8.94 -35.30
CM MPD AA . -22.33 -6.74 -34.34
C3 MPD AA . -24.40 -8.12 -34.11
C4 MPD AA . -24.65 -7.08 -33.04
O4 MPD AA . -26.01 -7.12 -32.64
C5 MPD AA . -23.75 -7.32 -31.83
C1 MRD BA . -24.85 -3.41 -32.58
C2 MRD BA . -25.63 -2.54 -33.57
O2 MRD BA . -26.61 -1.83 -32.83
CM MRD BA . -24.72 -1.55 -34.27
C3 MRD BA . -26.36 -3.44 -34.57
C4 MRD BA . -27.20 -2.63 -35.56
O4 MRD BA . -28.19 -1.87 -34.83
C5 MRD BA . -27.90 -3.55 -36.59
C1 MRD CA . -3.60 -4.96 -20.02
C2 MRD CA . -2.36 -4.17 -20.41
O2 MRD CA . -2.04 -3.27 -19.33
CM MRD CA . -1.21 -5.13 -20.63
C3 MRD CA . -2.62 -3.36 -21.67
C4 MRD CA . -3.61 -2.24 -21.41
O4 MRD CA . -4.46 -2.09 -22.55
C5 MRD CA . -2.90 -0.92 -21.12
C1 MPD DA . -30.57 28.27 -28.81
C2 MPD DA . -30.58 27.01 -27.93
O2 MPD DA . -29.33 26.97 -27.20
CM MPD DA . -31.74 27.05 -26.93
C3 MPD DA . -30.65 25.75 -28.82
C4 MPD DA . -32.10 25.22 -28.99
O4 MPD DA . -32.27 24.62 -30.27
C5 MPD DA . -32.46 24.20 -27.89
#